data_3V4N
#
_entry.id   3V4N
#
_cell.length_a   109.531
_cell.length_b   56.279
_cell.length_c   123.893
_cell.angle_alpha   90.00
_cell.angle_beta   100.02
_cell.angle_gamma   90.00
#
_symmetry.space_group_name_H-M   'P 1 21 1'
#
loop_
_entity.id
_entity.type
_entity.pdbx_description
1 polymer 'HMG-CoA synthase'
2 non-polymer 2-[BIS-(2-HYDROXY-ETHYL)-AMINO]-2-HYDROXYMETHYL-PROPANE-1,3-DIOL
3 water water
#
_entity_poly.entity_id   1
_entity_poly.type   'polypeptide(L)'
_entity_poly.pdbx_seq_one_letter_code
;GSTGSMTIGIDKISFFVPPYYIDMTALAEARNVDPGKFHIGIGQDQMAVNPISQDIVTFAANAAEAILTKEDKEAIDMVI
VGTESSIDESKAAAVVLHRLMGIQPFARSFEIKEA(SNC)YGATAGLQLAKNHVALHPDKKVLVVAADIAKYGLNSGGEP
TQGAGAVAMLVSSEPRILALKEDNVMLTQDIYDFWRPTGHPYPMVDGPLSNETYIQSFAQVWDEHKKRTGLDFADYDALA
FHIPYTKMGKKALLAKISDQTEAEQERILARYEESIIYSRRVGNLYTGSLYLGLISLLENATTLTAGNQIGLFSYGSGAV
AEFFTGELVAGYQNHLQKETHLALLDNRTELSIAEYEAMFAETLDTDIDQTLEDELKYSISAINNTVRSYRN
;
_entity_poly.pdbx_strand_id   A,B,C,D
#
loop_
_chem_comp.id
_chem_comp.type
_chem_comp.name
_chem_comp.formula
BTB non-polymer 2-[BIS-(2-HYDROXY-ETHYL)-AMINO]-2-HYDROXYMETHYL-PROPANE-1,3-DIOL 'C8 H19 N O5'
#
# COMPACT_ATOMS: atom_id res chain seq x y z
N SER A 2 -11.24 49.96 8.08
CA SER A 2 -10.14 50.78 7.52
C SER A 2 -8.88 50.68 8.38
N THR A 3 -8.93 49.86 9.43
CA THR A 3 -7.84 49.77 10.38
C THR A 3 -7.72 48.36 10.95
N GLY A 4 -6.63 48.11 11.68
CA GLY A 4 -6.46 46.88 12.43
C GLY A 4 -6.06 45.68 11.59
N SER A 5 -6.22 44.50 12.17
CA SER A 5 -5.84 43.25 11.51
C SER A 5 -6.64 43.02 10.24
N MET A 6 -6.04 42.29 9.30
CA MET A 6 -6.73 41.91 8.08
C MET A 6 -7.93 41.05 8.46
N THR A 7 -9.06 41.31 7.82
CA THR A 7 -10.28 40.57 8.09
C THR A 7 -10.25 39.22 7.40
N ILE A 8 -11.00 38.26 7.97
CA ILE A 8 -11.10 36.92 7.44
C ILE A 8 -12.56 36.50 7.54
N GLY A 9 -13.08 35.82 6.52
CA GLY A 9 -14.45 35.37 6.60
C GLY A 9 -15.05 34.90 5.29
N ILE A 10 -16.35 35.08 5.17
CA ILE A 10 -17.09 34.58 4.01
C ILE A 10 -17.02 35.59 2.88
N ASP A 11 -16.40 35.19 1.78
CA ASP A 11 -16.20 36.04 0.62
C ASP A 11 -17.39 35.91 -0.34
N LYS A 12 -17.86 34.70 -0.51
CA LYS A 12 -18.99 34.41 -1.38
C LYS A 12 -19.78 33.24 -0.81
N ILE A 13 -21.08 33.22 -1.03
CA ILE A 13 -21.93 32.18 -0.47
C ILE A 13 -23.17 31.96 -1.31
N SER A 14 -23.49 30.69 -1.56
CA SER A 14 -24.62 30.35 -2.40
CA SER A 14 -24.59 30.32 -2.45
C SER A 14 -25.21 29.01 -2.01
N PHE A 15 -26.48 28.80 -2.33
CA PHE A 15 -27.12 27.52 -2.05
C PHE A 15 -27.66 26.90 -3.33
N PHE A 16 -27.86 25.58 -3.28
CA PHE A 16 -28.51 24.87 -4.37
C PHE A 16 -29.51 23.89 -3.78
N VAL A 17 -30.67 23.79 -4.41
CA VAL A 17 -31.67 22.80 -4.04
C VAL A 17 -32.12 22.10 -5.30
N PRO A 18 -32.61 20.86 -5.17
CA PRO A 18 -33.08 20.12 -6.35
C PRO A 18 -34.22 20.86 -7.05
N PRO A 19 -34.39 20.59 -8.35
CA PRO A 19 -35.40 21.29 -9.17
C PRO A 19 -36.83 20.77 -8.98
N TYR A 20 -37.15 20.31 -7.77
CA TYR A 20 -38.47 19.76 -7.47
C TYR A 20 -38.92 20.18 -6.07
N TYR A 21 -40.23 20.30 -5.89
CA TYR A 21 -40.78 20.53 -4.56
C TYR A 21 -42.23 20.08 -4.49
N ILE A 22 -42.72 19.90 -3.26
CA ILE A 22 -44.14 19.69 -3.05
CA ILE A 22 -44.13 19.67 -3.01
C ILE A 22 -44.69 20.80 -2.15
N ASP A 23 -45.91 21.21 -2.45
CA ASP A 23 -46.57 22.23 -1.66
C ASP A 23 -47.08 21.59 -0.37
N MET A 24 -46.92 22.29 0.76
CA MET A 24 -47.25 21.72 2.05
C MET A 24 -48.76 21.65 2.30
N THR A 25 -49.54 22.45 1.58
CA THR A 25 -50.99 22.31 1.65
C THR A 25 -51.40 21.00 0.97
N ALA A 26 -50.78 20.73 -0.18
CA ALA A 26 -51.03 19.49 -0.90
C ALA A 26 -50.64 18.29 -0.05
N LEU A 27 -49.53 18.39 0.66
CA LEU A 27 -49.08 17.31 1.53
C LEU A 27 -50.05 17.11 2.68
N ALA A 28 -50.52 18.22 3.25
CA ALA A 28 -51.45 18.17 4.37
C ALA A 28 -52.77 17.52 3.95
N GLU A 29 -53.24 17.87 2.76
CA GLU A 29 -54.49 17.32 2.26
C GLU A 29 -54.39 15.82 1.99
N ALA A 30 -53.19 15.38 1.60
CA ALA A 30 -52.94 13.96 1.35
C ALA A 30 -52.83 13.19 2.65
N ARG A 31 -52.29 13.84 3.68
CA ARG A 31 -52.08 13.19 4.97
C ARG A 31 -53.27 13.44 5.91
N ASN A 32 -54.34 14.04 5.38
CA ASN A 32 -55.55 14.25 6.15
C ASN A 32 -55.30 15.02 7.44
N VAL A 33 -54.53 16.09 7.34
CA VAL A 33 -54.26 16.96 8.48
C VAL A 33 -54.51 18.42 8.08
N ASP A 34 -54.83 19.26 9.06
CA ASP A 34 -55.04 20.67 8.80
C ASP A 34 -53.76 21.30 8.27
N PRO A 35 -53.83 21.95 7.10
CA PRO A 35 -52.64 22.58 6.51
C PRO A 35 -51.97 23.57 7.46
N GLY A 36 -52.76 24.17 8.35
CA GLY A 36 -52.22 25.08 9.35
C GLY A 36 -51.16 24.41 10.20
N LYS A 37 -51.28 23.10 10.35
CA LYS A 37 -50.32 22.32 11.12
CA LYS A 37 -50.32 22.32 11.12
CA LYS A 37 -50.32 22.34 11.13
C LYS A 37 -48.91 22.49 10.56
N PHE A 38 -48.82 22.59 9.24
CA PHE A 38 -47.54 22.74 8.56
C PHE A 38 -47.14 24.20 8.37
N HIS A 39 -48.05 25.00 7.84
CA HIS A 39 -47.75 26.40 7.54
C HIS A 39 -47.49 27.22 8.79
N ILE A 40 -48.21 26.93 9.87
CA ILE A 40 -48.06 27.67 11.11
C ILE A 40 -47.34 26.84 12.17
N GLY A 41 -47.86 25.64 12.43
CA GLY A 41 -47.32 24.77 13.44
C GLY A 41 -45.81 24.68 13.42
N ILE A 42 -45.25 24.26 12.29
CA ILE A 42 -43.80 24.17 12.16
C ILE A 42 -43.24 25.28 11.26
N GLY A 43 -44.11 25.89 10.46
CA GLY A 43 -43.73 27.04 9.67
C GLY A 43 -43.04 26.70 8.36
N GLN A 44 -43.67 25.83 7.57
CA GLN A 44 -43.09 25.39 6.30
C GLN A 44 -44.13 25.47 5.19
N ASP A 45 -43.69 25.90 4.00
CA ASP A 45 -44.62 26.15 2.89
C ASP A 45 -44.36 25.24 1.68
N GLN A 46 -43.09 25.11 1.31
CA GLN A 46 -42.70 24.27 0.19
C GLN A 46 -41.52 23.41 0.61
N MET A 47 -41.52 22.16 0.15
CA MET A 47 -40.50 21.21 0.58
C MET A 47 -39.68 20.69 -0.58
N ALA A 48 -38.36 20.79 -0.46
CA ALA A 48 -37.45 20.30 -1.48
C ALA A 48 -37.43 18.77 -1.50
N VAL A 49 -37.40 18.20 -2.71
CA VAL A 49 -37.34 16.76 -2.90
CA VAL A 49 -37.30 16.76 -2.87
C VAL A 49 -36.39 16.44 -4.04
N ASN A 50 -35.68 15.32 -3.95
CA ASN A 50 -34.74 14.95 -4.98
C ASN A 50 -34.86 13.49 -5.41
N PRO A 51 -34.57 13.21 -6.69
CA PRO A 51 -34.58 11.85 -7.23
C PRO A 51 -33.26 11.14 -6.94
N ILE A 52 -33.22 9.83 -7.13
CA ILE A 52 -32.04 9.04 -6.79
C ILE A 52 -30.82 9.41 -7.62
N SER A 53 -31.04 10.13 -8.73
CA SER A 53 -29.95 10.57 -9.58
C SER A 53 -29.25 11.81 -9.03
N GLN A 54 -29.69 12.30 -7.88
CA GLN A 54 -29.07 13.47 -7.26
C GLN A 54 -28.66 13.19 -5.82
N ASP A 55 -27.37 13.31 -5.53
CA ASP A 55 -26.86 13.10 -4.17
C ASP A 55 -26.15 14.34 -3.64
N ILE A 56 -25.50 14.22 -2.48
CA ILE A 56 -24.88 15.38 -1.86
C ILE A 56 -23.76 15.96 -2.72
N VAL A 57 -23.11 15.13 -3.53
CA VAL A 57 -22.09 15.63 -4.44
C VAL A 57 -22.74 16.49 -5.52
N THR A 58 -23.86 16.02 -6.05
CA THR A 58 -24.60 16.80 -7.04
C THR A 58 -24.92 18.19 -6.50
N PHE A 59 -25.42 18.25 -5.27
CA PHE A 59 -25.82 19.53 -4.68
C PHE A 59 -24.61 20.38 -4.33
N ALA A 60 -23.57 19.76 -3.78
CA ALA A 60 -22.37 20.49 -3.40
C ALA A 60 -21.69 21.09 -4.63
N ALA A 61 -21.61 20.31 -5.70
CA ALA A 61 -20.96 20.74 -6.93
C ALA A 61 -21.70 21.91 -7.56
N ASN A 62 -23.03 21.83 -7.60
CA ASN A 62 -23.82 22.91 -8.16
C ASN A 62 -23.71 24.19 -7.34
N ALA A 63 -23.74 24.04 -6.02
CA ALA A 63 -23.63 25.18 -5.12
C ALA A 63 -22.27 25.86 -5.26
N ALA A 64 -21.21 25.06 -5.30
CA ALA A 64 -19.86 25.59 -5.39
C ALA A 64 -19.59 26.22 -6.75
N GLU A 65 -20.14 25.62 -7.80
CA GLU A 65 -19.93 26.14 -9.14
C GLU A 65 -20.45 27.56 -9.27
N ALA A 66 -21.44 27.90 -8.43
CA ALA A 66 -22.06 29.21 -8.49
C ALA A 66 -21.18 30.34 -7.96
N ILE A 67 -20.12 29.99 -7.23
CA ILE A 67 -19.28 31.02 -6.62
C ILE A 67 -17.79 30.96 -6.98
N LEU A 68 -17.35 29.90 -7.64
CA LEU A 68 -15.93 29.73 -7.93
C LEU A 68 -15.48 30.31 -9.26
N THR A 69 -14.39 31.07 -9.23
CA THR A 69 -13.73 31.55 -10.42
C THR A 69 -12.47 30.72 -10.65
N LYS A 70 -11.81 30.94 -11.79
CA LYS A 70 -10.54 30.27 -12.07
C LYS A 70 -9.50 30.63 -11.02
N GLU A 71 -9.49 31.90 -10.62
CA GLU A 71 -8.57 32.37 -9.60
C GLU A 71 -8.78 31.66 -8.27
N ASP A 72 -10.04 31.52 -7.87
CA ASP A 72 -10.37 30.83 -6.62
C ASP A 72 -9.81 29.42 -6.63
N LYS A 73 -10.00 28.73 -7.75
CA LYS A 73 -9.61 27.34 -7.88
C LYS A 73 -8.11 27.14 -7.70
N GLU A 74 -7.33 28.17 -8.01
CA GLU A 74 -5.88 28.11 -7.84
C GLU A 74 -5.45 28.47 -6.42
N ALA A 75 -6.28 29.27 -5.75
CA ALA A 75 -5.96 29.76 -4.41
C ALA A 75 -6.46 28.84 -3.31
N ILE A 76 -7.44 27.99 -3.62
CA ILE A 76 -7.98 27.06 -2.64
C ILE A 76 -7.03 25.89 -2.40
N ASP A 77 -6.61 25.70 -1.16
CA ASP A 77 -5.75 24.56 -0.84
C ASP A 77 -6.37 23.68 0.24
N MET A 78 -7.66 23.87 0.50
CA MET A 78 -8.39 22.98 1.39
C MET A 78 -9.87 22.96 1.02
N VAL A 79 -10.42 21.74 0.92
CA VAL A 79 -11.81 21.54 0.57
C VAL A 79 -12.49 20.71 1.65
N ILE A 80 -13.58 21.23 2.20
CA ILE A 80 -14.24 20.60 3.33
C ILE A 80 -15.72 20.44 3.06
N VAL A 81 -16.24 19.23 3.24
CA VAL A 81 -17.67 18.98 3.15
C VAL A 81 -18.19 18.57 4.52
N GLY A 82 -19.19 19.30 5.00
CA GLY A 82 -19.90 18.94 6.22
C GLY A 82 -21.21 18.27 5.86
N THR A 83 -21.45 17.09 6.41
CA THR A 83 -22.64 16.33 6.07
C THR A 83 -22.95 15.27 7.12
N GLU A 84 -24.21 14.85 7.16
CA GLU A 84 -24.61 13.65 7.90
C GLU A 84 -25.39 12.73 6.95
N SER A 85 -25.18 12.93 5.66
CA SER A 85 -25.84 12.14 4.62
C SER A 85 -24.80 11.50 3.71
N SER A 86 -23.71 11.02 4.30
CA SER A 86 -22.58 10.50 3.52
C SER A 86 -22.97 9.29 2.68
N ILE A 87 -22.20 9.06 1.62
CA ILE A 87 -22.44 7.94 0.72
C ILE A 87 -21.28 6.95 0.76
N ASP A 88 -20.28 7.25 1.57
CA ASP A 88 -19.15 6.35 1.78
C ASP A 88 -18.71 6.46 3.24
N GLU A 89 -18.21 5.37 3.79
CA GLU A 89 -17.77 5.34 5.19
C GLU A 89 -16.29 5.71 5.32
N SER A 90 -15.60 5.75 4.19
CA SER A 90 -14.16 6.01 4.16
C SER A 90 -13.82 7.25 3.34
N LYS A 91 -14.23 7.22 2.08
CA LYS A 91 -13.85 8.28 1.14
C LYS A 91 -14.67 9.55 1.34
N ALA A 92 -13.98 10.65 1.63
CA ALA A 92 -14.62 11.93 1.86
C ALA A 92 -15.30 12.44 0.59
N ALA A 93 -16.52 12.95 0.74
CA ALA A 93 -17.24 13.53 -0.40
C ALA A 93 -16.46 14.70 -0.97
N ALA A 94 -15.62 15.31 -0.14
CA ALA A 94 -14.83 16.47 -0.55
C ALA A 94 -13.82 16.13 -1.65
N VAL A 95 -13.40 14.87 -1.73
CA VAL A 95 -12.43 14.45 -2.74
C VAL A 95 -13.03 14.55 -4.14
N VAL A 96 -14.24 14.03 -4.31
CA VAL A 96 -14.90 14.08 -5.61
C VAL A 96 -15.21 15.54 -5.96
N LEU A 97 -15.62 16.30 -4.96
CA LEU A 97 -15.93 17.72 -5.17
C LEU A 97 -14.69 18.46 -5.64
N HIS A 98 -13.55 18.12 -5.06
CA HIS A 98 -12.28 18.73 -5.45
C HIS A 98 -12.02 18.52 -6.94
N ARG A 99 -12.34 17.33 -7.44
CA ARG A 99 -12.13 17.02 -8.86
C ARG A 99 -13.11 17.78 -9.74
N LEU A 100 -14.38 17.75 -9.36
CA LEU A 100 -15.43 18.33 -10.21
C LEU A 100 -15.27 19.84 -10.32
N MET A 101 -14.77 20.47 -9.26
CA MET A 101 -14.59 21.92 -9.24
C MET A 101 -13.26 22.35 -9.86
N GLY A 102 -12.43 21.38 -10.25
CA GLY A 102 -11.18 21.68 -10.92
C GLY A 102 -10.22 22.47 -10.07
N ILE A 103 -10.25 22.21 -8.77
CA ILE A 103 -9.35 22.87 -7.83
C ILE A 103 -7.93 22.31 -7.96
N GLN A 104 -6.94 23.16 -7.73
CA GLN A 104 -5.55 22.78 -7.91
C GLN A 104 -5.19 21.62 -6.99
N PRO A 105 -4.25 20.76 -7.42
CA PRO A 105 -4.02 19.46 -6.78
C PRO A 105 -3.42 19.51 -5.38
N PHE A 106 -2.58 20.49 -5.10
CA PHE A 106 -1.90 20.54 -3.80
C PHE A 106 -2.81 21.11 -2.72
N ALA A 107 -3.81 20.32 -2.35
CA ALA A 107 -4.82 20.72 -1.39
C ALA A 107 -5.17 19.52 -0.53
N ARG A 108 -5.66 19.76 0.69
CA ARG A 108 -6.20 18.67 1.51
C ARG A 108 -7.72 18.71 1.45
N SER A 109 -8.33 17.53 1.39
CA SER A 109 -9.77 17.41 1.25
C SER A 109 -10.29 16.40 2.25
N PHE A 110 -11.36 16.76 2.97
CA PHE A 110 -11.94 15.85 3.93
C PHE A 110 -13.37 16.20 4.29
N GLU A 111 -14.01 15.27 4.99
CA GLU A 111 -15.42 15.39 5.35
C GLU A 111 -15.52 15.53 6.87
N ILE A 112 -16.42 16.39 7.33
CA ILE A 112 -16.67 16.53 8.76
C ILE A 112 -18.07 16.04 9.11
N LYS A 113 -18.16 15.28 10.21
CA LYS A 113 -19.43 14.76 10.68
C LYS A 113 -19.71 15.16 12.13
N GLU A 114 -20.80 15.88 12.33
CA GLU A 114 -21.39 16.07 13.64
C GLU A 114 -22.78 16.66 13.41
N ALA A 115 -23.70 15.79 12.99
CA ALA A 115 -25.09 16.18 12.78
C ALA A 115 -25.12 17.40 11.87
N SNC A 116 -25.93 18.40 12.18
CA SNC A 116 -26.18 19.70 11.58
CB SNC A 116 -27.52 20.24 11.94
SG SNC A 116 -28.86 19.17 11.64
ND SNC A 116 -28.88 18.11 12.88
OE SNC A 116 -29.94 17.69 13.31
C SNC A 116 -25.09 20.70 11.87
O SNC A 116 -25.20 21.87 11.42
N TYR A 117 -24.02 20.29 12.55
CA TYR A 117 -22.98 21.22 12.97
C TYR A 117 -21.72 21.10 12.10
N GLY A 118 -21.67 20.08 11.25
CA GLY A 118 -20.46 19.76 10.50
C GLY A 118 -19.88 20.90 9.68
N ALA A 119 -20.73 21.66 9.00
CA ALA A 119 -20.23 22.72 8.13
C ALA A 119 -19.65 23.88 8.94
N THR A 120 -20.24 24.18 10.09
CA THR A 120 -19.73 25.28 10.90
CA THR A 120 -19.76 25.23 10.98
C THR A 120 -18.36 24.91 11.46
N ALA A 121 -18.15 23.65 11.81
CA ALA A 121 -16.83 23.21 12.22
C ALA A 121 -15.87 23.53 11.09
N GLY A 122 -16.25 23.20 9.87
CA GLY A 122 -15.43 23.48 8.71
C GLY A 122 -15.13 24.97 8.54
N LEU A 123 -16.16 25.79 8.73
CA LEU A 123 -16.01 27.23 8.57
C LEU A 123 -14.97 27.81 9.53
N GLN A 124 -15.02 27.38 10.79
CA GLN A 124 -14.12 27.91 11.80
C GLN A 124 -12.68 27.49 11.53
N LEU A 125 -12.52 26.23 11.10
CA LEU A 125 -11.20 25.72 10.77
C LEU A 125 -10.66 26.43 9.53
N ALA A 126 -11.56 26.70 8.59
CA ALA A 126 -11.20 27.42 7.38
C ALA A 126 -10.71 28.81 7.75
N LYS A 127 -11.43 29.47 8.66
CA LYS A 127 -11.07 30.80 9.10
C LYS A 127 -9.65 30.84 9.70
N ASN A 128 -9.34 29.86 10.55
CA ASN A 128 -8.02 29.79 11.17
C ASN A 128 -6.93 29.57 10.13
N HIS A 129 -7.20 28.70 9.17
CA HIS A 129 -6.26 28.40 8.11
C HIS A 129 -5.91 29.66 7.32
N VAL A 130 -6.93 30.40 6.93
CA VAL A 130 -6.73 31.57 6.09
C VAL A 130 -6.12 32.72 6.90
N ALA A 131 -6.44 32.80 8.19
CA ALA A 131 -5.82 33.79 9.06
C ALA A 131 -4.30 33.63 9.06
N LEU A 132 -3.86 32.38 9.05
CA LEU A 132 -2.43 32.07 9.07
C LEU A 132 -1.83 32.06 7.67
N HIS A 133 -2.67 31.90 6.66
CA HIS A 133 -2.24 31.89 5.26
C HIS A 133 -3.19 32.74 4.43
N PRO A 134 -3.12 34.07 4.59
CA PRO A 134 -4.13 34.96 3.98
C PRO A 134 -4.12 34.99 2.45
N ASP A 135 -3.13 34.41 1.81
CA ASP A 135 -3.11 34.32 0.35
C ASP A 135 -3.88 33.10 -0.16
N LYS A 136 -4.30 32.25 0.78
CA LYS A 136 -5.03 31.04 0.43
C LYS A 136 -6.52 31.20 0.70
N LYS A 137 -7.31 30.30 0.12
CA LYS A 137 -8.75 30.28 0.36
C LYS A 137 -9.17 28.86 0.70
N VAL A 138 -10.37 28.73 1.25
CA VAL A 138 -10.90 27.42 1.57
C VAL A 138 -12.33 27.33 1.09
N LEU A 139 -12.67 26.19 0.49
CA LEU A 139 -14.05 25.91 0.09
C LEU A 139 -14.69 25.03 1.15
N VAL A 140 -15.77 25.54 1.75
CA VAL A 140 -16.54 24.80 2.75
C VAL A 140 -17.96 24.63 2.25
N VAL A 141 -18.42 23.39 2.15
CA VAL A 141 -19.77 23.14 1.65
C VAL A 141 -20.58 22.28 2.61
N ALA A 142 -21.76 22.77 2.96
CA ALA A 142 -22.75 21.99 3.68
C ALA A 142 -23.59 21.27 2.64
N ALA A 143 -23.79 19.97 2.81
CA ALA A 143 -24.62 19.20 1.90
C ALA A 143 -25.33 18.09 2.64
N ASP A 144 -26.63 17.97 2.41
CA ASP A 144 -27.42 16.98 3.12
C ASP A 144 -28.74 16.68 2.42
N ILE A 145 -29.28 15.50 2.71
CA ILE A 145 -30.61 15.11 2.31
C ILE A 145 -31.36 14.67 3.56
N ALA A 146 -32.40 15.40 3.92
CA ALA A 146 -33.19 15.09 5.10
C ALA A 146 -34.49 14.37 4.74
N LYS A 147 -34.51 13.06 4.93
CA LYS A 147 -35.68 12.24 4.66
C LYS A 147 -36.10 11.50 5.91
N TYR A 148 -37.41 11.36 6.11
CA TYR A 148 -37.94 10.66 7.28
C TYR A 148 -38.91 9.53 6.91
N GLY A 149 -39.54 9.62 5.75
CA GLY A 149 -40.43 8.59 5.28
C GLY A 149 -41.84 9.09 5.02
N LEU A 150 -42.52 8.48 4.06
CA LEU A 150 -43.89 8.84 3.74
C LEU A 150 -44.79 8.51 4.92
N ASN A 151 -45.73 9.41 5.21
CA ASN A 151 -46.66 9.23 6.34
C ASN A 151 -45.95 9.18 7.68
N SER A 152 -44.70 9.62 7.73
CA SER A 152 -43.93 9.61 8.97
C SER A 152 -44.15 10.92 9.72
N GLY A 153 -43.74 10.94 10.99
CA GLY A 153 -43.89 12.13 11.82
C GLY A 153 -43.00 13.28 11.37
N GLY A 154 -41.82 12.94 10.85
CA GLY A 154 -40.86 13.95 10.45
C GLY A 154 -41.01 14.43 9.02
N GLU A 155 -41.91 13.81 8.27
CA GLU A 155 -42.04 14.07 6.84
C GLU A 155 -42.12 15.56 6.48
N PRO A 156 -42.94 16.33 7.20
CA PRO A 156 -43.12 17.74 6.82
C PRO A 156 -41.90 18.64 7.03
N THR A 157 -40.85 18.12 7.67
CA THR A 157 -39.65 18.92 7.89
C THR A 157 -38.53 18.54 6.92
N GLN A 158 -38.80 17.60 6.02
CA GLN A 158 -37.81 17.11 5.08
C GLN A 158 -37.25 18.23 4.19
N GLY A 159 -36.14 17.93 3.53
CA GLY A 159 -35.50 18.89 2.63
C GLY A 159 -34.27 18.28 2.00
N ALA A 160 -33.61 19.05 1.14
CA ALA A 160 -32.40 18.58 0.47
C ALA A 160 -31.69 19.72 -0.22
N GLY A 161 -30.36 19.68 -0.23
CA GLY A 161 -29.59 20.70 -0.90
C GLY A 161 -28.21 20.92 -0.29
N ALA A 162 -27.60 22.04 -0.63
CA ALA A 162 -26.26 22.35 -0.20
C ALA A 162 -26.06 23.86 -0.11
N VAL A 163 -25.12 24.27 0.73
CA VAL A 163 -24.72 25.67 0.82
C VAL A 163 -23.20 25.72 0.74
N ALA A 164 -22.69 26.47 -0.23
CA ALA A 164 -21.26 26.57 -0.43
C ALA A 164 -20.74 27.92 0.02
N MET A 165 -19.61 27.91 0.72
CA MET A 165 -18.98 29.13 1.20
C MET A 165 -17.52 29.18 0.77
N LEU A 166 -17.08 30.34 0.29
CA LEU A 166 -15.68 30.55 0.00
C LEU A 166 -15.11 31.43 1.12
N VAL A 167 -14.11 30.89 1.82
CA VAL A 167 -13.49 31.61 2.92
C VAL A 167 -12.17 32.21 2.46
N SER A 168 -11.98 33.50 2.74
CA SER A 168 -10.80 34.22 2.27
C SER A 168 -10.45 35.38 3.20
N SER A 169 -9.28 35.95 2.98
CA SER A 169 -8.93 37.21 3.64
C SER A 169 -9.63 38.34 2.90
N GLU A 170 -9.83 39.46 3.58
CA GLU A 170 -10.55 40.60 3.00
C GLU A 170 -11.83 40.12 2.31
N PRO A 171 -12.65 39.35 3.05
CA PRO A 171 -13.90 38.81 2.50
C PRO A 171 -14.85 39.92 2.10
N ARG A 172 -15.60 39.70 1.03
CA ARG A 172 -16.47 40.74 0.50
C ARG A 172 -17.86 40.74 1.14
N ILE A 173 -18.19 39.74 1.96
CA ILE A 173 -19.51 39.68 2.57
C ILE A 173 -19.48 39.79 4.10
N LEU A 174 -18.87 38.81 4.76
CA LEU A 174 -18.95 38.73 6.22
C LEU A 174 -17.58 38.51 6.86
N ALA A 175 -17.13 39.48 7.65
CA ALA A 175 -15.90 39.35 8.40
C ALA A 175 -16.19 38.66 9.74
N LEU A 176 -15.49 37.57 10.01
CA LEU A 176 -15.74 36.78 11.22
C LEU A 176 -14.93 37.27 12.41
N LYS A 177 -15.59 37.34 13.57
CA LYS A 177 -14.96 37.78 14.80
C LYS A 177 -14.35 36.60 15.56
N GLU A 178 -13.57 36.91 16.59
CA GLU A 178 -12.96 35.89 17.43
C GLU A 178 -13.68 35.80 18.77
N ASP A 179 -15.00 35.66 18.73
CA ASP A 179 -15.80 35.62 19.95
C ASP A 179 -16.55 34.31 20.09
N ASN A 180 -16.03 33.26 19.45
CA ASN A 180 -16.68 31.96 19.44
C ASN A 180 -16.92 31.38 20.83
N VAL A 181 -18.14 30.91 21.06
CA VAL A 181 -18.45 30.13 22.25
C VAL A 181 -19.02 28.78 21.81
N MET A 182 -18.33 27.72 22.21
CA MET A 182 -18.66 26.37 21.77
C MET A 182 -19.21 25.57 22.96
N LEU A 183 -19.96 24.52 22.67
CA LEU A 183 -20.55 23.68 23.73
C LEU A 183 -20.73 22.24 23.27
N THR A 184 -20.29 21.29 24.09
CA THR A 184 -20.56 19.88 23.81
C THR A 184 -21.28 19.23 25.00
N GLN A 185 -22.37 18.53 24.70
CA GLN A 185 -23.07 17.72 25.68
C GLN A 185 -23.43 16.39 25.02
N ASP A 186 -23.24 15.29 25.75
CA ASP A 186 -23.59 13.97 25.23
C ASP A 186 -25.05 13.69 25.52
N ILE A 187 -25.89 13.94 24.51
CA ILE A 187 -27.33 13.79 24.65
C ILE A 187 -27.88 13.10 23.41
N TYR A 188 -28.71 12.09 23.61
CA TYR A 188 -29.28 11.35 22.48
C TYR A 188 -30.66 11.88 22.12
N ASP A 189 -30.67 13.08 21.53
CA ASP A 189 -31.90 13.70 21.07
C ASP A 189 -32.20 13.25 19.63
N PHE A 190 -31.14 13.11 18.85
CA PHE A 190 -31.26 12.75 17.43
C PHE A 190 -29.95 12.10 17.00
N TRP A 191 -30.05 10.93 16.38
CA TRP A 191 -28.86 10.22 15.92
C TRP A 191 -29.26 9.19 14.87
N ARG A 192 -28.27 8.60 14.20
CA ARG A 192 -28.56 7.63 13.14
C ARG A 192 -27.51 6.53 13.09
N PRO A 193 -27.76 5.45 13.84
CA PRO A 193 -26.82 4.33 13.88
C PRO A 193 -26.54 3.77 12.49
N THR A 194 -25.34 3.24 12.30
CA THR A 194 -24.96 2.61 11.05
C THR A 194 -26.06 1.61 10.65
N GLY A 195 -26.51 1.70 9.41
CA GLY A 195 -27.52 0.78 8.89
C GLY A 195 -28.93 1.32 8.95
N HIS A 196 -29.12 2.47 9.59
CA HIS A 196 -30.43 3.11 9.65
C HIS A 196 -30.57 4.18 8.58
N PRO A 197 -31.49 4.00 7.62
CA PRO A 197 -31.65 5.03 6.61
C PRO A 197 -32.30 6.31 7.16
N TYR A 198 -33.09 6.18 8.22
CA TYR A 198 -33.70 7.34 8.87
C TYR A 198 -33.14 7.51 10.28
N PRO A 199 -33.13 8.75 10.78
CA PRO A 199 -32.62 9.01 12.13
C PRO A 199 -33.51 8.45 13.26
N MET A 200 -32.88 8.13 14.38
CA MET A 200 -33.58 7.86 15.62
C MET A 200 -33.82 9.22 16.26
N VAL A 201 -35.03 9.47 16.74
CA VAL A 201 -35.35 10.76 17.30
C VAL A 201 -36.14 10.68 18.61
N ASP A 202 -35.70 11.47 19.58
CA ASP A 202 -36.48 11.71 20.79
C ASP A 202 -37.00 13.14 20.68
N GLY A 203 -38.22 13.27 20.17
CA GLY A 203 -38.77 14.56 19.79
C GLY A 203 -38.69 15.63 20.86
N PRO A 204 -39.30 15.36 22.03
CA PRO A 204 -39.31 16.36 23.10
C PRO A 204 -37.91 16.71 23.59
N LEU A 205 -37.02 15.72 23.65
CA LEU A 205 -35.65 15.95 24.08
C LEU A 205 -34.91 16.82 23.05
N SER A 206 -35.24 16.64 21.78
CA SER A 206 -34.61 17.42 20.71
C SER A 206 -34.92 18.91 20.87
N ASN A 207 -36.20 19.24 21.01
CA ASN A 207 -36.60 20.64 21.15
C ASN A 207 -36.00 21.25 22.41
N GLU A 208 -36.10 20.52 23.51
CA GLU A 208 -35.56 20.96 24.79
C GLU A 208 -34.07 21.25 24.71
N THR A 209 -33.31 20.33 24.12
CA THR A 209 -31.85 20.43 24.07
C THR A 209 -31.41 21.59 23.18
N TYR A 210 -32.07 21.73 22.04
CA TYR A 210 -31.81 22.84 21.12
C TYR A 210 -32.07 24.17 21.80
N ILE A 211 -33.24 24.33 22.39
CA ILE A 211 -33.61 25.59 23.04
C ILE A 211 -32.62 25.96 24.16
N GLN A 212 -32.28 24.99 25.00
CA GLN A 212 -31.38 25.27 26.11
C GLN A 212 -29.93 25.41 25.68
N SER A 213 -29.56 24.79 24.57
CA SER A 213 -28.20 24.93 24.06
C SER A 213 -27.95 26.37 23.63
N PHE A 214 -28.94 26.98 22.98
CA PHE A 214 -28.80 28.38 22.60
C PHE A 214 -28.65 29.24 23.85
N ALA A 215 -29.52 29.00 24.83
CA ALA A 215 -29.47 29.75 26.08
C ALA A 215 -28.09 29.65 26.72
N GLN A 216 -27.52 28.44 26.70
CA GLN A 216 -26.23 28.21 27.35
C GLN A 216 -25.08 28.95 26.67
N VAL A 217 -24.99 28.87 25.34
CA VAL A 217 -23.91 29.53 24.64
C VAL A 217 -24.15 31.05 24.59
N TRP A 218 -25.40 31.47 24.52
CA TRP A 218 -25.70 32.90 24.56
C TRP A 218 -25.26 33.49 25.90
N ASP A 219 -25.67 32.86 26.99
CA ASP A 219 -25.35 33.35 28.32
C ASP A 219 -23.84 33.42 28.54
N GLU A 220 -23.13 32.39 28.11
CA GLU A 220 -21.68 32.36 28.26
C GLU A 220 -21.03 33.42 27.39
N HIS A 221 -21.58 33.62 26.19
CA HIS A 221 -21.07 34.64 25.29
C HIS A 221 -21.24 36.03 25.90
N LYS A 222 -22.40 36.29 26.49
CA LYS A 222 -22.67 37.57 27.12
C LYS A 222 -21.73 37.79 28.31
N LYS A 223 -21.42 36.71 29.01
CA LYS A 223 -20.53 36.78 30.16
C LYS A 223 -19.11 37.14 29.72
N ARG A 224 -18.66 36.54 28.63
CA ARG A 224 -17.31 36.75 28.14
C ARG A 224 -17.11 38.10 27.45
N THR A 225 -18.13 38.55 26.72
CA THR A 225 -17.99 39.74 25.87
C THR A 225 -18.75 40.95 26.39
N GLY A 226 -19.79 40.72 27.18
CA GLY A 226 -20.63 41.80 27.64
C GLY A 226 -21.62 42.24 26.57
N LEU A 227 -21.62 41.54 25.45
CA LEU A 227 -22.54 41.84 24.36
C LEU A 227 -23.92 41.28 24.64
N ASP A 228 -24.96 42.06 24.34
CA ASP A 228 -26.33 41.64 24.56
C ASP A 228 -27.12 41.84 23.27
N PHE A 229 -28.41 41.54 23.30
CA PHE A 229 -29.24 41.61 22.10
C PHE A 229 -29.21 43.00 21.46
N ALA A 230 -29.08 44.04 22.28
CA ALA A 230 -29.06 45.41 21.79
C ALA A 230 -27.86 45.65 20.88
N ASP A 231 -26.82 44.84 21.04
CA ASP A 231 -25.60 44.99 20.26
C ASP A 231 -25.65 44.23 18.94
N TYR A 232 -26.75 43.52 18.71
CA TYR A 232 -26.89 42.74 17.49
C TYR A 232 -27.95 43.27 16.55
N ASP A 233 -27.58 43.44 15.29
CA ASP A 233 -28.50 43.94 14.28
C ASP A 233 -29.37 42.82 13.74
N ALA A 234 -28.87 41.59 13.82
CA ALA A 234 -29.64 40.41 13.43
C ALA A 234 -29.04 39.16 14.04
N LEU A 235 -29.88 38.13 14.17
CA LEU A 235 -29.43 36.81 14.60
C LEU A 235 -29.93 35.77 13.62
N ALA A 236 -29.02 34.90 13.17
CA ALA A 236 -29.38 33.80 12.29
C ALA A 236 -29.22 32.48 13.05
N PHE A 237 -30.14 31.55 12.83
CA PHE A 237 -30.18 30.30 13.59
C PHE A 237 -30.17 29.06 12.72
N HIS A 238 -29.52 27.99 13.20
CA HIS A 238 -29.84 26.68 12.68
C HIS A 238 -31.27 26.38 13.11
N ILE A 239 -32.03 25.72 12.25
CA ILE A 239 -33.40 25.36 12.58
C ILE A 239 -33.79 24.02 11.95
N PRO A 240 -34.44 23.14 12.73
CA PRO A 240 -35.05 21.94 12.17
C PRO A 240 -36.29 22.30 11.36
N TYR A 241 -36.98 23.33 11.83
CA TYR A 241 -38.06 23.98 11.09
C TYR A 241 -38.22 25.38 11.65
N THR A 242 -38.77 26.30 10.86
CA THR A 242 -38.69 27.72 11.19
C THR A 242 -39.28 28.07 12.54
N LYS A 243 -40.28 27.33 12.99
CA LYS A 243 -40.93 27.63 14.27
C LYS A 243 -40.08 27.26 15.48
N MET A 244 -39.22 26.27 15.35
CA MET A 244 -38.39 25.85 16.48
CA MET A 244 -38.37 25.85 16.45
C MET A 244 -37.33 26.93 16.75
N GLY A 245 -36.82 27.55 15.68
CA GLY A 245 -35.88 28.64 15.84
C GLY A 245 -36.52 29.80 16.57
N LYS A 246 -37.77 30.09 16.22
CA LYS A 246 -38.51 31.17 16.84
C LYS A 246 -38.71 30.89 18.33
N LYS A 247 -39.01 29.65 18.67
CA LYS A 247 -39.21 29.25 20.06
C LYS A 247 -37.96 29.51 20.89
N ALA A 248 -36.82 29.07 20.38
CA ALA A 248 -35.55 29.24 21.09
C ALA A 248 -35.25 30.71 21.28
N LEU A 249 -35.46 31.49 20.22
CA LEU A 249 -35.21 32.92 20.25
C LEU A 249 -36.14 33.63 21.23
N LEU A 250 -37.44 33.34 21.13
CA LEU A 250 -38.43 33.97 21.99
C LEU A 250 -38.16 33.72 23.47
N ALA A 251 -37.70 32.52 23.80
CA ALA A 251 -37.46 32.14 25.18
C ALA A 251 -36.33 32.94 25.81
N LYS A 252 -35.37 33.35 25.01
CA LYS A 252 -34.17 34.02 25.51
C LYS A 252 -34.30 35.54 25.53
N ILE A 253 -35.15 36.08 24.65
CA ILE A 253 -35.28 37.53 24.52
C ILE A 253 -36.48 38.10 25.28
N SER A 254 -37.11 37.27 26.11
CA SER A 254 -38.36 37.65 26.76
C SER A 254 -38.22 38.80 27.75
N ASP A 255 -36.98 39.08 28.18
CA ASP A 255 -36.74 40.13 29.17
C ASP A 255 -36.16 41.40 28.54
N GLN A 256 -36.15 41.45 27.21
CA GLN A 256 -35.66 42.62 26.50
C GLN A 256 -36.77 43.62 26.26
N THR A 257 -36.40 44.87 26.00
CA THR A 257 -37.37 45.91 25.69
C THR A 257 -38.14 45.50 24.44
N GLU A 258 -39.40 45.90 24.36
CA GLU A 258 -40.24 45.54 23.22
C GLU A 258 -39.61 45.98 21.90
N ALA A 259 -38.83 47.06 21.96
CA ALA A 259 -38.13 47.56 20.78
C ALA A 259 -37.12 46.54 20.27
N GLU A 260 -36.40 45.93 21.20
CA GLU A 260 -35.38 44.93 20.84
C GLU A 260 -36.02 43.64 20.32
N GLN A 261 -37.14 43.26 20.93
CA GLN A 261 -37.84 42.04 20.52
C GLN A 261 -38.40 42.19 19.11
N GLU A 262 -39.06 43.32 18.86
CA GLU A 262 -39.64 43.59 17.55
C GLU A 262 -38.57 43.58 16.47
N ARG A 263 -37.44 44.20 16.79
CA ARG A 263 -36.33 44.32 15.86
C ARG A 263 -35.72 42.95 15.54
N ILE A 264 -35.35 42.22 16.58
CA ILE A 264 -34.73 40.91 16.42
C ILE A 264 -35.67 39.91 15.77
N LEU A 265 -36.95 39.97 16.15
CA LEU A 265 -37.94 39.06 15.60
C LEU A 265 -38.21 39.32 14.12
N ALA A 266 -38.23 40.60 13.74
CA ALA A 266 -38.43 40.97 12.34
C ALA A 266 -37.29 40.46 11.48
N ARG A 267 -36.07 40.56 12.00
CA ARG A 267 -34.89 40.06 11.30
C ARG A 267 -34.98 38.55 11.13
N TYR A 268 -35.49 37.87 12.15
CA TYR A 268 -35.61 36.42 12.09
C TYR A 268 -36.55 36.01 10.96
N GLU A 269 -37.64 36.76 10.79
CA GLU A 269 -38.60 36.47 9.72
C GLU A 269 -37.92 36.55 8.36
N GLU A 270 -37.02 37.53 8.22
CA GLU A 270 -36.27 37.68 6.97
C GLU A 270 -35.33 36.50 6.76
N SER A 271 -34.80 35.96 7.86
CA SER A 271 -33.81 34.90 7.78
C SER A 271 -34.42 33.56 7.37
N ILE A 272 -35.74 33.42 7.51
CA ILE A 272 -36.38 32.14 7.21
C ILE A 272 -37.18 32.15 5.91
N ILE A 273 -37.13 33.25 5.17
CA ILE A 273 -37.87 33.35 3.92
C ILE A 273 -37.56 32.19 2.98
N TYR A 274 -36.27 31.91 2.77
CA TYR A 274 -35.88 30.82 1.89
C TYR A 274 -36.19 29.46 2.51
N SER A 275 -35.95 29.33 3.81
CA SER A 275 -36.17 28.06 4.50
C SER A 275 -37.62 27.59 4.39
N ARG A 276 -38.56 28.53 4.42
CA ARG A 276 -39.97 28.18 4.32
C ARG A 276 -40.28 27.53 2.98
N ARG A 277 -39.41 27.75 2.00
CA ARG A 277 -39.61 27.24 0.65
C ARG A 277 -38.73 26.04 0.32
N VAL A 278 -37.91 25.61 1.28
CA VAL A 278 -36.93 24.56 1.03
C VAL A 278 -37.06 23.39 2.00
N GLY A 279 -37.17 23.69 3.28
CA GLY A 279 -37.18 22.66 4.31
C GLY A 279 -35.82 22.52 4.96
N ASN A 280 -35.60 21.39 5.63
CA ASN A 280 -34.37 21.17 6.40
C ASN A 280 -33.18 20.82 5.52
N LEU A 281 -32.10 21.58 5.69
CA LEU A 281 -30.85 21.28 4.98
C LEU A 281 -29.79 20.73 5.93
N TYR A 282 -30.21 20.38 7.14
CA TYR A 282 -29.29 19.90 8.17
C TYR A 282 -28.09 20.84 8.32
N THR A 283 -26.90 20.41 7.88
CA THR A 283 -25.71 21.24 8.03
C THR A 283 -25.87 22.62 7.39
N GLY A 284 -26.70 22.71 6.36
CA GLY A 284 -26.82 23.95 5.60
C GLY A 284 -27.89 24.92 6.07
N SER A 285 -28.68 24.52 7.06
CA SER A 285 -29.84 25.32 7.47
CA SER A 285 -29.83 25.31 7.48
C SER A 285 -29.45 26.70 8.00
N LEU A 286 -28.46 26.76 8.88
CA LEU A 286 -28.02 28.04 9.42
C LEU A 286 -27.55 28.97 8.31
N TYR A 287 -26.81 28.40 7.36
CA TYR A 287 -26.18 29.20 6.32
C TYR A 287 -27.18 29.60 5.23
N LEU A 288 -28.21 28.80 5.04
CA LEU A 288 -29.31 29.21 4.19
C LEU A 288 -29.99 30.42 4.83
N GLY A 289 -30.08 30.40 6.16
CA GLY A 289 -30.68 31.49 6.91
C GLY A 289 -29.88 32.77 6.77
N LEU A 290 -28.56 32.63 6.75
CA LEU A 290 -27.68 33.78 6.57
C LEU A 290 -27.91 34.39 5.19
N ILE A 291 -27.95 33.54 4.17
CA ILE A 291 -28.20 33.98 2.82
C ILE A 291 -29.56 34.68 2.74
N SER A 292 -30.57 34.04 3.32
CA SER A 292 -31.93 34.56 3.28
C SER A 292 -32.00 35.92 3.97
N LEU A 293 -31.32 36.05 5.09
CA LEU A 293 -31.29 37.30 5.82
C LEU A 293 -30.73 38.43 4.96
N LEU A 294 -29.56 38.19 4.38
CA LEU A 294 -28.85 39.23 3.64
C LEU A 294 -29.57 39.60 2.35
N GLU A 295 -30.19 38.62 1.70
CA GLU A 295 -30.81 38.85 0.40
C GLU A 295 -32.26 39.35 0.49
N ASN A 296 -32.88 39.19 1.66
CA ASN A 296 -34.26 39.64 1.84
C ASN A 296 -34.39 40.92 2.68
N ALA A 297 -33.42 41.17 3.55
CA ALA A 297 -33.42 42.41 4.32
C ALA A 297 -33.15 43.59 3.40
N THR A 298 -33.72 44.75 3.74
CA THR A 298 -33.48 45.97 2.97
C THR A 298 -32.81 47.06 3.80
N THR A 299 -32.74 46.86 5.11
CA THR A 299 -32.22 47.91 6.00
C THR A 299 -30.93 47.51 6.72
N LEU A 300 -30.48 46.27 6.52
CA LEU A 300 -29.16 45.89 6.99
C LEU A 300 -28.12 46.67 6.19
N THR A 301 -26.99 46.97 6.80
CA THR A 301 -25.96 47.77 6.14
C THR A 301 -24.57 47.41 6.64
N ALA A 302 -23.56 47.81 5.88
CA ALA A 302 -22.18 47.53 6.24
C ALA A 302 -21.89 48.03 7.65
N GLY A 303 -21.17 47.20 8.42
CA GLY A 303 -20.82 47.55 9.78
C GLY A 303 -21.72 46.89 10.81
N ASN A 304 -22.88 46.41 10.38
CA ASN A 304 -23.80 45.74 11.28
C ASN A 304 -23.23 44.43 11.78
N GLN A 305 -23.63 44.05 12.99
CA GLN A 305 -23.17 42.81 13.61
C GLN A 305 -24.22 41.73 13.46
N ILE A 306 -23.81 40.58 12.95
CA ILE A 306 -24.70 39.45 12.76
C ILE A 306 -24.27 38.31 13.68
N GLY A 307 -25.19 37.85 14.53
CA GLY A 307 -24.93 36.71 15.39
C GLY A 307 -25.41 35.44 14.74
N LEU A 308 -24.63 34.37 14.88
CA LEU A 308 -24.99 33.09 14.28
C LEU A 308 -24.97 31.99 15.33
N PHE A 309 -26.06 31.22 15.38
CA PHE A 309 -26.15 30.09 16.28
C PHE A 309 -26.20 28.80 15.48
N SER A 310 -25.16 27.98 15.64
CA SER A 310 -25.09 26.70 14.97
C SER A 310 -25.39 25.59 15.96
N TYR A 311 -26.13 24.57 15.52
CA TYR A 311 -26.48 23.46 16.38
C TYR A 311 -26.35 22.15 15.63
N GLY A 312 -25.90 21.12 16.35
CA GLY A 312 -25.86 19.76 15.82
C GLY A 312 -26.36 18.84 16.91
N SER A 313 -27.32 17.99 16.57
CA SER A 313 -27.84 17.02 17.53
C SER A 313 -26.70 16.15 18.03
N GLY A 314 -26.76 15.73 19.29
CA GLY A 314 -25.72 14.86 19.82
C GLY A 314 -25.13 15.14 21.19
N ALA A 315 -24.92 16.40 21.58
CA ALA A 315 -25.23 17.58 20.78
C ALA A 315 -24.09 18.58 20.89
N VAL A 316 -23.84 19.32 19.82
CA VAL A 316 -22.80 20.35 19.81
C VAL A 316 -23.39 21.66 19.32
N ALA A 317 -23.02 22.77 19.96
CA ALA A 317 -23.54 24.07 19.59
C ALA A 317 -22.43 25.12 19.60
N GLU A 318 -22.64 26.19 18.84
CA GLU A 318 -21.67 27.28 18.83
C GLU A 318 -22.35 28.59 18.46
N PHE A 319 -21.96 29.66 19.14
CA PHE A 319 -22.42 31.01 18.81
C PHE A 319 -21.22 31.85 18.42
N PHE A 320 -21.32 32.56 17.31
CA PHE A 320 -20.23 33.42 16.85
C PHE A 320 -20.79 34.58 16.05
N THR A 321 -19.97 35.60 15.84
CA THR A 321 -20.42 36.85 15.24
C THR A 321 -19.67 37.17 13.96
N GLY A 322 -20.37 37.82 13.03
CA GLY A 322 -19.76 38.34 11.82
C GLY A 322 -20.20 39.77 11.59
N GLU A 323 -19.36 40.53 10.90
CA GLU A 323 -19.68 41.92 10.58
C GLU A 323 -19.83 42.08 9.07
N LEU A 324 -20.89 42.74 8.65
CA LEU A 324 -21.13 42.98 7.23
C LEU A 324 -20.08 43.93 6.66
N VAL A 325 -19.53 43.54 5.52
CA VAL A 325 -18.42 44.26 4.90
C VAL A 325 -18.95 45.32 3.93
N ALA A 326 -18.27 46.44 3.86
CA ALA A 326 -18.61 47.49 2.90
C ALA A 326 -18.72 46.90 1.51
N GLY A 327 -19.86 47.13 0.87
CA GLY A 327 -20.07 46.69 -0.50
C GLY A 327 -20.65 45.29 -0.63
N TYR A 328 -20.98 44.66 0.49
CA TYR A 328 -21.43 43.27 0.47
C TYR A 328 -22.68 43.07 -0.38
N GLN A 329 -23.50 44.11 -0.50
CA GLN A 329 -24.75 44.01 -1.24
C GLN A 329 -24.50 43.78 -2.74
N ASN A 330 -23.27 44.00 -3.19
CA ASN A 330 -22.91 43.79 -4.59
C ASN A 330 -22.45 42.36 -4.86
N HIS A 331 -22.41 41.54 -3.81
CA HIS A 331 -21.81 40.22 -3.94
C HIS A 331 -22.71 39.10 -3.44
N LEU A 332 -24.01 39.35 -3.48
CA LEU A 332 -24.99 38.33 -3.17
C LEU A 332 -25.54 37.75 -4.48
N GLN A 333 -26.53 36.88 -4.37
CA GLN A 333 -27.04 36.16 -5.53
C GLN A 333 -28.57 36.08 -5.50
N LYS A 334 -29.21 37.20 -5.15
CA LYS A 334 -30.66 37.22 -4.98
C LYS A 334 -31.40 36.74 -6.22
N GLU A 335 -31.07 37.32 -7.36
CA GLU A 335 -31.75 36.98 -8.61
C GLU A 335 -31.60 35.50 -8.92
N THR A 336 -30.37 35.00 -8.82
CA THR A 336 -30.07 33.60 -9.11
C THR A 336 -30.82 32.66 -8.17
N HIS A 337 -30.82 32.98 -6.89
CA HIS A 337 -31.47 32.12 -5.90
C HIS A 337 -32.99 32.12 -6.07
N LEU A 338 -33.56 33.28 -6.29
CA LEU A 338 -35.00 33.38 -6.50
C LEU A 338 -35.40 32.59 -7.75
N ALA A 339 -34.58 32.70 -8.80
CA ALA A 339 -34.86 31.97 -10.03
C ALA A 339 -34.78 30.46 -9.78
N LEU A 340 -33.81 30.05 -8.97
CA LEU A 340 -33.63 28.65 -8.66
C LEU A 340 -34.87 28.09 -7.96
N LEU A 341 -35.41 28.85 -7.00
CA LEU A 341 -36.60 28.42 -6.28
C LEU A 341 -37.86 28.48 -7.15
N ASP A 342 -37.99 29.55 -7.95
CA ASP A 342 -39.19 29.75 -8.75
C ASP A 342 -39.26 28.80 -9.94
N ASN A 343 -38.11 28.37 -10.44
CA ASN A 343 -38.05 27.52 -11.63
C ASN A 343 -38.26 26.04 -11.32
N ARG A 344 -38.45 25.70 -10.05
CA ARG A 344 -38.65 24.32 -9.66
C ARG A 344 -39.98 23.77 -10.16
N THR A 345 -40.00 22.46 -10.43
CA THR A 345 -41.22 21.78 -10.83
C THR A 345 -41.99 21.33 -9.60
N GLU A 346 -43.27 21.71 -9.55
CA GLU A 346 -44.13 21.25 -8.47
C GLU A 346 -44.59 19.83 -8.75
N LEU A 347 -44.34 18.94 -7.80
CA LEU A 347 -44.81 17.57 -7.92
C LEU A 347 -46.18 17.45 -7.28
N SER A 348 -47.03 16.59 -7.82
CA SER A 348 -48.23 16.19 -7.13
C SER A 348 -47.79 15.20 -6.06
N ILE A 349 -48.65 14.90 -5.10
CA ILE A 349 -48.25 13.99 -4.04
C ILE A 349 -47.90 12.62 -4.61
N ALA A 350 -48.62 12.19 -5.64
CA ALA A 350 -48.37 10.90 -6.27
C ALA A 350 -46.96 10.84 -6.85
N GLU A 351 -46.60 11.88 -7.61
CA GLU A 351 -45.28 11.99 -8.22
C GLU A 351 -44.19 12.09 -7.15
N TYR A 352 -44.48 12.81 -6.07
CA TYR A 352 -43.54 12.94 -4.98
C TYR A 352 -43.29 11.60 -4.30
N GLU A 353 -44.37 10.86 -4.04
CA GLU A 353 -44.26 9.57 -3.38
C GLU A 353 -43.47 8.59 -4.25
N ALA A 354 -43.65 8.70 -5.56
CA ALA A 354 -42.93 7.84 -6.49
C ALA A 354 -41.44 8.17 -6.49
N MET A 355 -41.13 9.47 -6.48
CA MET A 355 -39.73 9.92 -6.45
C MET A 355 -39.07 9.54 -5.14
N PHE A 356 -39.79 9.74 -4.04
CA PHE A 356 -39.27 9.49 -2.71
C PHE A 356 -39.00 8.00 -2.47
N ALA A 357 -39.91 7.17 -2.94
CA ALA A 357 -39.86 5.72 -2.66
C ALA A 357 -38.73 5.01 -3.41
N GLU A 358 -38.34 5.56 -4.56
CA GLU A 358 -37.30 4.93 -5.37
C GLU A 358 -35.98 4.87 -4.59
N THR A 359 -35.31 3.72 -4.70
CA THR A 359 -34.07 3.52 -3.97
C THR A 359 -32.89 3.27 -4.92
N LEU A 360 -31.76 3.87 -4.60
CA LEU A 360 -30.54 3.67 -5.37
C LEU A 360 -29.76 2.49 -4.82
N ASP A 361 -29.69 1.40 -5.58
CA ASP A 361 -28.92 0.23 -5.18
C ASP A 361 -27.56 0.27 -5.84
N THR A 362 -26.55 0.67 -5.08
CA THR A 362 -25.22 0.91 -5.64
C THR A 362 -24.48 -0.38 -5.98
N ASP A 363 -24.99 -1.52 -5.53
CA ASP A 363 -24.37 -2.80 -5.84
C ASP A 363 -24.73 -3.29 -7.24
N ILE A 364 -25.62 -2.58 -7.91
CA ILE A 364 -26.03 -2.93 -9.27
C ILE A 364 -25.48 -1.92 -10.27
N ASP A 365 -24.79 -2.40 -11.30
CA ASP A 365 -24.29 -1.53 -12.35
C ASP A 365 -25.47 -1.01 -13.16
N GLN A 366 -25.50 0.31 -13.37
CA GLN A 366 -26.65 0.94 -14.00
C GLN A 366 -26.31 2.33 -14.51
N THR A 367 -27.15 2.83 -15.41
CA THR A 367 -27.07 4.21 -15.86
C THR A 367 -28.31 4.96 -15.40
N LEU A 368 -28.16 6.25 -15.12
CA LEU A 368 -29.28 7.09 -14.70
C LEU A 368 -29.37 8.29 -15.63
N GLU A 369 -30.60 8.72 -15.93
CA GLU A 369 -30.82 9.87 -16.79
C GLU A 369 -31.33 11.06 -15.98
N ASP A 370 -30.75 12.22 -16.25
CA ASP A 370 -31.08 13.44 -15.52
C ASP A 370 -30.45 14.63 -16.23
N GLU A 371 -31.22 15.70 -16.43
CA GLU A 371 -30.75 16.86 -17.17
C GLU A 371 -29.81 17.75 -16.35
N LEU A 372 -29.81 17.56 -15.03
CA LEU A 372 -29.06 18.43 -14.14
C LEU A 372 -27.57 18.13 -14.19
N LYS A 373 -26.76 19.18 -14.35
CA LYS A 373 -25.31 19.03 -14.31
C LYS A 373 -24.93 18.45 -12.96
N TYR A 374 -23.92 17.57 -12.97
CA TYR A 374 -23.40 16.93 -11.76
C TYR A 374 -24.38 15.93 -11.14
N SER A 375 -25.44 15.58 -11.86
CA SER A 375 -26.29 14.48 -11.45
C SER A 375 -25.52 13.18 -11.70
N ILE A 376 -25.96 12.09 -11.08
CA ILE A 376 -25.32 10.79 -11.28
C ILE A 376 -25.66 10.26 -12.67
N SER A 377 -24.63 9.87 -13.43
CA SER A 377 -24.84 9.33 -14.77
C SER A 377 -24.73 7.82 -14.80
N ALA A 378 -23.97 7.25 -13.86
CA ALA A 378 -23.77 5.80 -13.86
C ALA A 378 -23.22 5.30 -12.53
N ILE A 379 -23.47 4.02 -12.27
CA ILE A 379 -22.84 3.30 -11.16
C ILE A 379 -22.07 2.13 -11.76
N ASN A 380 -20.80 1.99 -11.40
CA ASN A 380 -19.98 0.87 -11.85
C ASN A 380 -19.10 0.36 -10.72
N ASN A 381 -19.31 -0.89 -10.33
CA ASN A 381 -18.60 -1.46 -9.20
C ASN A 381 -18.78 -0.59 -7.97
N THR A 382 -19.98 -0.05 -7.81
CA THR A 382 -20.36 0.82 -6.69
C THR A 382 -19.88 2.27 -6.83
N VAL A 383 -19.04 2.53 -7.83
CA VAL A 383 -18.50 3.87 -8.04
C VAL A 383 -19.46 4.73 -8.84
N ARG A 384 -19.76 5.92 -8.31
CA ARG A 384 -20.66 6.84 -8.98
C ARG A 384 -19.90 7.74 -9.95
N SER A 385 -20.44 7.88 -11.16
CA SER A 385 -19.94 8.84 -12.13
C SER A 385 -20.94 9.99 -12.20
N TYR A 386 -20.44 11.20 -12.44
CA TYR A 386 -21.28 12.39 -12.50
C TYR A 386 -21.14 13.08 -13.84
N ARG A 387 -22.24 13.56 -14.40
CA ARG A 387 -22.19 14.22 -15.70
C ARG A 387 -21.73 15.67 -15.53
N ASN A 388 -20.80 16.09 -16.38
CA ASN A 388 -20.26 17.43 -16.30
C ASN A 388 -19.75 17.89 -17.67
N SER B 5 10.80 32.10 20.07
CA SER B 5 9.56 32.07 19.24
C SER B 5 8.65 30.93 19.67
N MET B 6 7.35 31.20 19.74
CA MET B 6 6.39 30.23 20.23
C MET B 6 6.30 29.00 19.34
N THR B 7 6.35 27.83 19.96
CA THR B 7 6.20 26.56 19.23
C THR B 7 4.81 25.97 19.46
N ILE B 8 4.35 25.18 18.50
CA ILE B 8 3.05 24.53 18.57
C ILE B 8 3.22 23.09 18.10
N GLY B 9 2.56 22.14 18.76
CA GLY B 9 2.64 20.76 18.32
C GLY B 9 2.14 19.73 19.31
N ILE B 10 2.78 18.56 19.28
CA ILE B 10 2.35 17.43 20.08
C ILE B 10 2.99 17.44 21.45
N ASP B 11 2.16 17.55 22.48
CA ASP B 11 2.61 17.67 23.86
C ASP B 11 2.67 16.29 24.53
N LYS B 12 1.69 15.45 24.22
CA LYS B 12 1.64 14.09 24.73
C LYS B 12 1.05 13.20 23.64
N ILE B 13 1.45 11.92 23.63
CA ILE B 13 0.95 11.00 22.63
C ILE B 13 0.98 9.58 23.16
N SER B 14 -0.11 8.84 22.94
CA SER B 14 -0.27 7.49 23.46
CA SER B 14 -0.21 7.47 23.42
C SER B 14 -1.06 6.63 22.49
N PHE B 15 -0.87 5.31 22.53
CA PHE B 15 -1.71 4.41 21.78
C PHE B 15 -2.37 3.40 22.70
N PHE B 16 -3.48 2.84 22.23
CA PHE B 16 -4.13 1.76 22.92
C PHE B 16 -4.58 0.71 21.91
N VAL B 17 -4.44 -0.55 22.29
CA VAL B 17 -4.88 -1.66 21.47
C VAL B 17 -5.63 -2.63 22.38
N PRO B 18 -6.54 -3.44 21.80
CA PRO B 18 -7.30 -4.38 22.62
C PRO B 18 -6.38 -5.41 23.28
N PRO B 19 -6.84 -6.01 24.39
CA PRO B 19 -6.01 -6.93 25.17
C PRO B 19 -5.88 -8.33 24.57
N TYR B 20 -6.03 -8.45 23.25
CA TYR B 20 -5.92 -9.75 22.59
C TYR B 20 -5.13 -9.65 21.30
N TYR B 21 -4.50 -10.76 20.92
CA TYR B 21 -3.80 -10.83 19.65
C TYR B 21 -3.68 -12.27 19.18
N ILE B 22 -3.40 -12.45 17.89
CA ILE B 22 -3.00 -13.75 17.37
C ILE B 22 -1.60 -13.66 16.80
N ASP B 23 -0.87 -14.77 16.92
CA ASP B 23 0.46 -14.87 16.33
C ASP B 23 0.32 -15.16 14.85
N MET B 24 1.08 -14.45 14.03
CA MET B 24 0.96 -14.60 12.58
C MET B 24 1.46 -15.97 12.10
N THR B 25 2.35 -16.60 12.86
CA THR B 25 2.80 -17.95 12.50
C THR B 25 1.62 -18.91 12.63
N ALA B 26 0.86 -18.76 13.72
CA ALA B 26 -0.31 -19.59 13.96
C ALA B 26 -1.37 -19.36 12.88
N LEU B 27 -1.53 -18.11 12.46
CA LEU B 27 -2.49 -17.79 11.41
C LEU B 27 -2.08 -18.44 10.11
N ALA B 28 -0.79 -18.35 9.80
CA ALA B 28 -0.25 -18.94 8.58
C ALA B 28 -0.52 -20.44 8.55
N GLU B 29 -0.29 -21.10 9.68
CA GLU B 29 -0.49 -22.54 9.77
C GLU B 29 -1.96 -22.88 9.55
N ALA B 30 -2.84 -22.06 10.11
CA ALA B 30 -4.28 -22.27 9.95
C ALA B 30 -4.72 -22.03 8.51
N ARG B 31 -4.08 -21.07 7.85
CA ARG B 31 -4.46 -20.69 6.49
C ARG B 31 -3.71 -21.48 5.43
N ASN B 32 -2.88 -22.41 5.86
CA ASN B 32 -2.11 -23.26 4.94
C ASN B 32 -1.19 -22.46 4.01
N VAL B 33 -0.57 -21.43 4.56
CA VAL B 33 0.44 -20.67 3.83
C VAL B 33 1.74 -20.64 4.62
N ASP B 34 2.84 -20.33 3.94
CA ASP B 34 4.13 -20.25 4.59
C ASP B 34 4.19 -19.04 5.51
N PRO B 35 4.71 -19.22 6.73
CA PRO B 35 4.83 -18.10 7.67
C PRO B 35 5.56 -16.92 7.05
N GLY B 36 6.46 -17.21 6.11
CA GLY B 36 7.23 -16.17 5.44
C GLY B 36 6.34 -15.20 4.69
N LYS B 37 5.19 -15.68 4.24
CA LYS B 37 4.23 -14.83 3.54
C LYS B 37 3.82 -13.66 4.42
N PHE B 38 3.73 -13.90 5.73
CA PHE B 38 3.29 -12.87 6.65
C PHE B 38 4.49 -12.15 7.30
N HIS B 39 5.50 -12.91 7.72
CA HIS B 39 6.66 -12.33 8.37
C HIS B 39 7.48 -11.45 7.42
N ILE B 40 7.46 -11.78 6.14
CA ILE B 40 8.27 -11.06 5.16
C ILE B 40 7.42 -10.36 4.10
N GLY B 41 6.50 -11.11 3.47
CA GLY B 41 5.67 -10.55 2.42
C GLY B 41 4.83 -9.37 2.90
N ILE B 42 4.30 -9.51 4.11
CA ILE B 42 3.52 -8.44 4.73
C ILE B 42 4.37 -7.67 5.75
N GLY B 43 5.19 -8.40 6.50
CA GLY B 43 6.02 -7.80 7.52
C GLY B 43 5.26 -7.63 8.82
N GLN B 44 4.57 -8.68 9.23
CA GLN B 44 3.70 -8.64 10.40
C GLN B 44 3.97 -9.85 11.30
N ASP B 45 4.01 -9.62 12.61
CA ASP B 45 4.36 -10.66 13.58
C ASP B 45 3.20 -11.03 14.50
N GLN B 46 2.50 -10.02 15.01
CA GLN B 46 1.34 -10.23 15.88
C GLN B 46 0.23 -9.28 15.44
N MET B 47 -1.02 -9.73 15.57
CA MET B 47 -2.15 -8.92 15.13
C MET B 47 -3.17 -8.68 16.24
N ALA B 48 -3.56 -7.42 16.39
CA ALA B 48 -4.59 -7.05 17.36
C ALA B 48 -5.95 -7.60 16.95
N VAL B 49 -6.70 -8.07 17.92
CA VAL B 49 -8.06 -8.57 17.69
C VAL B 49 -8.94 -8.07 18.81
N ASN B 50 -10.21 -7.75 18.50
CA ASN B 50 -11.12 -7.25 19.53
C ASN B 50 -12.51 -7.88 19.46
N PRO B 51 -13.15 -8.03 20.62
CA PRO B 51 -14.53 -8.53 20.69
C PRO B 51 -15.53 -7.42 20.37
N ILE B 52 -16.80 -7.78 20.18
CA ILE B 52 -17.81 -6.80 19.80
C ILE B 52 -18.13 -5.83 20.94
N SER B 53 -17.63 -6.13 22.13
CA SER B 53 -17.84 -5.25 23.28
C SER B 53 -16.87 -4.08 23.28
N GLN B 54 -16.01 -4.01 22.27
CA GLN B 54 -15.03 -2.93 22.16
C GLN B 54 -15.11 -2.23 20.81
N ASP B 55 -15.38 -0.93 20.83
CA ASP B 55 -15.50 -0.15 19.59
C ASP B 55 -14.49 1.00 19.60
N ILE B 56 -14.59 1.89 18.62
CA ILE B 56 -13.61 2.97 18.52
C ILE B 56 -13.64 3.89 19.73
N VAL B 57 -14.81 4.01 20.36
CA VAL B 57 -14.92 4.82 21.57
C VAL B 57 -14.11 4.17 22.69
N THR B 58 -14.24 2.85 22.83
CA THR B 58 -13.45 2.12 23.82
C THR B 58 -11.96 2.41 23.66
N PHE B 59 -11.47 2.34 22.44
CA PHE B 59 -10.05 2.52 22.19
C PHE B 59 -9.62 3.97 22.37
N ALA B 60 -10.42 4.88 21.82
CA ALA B 60 -10.13 6.31 21.91
C ALA B 60 -10.09 6.76 23.38
N ALA B 61 -11.06 6.30 24.16
CA ALA B 61 -11.16 6.67 25.57
C ALA B 61 -9.95 6.15 26.36
N ASN B 62 -9.56 4.90 26.12
CA ASN B 62 -8.42 4.35 26.83
C ASN B 62 -7.11 5.06 26.47
N ALA B 63 -6.94 5.38 25.19
CA ALA B 63 -5.73 6.06 24.74
C ALA B 63 -5.65 7.46 25.36
N ALA B 64 -6.76 8.18 25.35
CA ALA B 64 -6.80 9.54 25.88
C ALA B 64 -6.61 9.54 27.39
N GLU B 65 -7.20 8.56 28.07
CA GLU B 65 -7.13 8.50 29.53
C GLU B 65 -5.70 8.36 30.02
N ALA B 66 -4.85 7.72 29.23
CA ALA B 66 -3.47 7.49 29.61
C ALA B 66 -2.68 8.78 29.76
N ILE B 67 -3.08 9.83 29.05
CA ILE B 67 -2.28 11.06 28.99
C ILE B 67 -2.91 12.29 29.62
N LEU B 68 -4.24 12.32 29.72
CA LEU B 68 -4.92 13.54 30.16
C LEU B 68 -4.88 13.76 31.68
N THR B 69 -4.52 14.99 32.06
CA THR B 69 -4.63 15.42 33.45
C THR B 69 -5.85 16.32 33.58
N LYS B 70 -6.25 16.62 34.82
CA LYS B 70 -7.38 17.51 35.06
C LYS B 70 -7.12 18.87 34.41
N GLU B 71 -5.87 19.30 34.41
CA GLU B 71 -5.51 20.59 33.85
C GLU B 71 -5.67 20.59 32.33
N ASP B 72 -5.35 19.46 31.69
CA ASP B 72 -5.58 19.31 30.26
C ASP B 72 -7.06 19.41 29.97
N LYS B 73 -7.86 18.76 30.80
CA LYS B 73 -9.31 18.69 30.60
C LYS B 73 -9.96 20.07 30.69
N GLU B 74 -9.32 20.99 31.42
CA GLU B 74 -9.84 22.35 31.56
C GLU B 74 -9.38 23.24 30.41
N ALA B 75 -8.24 22.91 29.80
CA ALA B 75 -7.65 23.72 28.74
C ALA B 75 -8.11 23.31 27.35
N ILE B 76 -8.62 22.09 27.22
CA ILE B 76 -9.07 21.59 25.92
C ILE B 76 -10.42 22.20 25.55
N ASP B 77 -10.49 22.86 24.39
CA ASP B 77 -11.77 23.37 23.93
C ASP B 77 -12.13 22.85 22.54
N MET B 78 -11.45 21.78 22.12
CA MET B 78 -11.81 21.10 20.88
C MET B 78 -11.42 19.63 20.96
N VAL B 79 -12.34 18.75 20.61
CA VAL B 79 -12.10 17.32 20.61
C VAL B 79 -12.39 16.77 19.21
N ILE B 80 -11.41 16.09 18.63
CA ILE B 80 -11.54 15.59 17.27
C ILE B 80 -11.20 14.11 17.19
N VAL B 81 -12.10 13.34 16.58
CA VAL B 81 -11.81 11.96 16.28
C VAL B 81 -11.70 11.77 14.78
N GLY B 82 -10.60 11.17 14.34
CA GLY B 82 -10.44 10.78 12.97
C GLY B 82 -10.65 9.28 12.85
N THR B 83 -11.56 8.88 11.96
CA THR B 83 -11.89 7.47 11.84
C THR B 83 -12.58 7.16 10.50
N GLU B 84 -12.50 5.90 10.10
CA GLU B 84 -13.31 5.39 9.00
C GLU B 84 -14.08 4.16 9.47
N SER B 85 -14.20 4.04 10.80
CA SER B 85 -14.89 2.93 11.43
C SER B 85 -16.05 3.43 12.29
N SER B 86 -16.75 4.45 11.79
CA SER B 86 -17.80 5.10 12.57
C SER B 86 -18.94 4.15 12.93
N ILE B 87 -19.65 4.49 13.99
CA ILE B 87 -20.77 3.69 14.48
C ILE B 87 -22.08 4.47 14.40
N ASP B 88 -21.99 5.72 13.95
CA ASP B 88 -23.18 6.54 13.72
C ASP B 88 -22.94 7.39 12.49
N GLU B 89 -24.00 7.66 11.74
CA GLU B 89 -23.90 8.44 10.52
C GLU B 89 -24.05 9.93 10.78
N SER B 90 -24.47 10.26 12.01
CA SER B 90 -24.72 11.66 12.37
C SER B 90 -23.90 12.10 13.58
N LYS B 91 -24.03 11.38 14.68
CA LYS B 91 -23.39 11.76 15.93
C LYS B 91 -21.90 11.44 15.92
N ALA B 92 -21.07 12.47 16.08
CA ALA B 92 -19.63 12.31 16.10
C ALA B 92 -19.19 11.49 17.30
N ALA B 93 -18.27 10.54 17.08
CA ALA B 93 -17.71 9.75 18.16
C ALA B 93 -17.02 10.66 19.18
N ALA B 94 -16.59 11.83 18.72
CA ALA B 94 -15.90 12.79 19.58
C ALA B 94 -16.78 13.27 20.74
N VAL B 95 -18.09 13.26 20.54
CA VAL B 95 -19.01 13.75 21.56
C VAL B 95 -19.00 12.85 22.80
N VAL B 96 -19.05 11.54 22.57
CA VAL B 96 -19.01 10.59 23.68
C VAL B 96 -17.63 10.62 24.35
N LEU B 97 -16.59 10.74 23.54
CA LEU B 97 -15.24 10.85 24.06
C LEU B 97 -15.12 12.07 24.97
N HIS B 98 -15.71 13.18 24.54
CA HIS B 98 -15.72 14.40 25.34
C HIS B 98 -16.31 14.15 26.73
N ARG B 99 -17.41 13.40 26.79
CA ARG B 99 -18.04 13.09 28.07
C ARG B 99 -17.15 12.18 28.91
N LEU B 100 -16.69 11.08 28.31
CA LEU B 100 -15.94 10.08 29.05
C LEU B 100 -14.65 10.64 29.64
N MET B 101 -14.04 11.59 28.94
CA MET B 101 -12.78 12.18 29.38
C MET B 101 -12.96 13.37 30.33
N GLY B 102 -14.22 13.72 30.60
CA GLY B 102 -14.52 14.79 31.55
C GLY B 102 -13.97 16.14 31.14
N ILE B 103 -13.92 16.38 29.83
CA ILE B 103 -13.42 17.64 29.32
C ILE B 103 -14.43 18.76 29.62
N GLN B 104 -13.93 19.96 29.86
CA GLN B 104 -14.80 21.08 30.19
C GLN B 104 -15.83 21.29 29.06
N PRO B 105 -17.04 21.74 29.43
CA PRO B 105 -18.20 21.73 28.52
C PRO B 105 -18.09 22.67 27.33
N PHE B 106 -17.41 23.79 27.46
CA PHE B 106 -17.41 24.79 26.39
C PHE B 106 -16.36 24.48 25.33
N ALA B 107 -16.58 23.39 24.62
CA ALA B 107 -15.67 22.90 23.60
C ALA B 107 -16.48 22.43 22.41
N ARG B 108 -15.87 22.44 21.22
CA ARG B 108 -16.53 21.86 20.06
C ARG B 108 -15.97 20.45 19.82
N SER B 109 -16.85 19.55 19.40
CA SER B 109 -16.46 18.16 19.18
C SER B 109 -16.99 17.69 17.84
N PHE B 110 -16.16 17.03 17.06
CA PHE B 110 -16.59 16.50 15.77
C PHE B 110 -15.69 15.40 15.26
N GLU B 111 -16.17 14.72 14.22
CA GLU B 111 -15.49 13.59 13.63
C GLU B 111 -15.00 13.97 12.24
N ILE B 112 -13.81 13.52 11.87
CA ILE B 112 -13.28 13.76 10.53
C ILE B 112 -13.15 12.45 9.76
N LYS B 113 -13.63 12.45 8.52
CA LYS B 113 -13.56 11.29 7.66
C LYS B 113 -12.81 11.56 6.35
N GLU B 114 -11.72 10.83 6.16
CA GLU B 114 -11.06 10.72 4.87
C GLU B 114 -10.09 9.56 4.98
N ALA B 115 -10.64 8.35 4.95
CA ALA B 115 -9.85 7.13 5.04
C ALA B 115 -8.90 7.20 6.24
N SNC B 116 -7.64 6.84 6.08
CA SNC B 116 -6.47 6.80 6.95
CB SNC B 116 -5.47 5.80 6.47
SG SNC B 116 -6.06 4.17 6.20
ND SNC B 116 -6.75 4.19 4.71
OE SNC B 116 -6.78 3.18 4.04
C SNC B 116 -5.86 8.16 7.17
O SNC B 116 -4.86 8.26 7.91
N TYR B 117 -6.45 9.21 6.60
CA TYR B 117 -5.87 10.55 6.68
C TYR B 117 -6.59 11.44 7.70
N GLY B 118 -7.75 10.99 8.18
CA GLY B 118 -8.60 11.81 9.02
C GLY B 118 -7.97 12.42 10.26
N ALA B 119 -7.14 11.65 10.96
CA ALA B 119 -6.50 12.17 12.17
C ALA B 119 -5.45 13.24 11.85
N THR B 120 -4.83 13.12 10.68
CA THR B 120 -3.87 14.12 10.24
C THR B 120 -4.54 15.46 9.98
N ALA B 121 -5.70 15.41 9.34
CA ALA B 121 -6.48 16.62 9.13
C ALA B 121 -6.76 17.28 10.49
N GLY B 122 -7.09 16.44 11.47
CA GLY B 122 -7.36 16.91 12.81
C GLY B 122 -6.13 17.55 13.46
N LEU B 123 -4.99 16.91 13.30
CA LEU B 123 -3.75 17.42 13.89
C LEU B 123 -3.40 18.79 13.33
N GLN B 124 -3.51 18.95 12.01
CA GLN B 124 -3.10 20.18 11.36
C GLN B 124 -4.03 21.33 11.73
N LEU B 125 -5.33 21.05 11.79
CA LEU B 125 -6.30 22.05 12.17
C LEU B 125 -6.15 22.39 13.65
N ALA B 126 -5.82 21.40 14.46
CA ALA B 126 -5.59 21.61 15.87
C ALA B 126 -4.41 22.55 16.08
N LYS B 127 -3.36 22.35 15.28
CA LYS B 127 -2.19 23.20 15.33
C LYS B 127 -2.57 24.66 15.05
N ASN B 128 -3.35 24.89 14.00
CA ASN B 128 -3.78 26.24 13.68
C ASN B 128 -4.58 26.88 14.82
N HIS B 129 -5.45 26.09 15.43
CA HIS B 129 -6.29 26.57 16.52
C HIS B 129 -5.45 27.05 17.71
N VAL B 130 -4.47 26.25 18.09
CA VAL B 130 -3.64 26.57 19.24
C VAL B 130 -2.67 27.71 18.93
N ALA B 131 -2.24 27.81 17.68
CA ALA B 131 -1.37 28.91 17.26
C ALA B 131 -2.08 30.24 17.48
N LEU B 132 -3.39 30.23 17.30
CA LEU B 132 -4.20 31.44 17.42
C LEU B 132 -4.77 31.60 18.83
N HIS B 133 -4.75 30.51 19.60
CA HIS B 133 -5.19 30.53 20.99
C HIS B 133 -4.22 29.70 21.82
N PRO B 134 -3.03 30.23 22.07
CA PRO B 134 -1.94 29.43 22.68
C PRO B 134 -2.21 28.98 24.11
N ASP B 135 -3.26 29.50 24.74
CA ASP B 135 -3.63 29.06 26.09
C ASP B 135 -4.52 27.83 26.04
N LYS B 136 -4.99 27.47 24.85
CA LYS B 136 -5.90 26.34 24.69
C LYS B 136 -5.19 25.10 24.18
N LYS B 137 -5.81 23.95 24.39
CA LYS B 137 -5.28 22.68 23.90
C LYS B 137 -6.34 21.97 23.07
N VAL B 138 -5.92 20.98 22.30
CA VAL B 138 -6.84 20.20 21.48
C VAL B 138 -6.54 18.71 21.61
N LEU B 139 -7.60 17.92 21.78
CA LEU B 139 -7.45 16.47 21.81
C LEU B 139 -7.79 15.91 20.44
N VAL B 140 -6.81 15.27 19.80
CA VAL B 140 -7.02 14.63 18.51
C VAL B 140 -6.76 13.15 18.67
N VAL B 141 -7.75 12.33 18.32
CA VAL B 141 -7.60 10.89 18.45
C VAL B 141 -7.90 10.19 17.14
N ALA B 142 -6.97 9.32 16.73
CA ALA B 142 -7.18 8.40 15.62
C ALA B 142 -7.73 7.11 16.23
N ALA B 143 -8.81 6.59 15.65
CA ALA B 143 -9.40 5.35 16.14
C ALA B 143 -10.02 4.58 14.99
N ASP B 144 -9.74 3.29 14.93
CA ASP B 144 -10.22 2.49 13.82
C ASP B 144 -10.15 1.00 14.11
N ILE B 145 -10.93 0.24 13.35
CA ILE B 145 -10.88 -1.21 13.37
C ILE B 145 -10.77 -1.67 11.93
N ALA B 146 -9.64 -2.25 11.58
CA ALA B 146 -9.42 -2.73 10.22
C ALA B 146 -9.75 -4.21 10.11
N LYS B 147 -10.84 -4.50 9.40
CA LYS B 147 -11.30 -5.87 9.23
C LYS B 147 -11.53 -6.16 7.76
N TYR B 148 -11.16 -7.36 7.32
CA TYR B 148 -11.33 -7.76 5.93
C TYR B 148 -12.11 -9.07 5.78
N GLY B 149 -12.04 -9.93 6.78
CA GLY B 149 -12.78 -11.17 6.78
C GLY B 149 -11.90 -12.38 6.93
N LEU B 150 -12.46 -13.45 7.48
CA LEU B 150 -11.72 -14.70 7.61
C LEU B 150 -11.45 -15.27 6.22
N ASN B 151 -10.22 -15.70 5.99
CA ASN B 151 -9.81 -16.28 4.71
C ASN B 151 -9.82 -15.28 3.56
N SER B 152 -9.84 -13.99 3.89
CA SER B 152 -9.77 -12.95 2.88
C SER B 152 -8.32 -12.61 2.58
N GLY B 153 -8.09 -11.94 1.45
CA GLY B 153 -6.74 -11.54 1.06
C GLY B 153 -6.14 -10.54 2.03
N GLY B 154 -6.98 -9.66 2.58
CA GLY B 154 -6.49 -8.61 3.46
C GLY B 154 -6.44 -9.00 4.92
N GLU B 155 -6.83 -10.23 5.23
CA GLU B 155 -6.90 -10.67 6.63
C GLU B 155 -5.62 -10.39 7.42
N PRO B 156 -4.45 -10.70 6.84
CA PRO B 156 -3.22 -10.50 7.62
C PRO B 156 -2.84 -9.05 7.86
N THR B 157 -3.57 -8.10 7.26
CA THR B 157 -3.29 -6.69 7.45
C THR B 157 -4.33 -6.04 8.36
N GLN B 158 -5.02 -6.86 9.15
CA GLN B 158 -6.03 -6.35 10.06
C GLN B 158 -5.38 -5.76 11.31
N GLY B 159 -6.19 -5.04 12.10
CA GLY B 159 -5.71 -4.42 13.32
C GLY B 159 -6.83 -3.67 13.99
N ALA B 160 -6.54 -3.08 15.16
CA ALA B 160 -7.54 -2.33 15.89
C ALA B 160 -6.88 -1.54 17.01
N GLY B 161 -7.38 -0.33 17.26
CA GLY B 161 -6.86 0.48 18.33
C GLY B 161 -7.04 1.97 18.09
N ALA B 162 -6.30 2.77 18.85
CA ALA B 162 -6.40 4.22 18.75
C ALA B 162 -5.08 4.88 19.13
N VAL B 163 -4.85 6.08 18.62
CA VAL B 163 -3.72 6.91 19.03
C VAL B 163 -4.24 8.27 19.42
N ALA B 164 -3.97 8.68 20.65
CA ALA B 164 -4.42 9.97 21.17
C ALA B 164 -3.26 10.95 21.24
N MET B 165 -3.51 12.17 20.78
CA MET B 165 -2.51 13.23 20.80
C MET B 165 -3.07 14.46 21.49
N LEU B 166 -2.27 15.08 22.35
CA LEU B 166 -2.62 16.35 22.95
C LEU B 166 -1.82 17.44 22.26
N VAL B 167 -2.51 18.38 21.64
CA VAL B 167 -1.87 19.46 20.92
C VAL B 167 -1.90 20.74 21.76
N SER B 168 -0.75 21.38 21.89
CA SER B 168 -0.64 22.58 22.72
C SER B 168 0.49 23.48 22.23
N SER B 169 0.58 24.68 22.82
CA SER B 169 1.73 25.54 22.61
C SER B 169 2.86 25.05 23.52
N GLU B 170 4.09 25.41 23.18
CA GLU B 170 5.25 24.93 23.94
CA GLU B 170 5.26 24.93 23.92
C GLU B 170 5.15 23.42 24.16
N PRO B 171 4.89 22.66 23.09
CA PRO B 171 4.75 21.21 23.18
C PRO B 171 6.02 20.59 23.75
N ARG B 172 5.87 19.54 24.54
CA ARG B 172 7.01 18.93 25.20
C ARG B 172 7.64 17.78 24.41
N ILE B 173 7.02 17.40 23.28
CA ILE B 173 7.56 16.32 22.47
C ILE B 173 7.95 16.75 21.06
N LEU B 174 6.98 17.19 20.26
CA LEU B 174 7.25 17.47 18.85
C LEU B 174 6.68 18.82 18.40
N ALA B 175 7.55 19.72 17.99
CA ALA B 175 7.15 21.03 17.49
C ALA B 175 6.94 20.95 15.98
N LEU B 176 5.71 21.24 15.53
CA LEU B 176 5.36 21.10 14.13
C LEU B 176 5.77 22.32 13.30
N LYS B 177 6.30 22.07 12.11
CA LYS B 177 6.78 23.13 11.22
C LYS B 177 5.70 23.57 10.24
N GLU B 178 5.99 24.60 9.47
CA GLU B 178 5.05 25.14 8.49
C GLU B 178 5.43 24.75 7.06
N ASP B 179 5.90 23.52 6.88
CA ASP B 179 6.39 23.09 5.57
C ASP B 179 5.46 22.09 4.89
N ASN B 180 4.17 22.12 5.25
CA ASN B 180 3.22 21.14 4.77
C ASN B 180 3.09 21.11 3.25
N VAL B 181 3.03 19.91 2.69
CA VAL B 181 2.67 19.72 1.29
C VAL B 181 1.48 18.76 1.24
N MET B 182 0.36 19.24 0.72
CA MET B 182 -0.88 18.48 0.68
C MET B 182 -1.16 18.04 -0.76
N LEU B 183 -1.95 16.99 -0.92
CA LEU B 183 -2.30 16.49 -2.26
C LEU B 183 -3.64 15.76 -2.26
N THR B 184 -4.52 16.13 -3.17
CA THR B 184 -5.78 15.42 -3.37
C THR B 184 -5.88 14.91 -4.82
N GLN B 185 -6.22 13.64 -4.95
CA GLN B 185 -6.50 13.02 -6.24
C GLN B 185 -7.73 12.15 -6.08
N ASP B 186 -8.64 12.19 -7.06
CA ASP B 186 -9.83 11.36 -6.99
C ASP B 186 -9.55 10.01 -7.65
N ILE B 187 -9.19 9.04 -6.81
CA ILE B 187 -8.79 7.71 -7.26
C ILE B 187 -9.49 6.66 -6.41
N TYR B 188 -10.14 5.71 -7.05
CA TYR B 188 -10.85 4.66 -6.32
C TYR B 188 -9.98 3.42 -6.11
N ASP B 189 -9.02 3.55 -5.21
CA ASP B 189 -8.12 2.47 -4.86
C ASP B 189 -8.70 1.68 -3.69
N PHE B 190 -9.32 2.39 -2.77
CA PHE B 190 -9.86 1.79 -1.56
C PHE B 190 -10.99 2.70 -1.06
N TRP B 191 -12.17 2.12 -0.85
CA TRP B 191 -13.32 2.88 -0.36
C TRP B 191 -14.33 1.91 0.26
N ARG B 192 -15.36 2.44 0.90
CA ARG B 192 -16.34 1.59 1.55
C ARG B 192 -17.73 2.22 1.49
N PRO B 193 -18.49 1.90 0.42
CA PRO B 193 -19.83 2.47 0.25
C PRO B 193 -20.74 2.16 1.44
N THR B 194 -21.68 3.04 1.71
CA THR B 194 -22.66 2.81 2.76
C THR B 194 -23.25 1.41 2.62
N GLY B 195 -23.24 0.65 3.72
CA GLY B 195 -23.86 -0.66 3.73
C GLY B 195 -22.86 -1.80 3.57
N HIS B 196 -21.60 -1.46 3.29
CA HIS B 196 -20.55 -2.47 3.15
C HIS B 196 -19.76 -2.58 4.45
N PRO B 197 -19.80 -3.75 5.10
CA PRO B 197 -18.98 -3.97 6.31
C PRO B 197 -17.49 -3.92 6.03
N TYR B 198 -17.08 -4.37 4.84
CA TYR B 198 -15.68 -4.37 4.46
C TYR B 198 -15.44 -3.43 3.28
N PRO B 199 -14.20 -2.91 3.18
CA PRO B 199 -13.85 -1.99 2.08
C PRO B 199 -13.83 -2.65 0.71
N MET B 200 -14.22 -1.86 -0.30
CA MET B 200 -13.96 -2.21 -1.68
C MET B 200 -12.51 -1.87 -1.96
N VAL B 201 -11.81 -2.76 -2.66
CA VAL B 201 -10.38 -2.56 -2.89
C VAL B 201 -9.97 -2.90 -4.32
N ASP B 202 -9.11 -2.06 -4.88
CA ASP B 202 -8.41 -2.37 -6.11
C ASP B 202 -6.95 -2.51 -5.74
N GLY B 203 -6.53 -3.74 -5.47
CA GLY B 203 -5.22 -4.00 -4.91
C GLY B 203 -4.08 -3.30 -5.62
N PRO B 204 -3.89 -3.59 -6.91
CA PRO B 204 -2.81 -2.99 -7.69
C PRO B 204 -2.89 -1.46 -7.72
N LEU B 205 -4.11 -0.93 -7.75
CA LEU B 205 -4.29 0.52 -7.76
C LEU B 205 -3.91 1.10 -6.40
N SER B 206 -4.26 0.38 -5.33
CA SER B 206 -3.93 0.81 -3.97
C SER B 206 -2.43 0.99 -3.81
N ASN B 207 -1.67 -0.05 -4.15
CA ASN B 207 -0.22 -0.01 -4.01
C ASN B 207 0.41 1.10 -4.85
N GLU B 208 -0.03 1.20 -6.10
CA GLU B 208 0.50 2.21 -7.01
C GLU B 208 0.26 3.62 -6.47
N THR B 209 -0.97 3.87 -6.01
CA THR B 209 -1.35 5.21 -5.59
C THR B 209 -0.63 5.63 -4.32
N TYR B 210 -0.51 4.72 -3.36
CA TYR B 210 0.22 4.98 -2.13
C TYR B 210 1.68 5.33 -2.42
N ILE B 211 2.34 4.45 -3.18
CA ILE B 211 3.75 4.64 -3.52
C ILE B 211 3.97 5.96 -4.26
N GLN B 212 3.13 6.24 -5.25
CA GLN B 212 3.29 7.43 -6.08
C GLN B 212 2.87 8.69 -5.34
N SER B 213 1.96 8.55 -4.38
CA SER B 213 1.56 9.70 -3.57
C SER B 213 2.73 10.21 -2.74
N PHE B 214 3.50 9.30 -2.14
CA PHE B 214 4.66 9.72 -1.37
C PHE B 214 5.67 10.40 -2.29
N ALA B 215 5.91 9.78 -3.43
CA ALA B 215 6.84 10.34 -4.40
C ALA B 215 6.43 11.77 -4.73
N GLN B 216 5.15 11.99 -4.96
CA GLN B 216 4.65 13.30 -5.37
C GLN B 216 4.82 14.37 -4.30
N VAL B 217 4.40 14.08 -3.07
CA VAL B 217 4.50 15.07 -2.01
C VAL B 217 5.95 15.28 -1.57
N TRP B 218 6.75 14.21 -1.61
CA TRP B 218 8.17 14.34 -1.30
C TRP B 218 8.86 15.22 -2.33
N ASP B 219 8.64 14.92 -3.61
CA ASP B 219 9.27 15.67 -4.68
C ASP B 219 8.90 17.15 -4.60
N GLU B 220 7.62 17.43 -4.35
CA GLU B 220 7.17 18.82 -4.23
C GLU B 220 7.76 19.47 -2.99
N HIS B 221 7.86 18.71 -1.91
CA HIS B 221 8.43 19.24 -0.68
C HIS B 221 9.89 19.63 -0.89
N LYS B 222 10.63 18.78 -1.59
CA LYS B 222 12.04 19.03 -1.86
C LYS B 222 12.19 20.27 -2.73
N LYS B 223 11.27 20.44 -3.67
CA LYS B 223 11.28 21.59 -4.56
C LYS B 223 11.07 22.89 -3.79
N ARG B 224 10.17 22.83 -2.80
CA ARG B 224 9.81 24.03 -2.04
C ARG B 224 10.84 24.40 -0.98
N THR B 225 11.47 23.39 -0.38
CA THR B 225 12.30 23.60 0.81
C THR B 225 13.78 23.37 0.56
N GLY B 226 14.10 22.54 -0.42
CA GLY B 226 15.48 22.20 -0.70
C GLY B 226 16.01 21.13 0.24
N LEU B 227 15.13 20.60 1.08
CA LEU B 227 15.51 19.55 2.03
C LEU B 227 15.46 18.17 1.36
N ASP B 228 16.42 17.33 1.70
CA ASP B 228 16.50 15.98 1.14
C ASP B 228 16.60 14.99 2.30
N PHE B 229 16.79 13.71 1.98
CA PHE B 229 16.80 12.67 3.00
C PHE B 229 17.89 12.89 4.05
N ALA B 230 19.00 13.50 3.63
CA ALA B 230 20.11 13.76 4.54
C ALA B 230 19.70 14.72 5.66
N ASP B 231 18.67 15.51 5.41
CA ASP B 231 18.24 16.53 6.36
C ASP B 231 17.22 15.99 7.36
N TYR B 232 16.85 14.72 7.20
CA TYR B 232 15.88 14.11 8.10
C TYR B 232 16.49 13.00 8.93
N ASP B 233 16.29 13.10 10.24
CA ASP B 233 16.87 12.13 11.17
C ASP B 233 16.00 10.88 11.28
N ALA B 234 14.71 11.03 10.96
CA ALA B 234 13.81 9.88 10.88
C ALA B 234 12.57 10.22 10.07
N LEU B 235 11.86 9.19 9.64
CA LEU B 235 10.63 9.35 8.88
C LEU B 235 9.55 8.44 9.43
N ALA B 236 8.39 9.03 9.74
CA ALA B 236 7.22 8.25 10.14
C ALA B 236 6.28 8.16 8.94
N PHE B 237 5.86 6.95 8.62
CA PHE B 237 5.03 6.68 7.46
C PHE B 237 3.68 6.12 7.86
N HIS B 238 2.62 6.55 7.19
CA HIS B 238 1.43 5.73 7.19
C HIS B 238 1.77 4.49 6.38
N ILE B 239 1.37 3.33 6.88
CA ILE B 239 1.59 2.09 6.16
C ILE B 239 0.37 1.18 6.21
N PRO B 240 0.01 0.58 5.07
CA PRO B 240 -1.02 -0.47 5.05
C PRO B 240 -0.46 -1.74 5.67
N TYR B 241 0.82 -1.97 5.43
CA TYR B 241 1.59 -2.99 6.14
C TYR B 241 3.06 -2.66 5.94
N THR B 242 3.91 -3.16 6.83
CA THR B 242 5.28 -2.64 6.91
C THR B 242 6.08 -2.83 5.62
N LYS B 243 5.82 -3.91 4.90
CA LYS B 243 6.57 -4.19 3.67
C LYS B 243 6.25 -3.18 2.57
N MET B 244 5.00 -2.74 2.49
CA MET B 244 4.59 -1.77 1.49
C MET B 244 5.21 -0.41 1.77
N GLY B 245 5.29 -0.05 3.05
CA GLY B 245 5.91 1.20 3.43
C GLY B 245 7.39 1.17 3.11
N LYS B 246 8.02 0.03 3.35
CA LYS B 246 9.44 -0.15 3.02
C LYS B 246 9.65 0.00 1.51
N LYS B 247 8.71 -0.52 0.74
CA LYS B 247 8.78 -0.46 -0.72
C LYS B 247 8.70 0.99 -1.23
N ALA B 248 7.77 1.76 -0.66
CA ALA B 248 7.57 3.15 -1.08
C ALA B 248 8.80 3.99 -0.71
N LEU B 249 9.39 3.69 0.44
CA LEU B 249 10.58 4.42 0.90
C LEU B 249 11.79 4.06 0.06
N LEU B 250 12.04 2.76 -0.10
CA LEU B 250 13.20 2.28 -0.85
C LEU B 250 13.20 2.78 -2.30
N ALA B 251 12.01 3.06 -2.83
CA ALA B 251 11.89 3.53 -4.20
C ALA B 251 12.46 4.93 -4.40
N LYS B 252 12.61 5.67 -3.30
CA LYS B 252 13.03 7.07 -3.38
C LYS B 252 14.44 7.33 -2.86
N ILE B 253 15.05 6.35 -2.20
CA ILE B 253 16.37 6.56 -1.60
C ILE B 253 17.49 5.80 -2.31
N SER B 254 17.24 5.36 -3.54
CA SER B 254 18.23 4.58 -4.27
C SER B 254 19.45 5.40 -4.69
N ASP B 255 19.28 6.72 -4.76
CA ASP B 255 20.37 7.60 -5.16
C ASP B 255 21.10 8.19 -3.95
N GLN B 256 20.85 7.63 -2.77
CA GLN B 256 21.58 8.01 -1.57
C GLN B 256 22.77 7.08 -1.40
N THR B 257 23.76 7.51 -0.62
CA THR B 257 24.91 6.66 -0.36
C THR B 257 24.44 5.40 0.37
N GLU B 258 25.24 4.34 0.30
CA GLU B 258 24.90 3.09 0.95
C GLU B 258 24.71 3.28 2.45
N ALA B 259 25.61 4.06 3.05
CA ALA B 259 25.55 4.33 4.49
C ALA B 259 24.27 5.07 4.84
N GLU B 260 23.89 6.03 4.00
CA GLU B 260 22.67 6.80 4.23
C GLU B 260 21.43 5.93 4.03
N GLN B 261 21.46 5.03 3.06
CA GLN B 261 20.35 4.11 2.83
C GLN B 261 20.17 3.20 4.03
N GLU B 262 21.28 2.79 4.64
CA GLU B 262 21.22 1.92 5.82
C GLU B 262 20.67 2.68 7.01
N ARG B 263 21.07 3.94 7.15
CA ARG B 263 20.58 4.78 8.24
C ARG B 263 19.07 4.96 8.13
N ILE B 264 18.61 5.26 6.93
CA ILE B 264 17.19 5.53 6.69
C ILE B 264 16.35 4.27 6.91
N LEU B 265 16.85 3.13 6.46
CA LEU B 265 16.14 1.87 6.66
C LEU B 265 16.14 1.47 8.13
N ALA B 266 17.22 1.78 8.83
CA ALA B 266 17.32 1.48 10.25
C ALA B 266 16.28 2.28 11.03
N ARG B 267 16.16 3.56 10.70
CA ARG B 267 15.15 4.40 11.33
C ARG B 267 13.76 3.88 11.03
N TYR B 268 13.57 3.38 9.81
CA TYR B 268 12.27 2.86 9.41
C TYR B 268 11.93 1.61 10.21
N GLU B 269 12.87 0.69 10.32
CA GLU B 269 12.65 -0.54 11.08
C GLU B 269 12.30 -0.20 12.52
N GLU B 270 12.96 0.82 13.07
CA GLU B 270 12.69 1.25 14.43
C GLU B 270 11.29 1.86 14.56
N SER B 271 10.78 2.42 13.47
CA SER B 271 9.47 3.05 13.49
C SER B 271 8.32 2.03 13.43
N ILE B 272 8.62 0.80 13.02
CA ILE B 272 7.58 -0.22 12.88
C ILE B 272 7.65 -1.30 13.96
N ILE B 273 8.50 -1.10 14.97
CA ILE B 273 8.61 -2.06 16.05
C ILE B 273 7.25 -2.37 16.68
N TYR B 274 6.49 -1.33 17.00
CA TYR B 274 5.16 -1.54 17.57
C TYR B 274 4.18 -2.03 16.52
N SER B 275 4.25 -1.47 15.32
CA SER B 275 3.34 -1.82 14.24
C SER B 275 3.37 -3.31 13.93
N ARG B 276 4.56 -3.91 13.97
CA ARG B 276 4.69 -5.34 13.67
C ARG B 276 3.98 -6.19 14.71
N ARG B 277 3.69 -5.61 15.88
CA ARG B 277 3.03 -6.33 16.96
C ARG B 277 1.54 -5.97 17.08
N VAL B 278 1.08 -5.04 16.26
CA VAL B 278 -0.27 -4.51 16.37
C VAL B 278 -1.10 -4.75 15.11
N GLY B 279 -0.56 -4.35 13.97
CA GLY B 279 -1.28 -4.45 12.72
C GLY B 279 -1.74 -3.08 12.27
N ASN B 280 -2.74 -3.05 11.39
CA ASN B 280 -3.20 -1.81 10.77
C ASN B 280 -4.16 -1.03 11.66
N LEU B 281 -3.82 0.24 11.93
CA LEU B 281 -4.69 1.10 12.72
C LEU B 281 -5.35 2.18 11.85
N TYR B 282 -5.22 2.04 10.54
CA TYR B 282 -5.80 3.00 9.59
C TYR B 282 -5.35 4.43 9.93
N THR B 283 -6.25 5.25 10.47
CA THR B 283 -5.91 6.63 10.80
C THR B 283 -4.74 6.73 11.78
N GLY B 284 -4.56 5.72 12.61
CA GLY B 284 -3.54 5.78 13.65
C GLY B 284 -2.19 5.20 13.25
N SER B 285 -2.11 4.63 12.04
CA SER B 285 -0.90 3.93 11.60
CA SER B 285 -0.91 3.93 11.59
C SER B 285 0.32 4.84 11.61
N LEU B 286 0.19 6.02 11.01
CA LEU B 286 1.30 6.97 10.97
C LEU B 286 1.77 7.34 12.37
N TYR B 287 0.81 7.54 13.27
CA TYR B 287 1.13 8.07 14.58
C TYR B 287 1.62 6.99 15.53
N LEU B 288 1.25 5.75 15.26
CA LEU B 288 1.86 4.63 15.97
C LEU B 288 3.33 4.58 15.60
N GLY B 289 3.62 4.83 14.34
CA GLY B 289 4.99 4.91 13.86
C GLY B 289 5.78 6.01 14.54
N LEU B 290 5.16 7.17 14.72
CA LEU B 290 5.79 8.27 15.43
C LEU B 290 6.12 7.86 16.86
N ILE B 291 5.16 7.24 17.55
CA ILE B 291 5.39 6.78 18.91
C ILE B 291 6.54 5.78 18.95
N SER B 292 6.54 4.85 18.00
CA SER B 292 7.60 3.84 17.94
C SER B 292 8.96 4.48 17.75
N LEU B 293 9.03 5.52 16.92
CA LEU B 293 10.28 6.25 16.76
C LEU B 293 10.71 6.88 18.08
N LEU B 294 9.79 7.57 18.74
CA LEU B 294 10.09 8.27 19.99
C LEU B 294 10.64 7.31 21.04
N GLU B 295 10.07 6.11 21.10
CA GLU B 295 10.34 5.19 22.20
C GLU B 295 11.34 4.09 21.85
N ASN B 296 11.59 3.87 20.56
CA ASN B 296 12.51 2.80 20.15
C ASN B 296 13.73 3.26 19.35
N ALA B 297 13.64 4.44 18.73
CA ALA B 297 14.79 5.01 18.04
C ALA B 297 15.60 5.82 19.04
N THR B 298 16.40 5.12 19.84
CA THR B 298 17.07 5.72 21.00
C THR B 298 18.19 6.70 20.65
N THR B 299 18.62 6.73 19.39
CA THR B 299 19.70 7.62 18.99
C THR B 299 19.19 8.97 18.50
N LEU B 300 17.88 9.13 18.44
CA LEU B 300 17.30 10.43 18.14
C LEU B 300 17.54 11.34 19.34
N THR B 301 17.59 12.65 19.09
CA THR B 301 17.86 13.61 20.15
C THR B 301 17.18 14.93 19.86
N ALA B 302 17.02 15.75 20.89
CA ALA B 302 16.38 17.05 20.75
C ALA B 302 17.04 17.85 19.63
N GLY B 303 16.22 18.42 18.76
CA GLY B 303 16.71 19.19 17.64
C GLY B 303 16.61 18.44 16.32
N ASN B 304 16.53 17.12 16.39
CA ASN B 304 16.40 16.31 15.19
C ASN B 304 15.09 16.60 14.47
N GLN B 305 15.11 16.42 13.15
CA GLN B 305 13.95 16.66 12.32
C GLN B 305 13.29 15.34 11.95
N ILE B 306 11.98 15.27 12.16
CA ILE B 306 11.21 14.08 11.83
C ILE B 306 10.26 14.39 10.68
N GLY B 307 10.35 13.61 9.61
CA GLY B 307 9.44 13.75 8.49
C GLY B 307 8.25 12.82 8.63
N LEU B 308 7.06 13.33 8.36
CA LEU B 308 5.85 12.53 8.48
C LEU B 308 5.08 12.48 7.17
N PHE B 309 4.79 11.27 6.71
CA PHE B 309 3.99 11.07 5.52
C PHE B 309 2.65 10.46 5.88
N SER B 310 1.58 11.22 5.65
CA SER B 310 0.23 10.76 5.93
C SER B 310 -0.48 10.45 4.62
N TYR B 311 -1.22 9.36 4.60
CA TYR B 311 -1.96 8.95 3.40
C TYR B 311 -3.36 8.49 3.77
N GLY B 312 -4.31 8.82 2.90
CA GLY B 312 -5.65 8.28 3.01
C GLY B 312 -6.13 7.85 1.64
N SER B 313 -6.66 6.63 1.54
CA SER B 313 -7.17 6.15 0.26
C SER B 313 -8.24 7.12 -0.24
N GLY B 314 -8.34 7.28 -1.56
CA GLY B 314 -9.39 8.10 -2.11
C GLY B 314 -9.06 9.13 -3.19
N ALA B 315 -7.91 9.79 -3.15
CA ALA B 315 -6.88 9.63 -2.14
C ALA B 315 -6.35 11.00 -1.75
N VAL B 316 -5.93 11.14 -0.49
CA VAL B 316 -5.38 12.40 0.00
C VAL B 316 -4.07 12.11 0.72
N ALA B 317 -3.08 12.98 0.56
CA ALA B 317 -1.79 12.77 1.19
C ALA B 317 -1.20 14.08 1.70
N GLU B 318 -0.29 13.98 2.65
CA GLU B 318 0.37 15.16 3.18
C GLU B 318 1.71 14.80 3.77
N PHE B 319 2.73 15.58 3.44
CA PHE B 319 4.04 15.45 4.08
C PHE B 319 4.31 16.70 4.92
N PHE B 320 4.75 16.50 6.16
CA PHE B 320 5.07 17.62 7.03
C PHE B 320 6.15 17.24 8.01
N THR B 321 6.71 18.23 8.69
CA THR B 321 7.88 18.00 9.55
C THR B 321 7.63 18.42 11.00
N GLY B 322 8.32 17.75 11.91
CA GLY B 322 8.32 18.13 13.31
C GLY B 322 9.72 18.09 13.86
N GLU B 323 9.98 18.88 14.89
CA GLU B 323 11.29 18.88 15.55
C GLU B 323 11.15 18.37 16.98
N LEU B 324 12.05 17.47 17.37
CA LEU B 324 12.04 16.92 18.71
C LEU B 324 12.42 17.99 19.73
N VAL B 325 11.63 18.07 20.80
CA VAL B 325 11.79 19.11 21.80
C VAL B 325 12.72 18.66 22.92
N ALA B 326 13.54 19.58 23.42
CA ALA B 326 14.44 19.30 24.53
C ALA B 326 13.65 18.69 25.69
N GLY B 327 14.10 17.53 26.15
CA GLY B 327 13.47 16.87 27.29
C GLY B 327 12.32 15.95 26.93
N TYR B 328 12.09 15.75 25.64
CA TYR B 328 10.95 14.94 25.18
C TYR B 328 11.01 13.53 25.78
N GLN B 329 12.22 13.06 26.05
CA GLN B 329 12.41 11.71 26.59
C GLN B 329 11.73 11.53 27.95
N ASN B 330 11.41 12.63 28.61
CA ASN B 330 10.78 12.59 29.92
C ASN B 330 9.26 12.63 29.86
N HIS B 331 8.71 12.59 28.65
CA HIS B 331 7.28 12.78 28.47
C HIS B 331 6.69 11.74 27.53
N LEU B 332 7.29 10.55 27.52
CA LEU B 332 6.80 9.45 26.72
C LEU B 332 6.01 8.48 27.60
N GLN B 333 5.55 7.39 27.01
CA GLN B 333 4.73 6.42 27.72
C GLN B 333 5.23 5.01 27.50
N LYS B 334 6.56 4.83 27.53
CA LYS B 334 7.15 3.54 27.18
C LYS B 334 6.72 2.44 28.13
N GLU B 335 6.70 2.72 29.43
CA GLU B 335 6.30 1.71 30.40
C GLU B 335 4.89 1.23 30.12
N THR B 336 3.96 2.17 29.95
CA THR B 336 2.57 1.82 29.71
C THR B 336 2.42 1.02 28.41
N HIS B 337 3.11 1.46 27.36
CA HIS B 337 2.97 0.82 26.05
C HIS B 337 3.54 -0.59 26.03
N LEU B 338 4.69 -0.78 26.66
CA LEU B 338 5.30 -2.10 26.72
C LEU B 338 4.43 -3.04 27.55
N ALA B 339 3.94 -2.54 28.68
CA ALA B 339 3.06 -3.33 29.53
C ALA B 339 1.79 -3.68 28.77
N LEU B 340 1.29 -2.73 27.98
CA LEU B 340 0.07 -2.95 27.21
C LEU B 340 0.24 -4.10 26.24
N LEU B 341 1.33 -4.10 25.48
CA LEU B 341 1.58 -5.13 24.49
C LEU B 341 1.88 -6.48 25.13
N ASP B 342 2.71 -6.46 26.18
CA ASP B 342 3.16 -7.70 26.81
C ASP B 342 2.07 -8.38 27.63
N ASN B 343 1.13 -7.60 28.16
CA ASN B 343 0.08 -8.14 29.01
C ASN B 343 -1.12 -8.66 28.23
N ARG B 344 -1.05 -8.61 26.91
CA ARG B 344 -2.13 -9.09 26.06
C ARG B 344 -2.24 -10.61 26.14
N THR B 345 -3.47 -11.10 25.98
CA THR B 345 -3.72 -12.54 25.94
C THR B 345 -3.66 -13.01 24.49
N GLU B 346 -2.87 -14.04 24.24
CA GLU B 346 -2.80 -14.63 22.91
C GLU B 346 -3.96 -15.59 22.70
N LEU B 347 -4.65 -15.42 21.57
CA LEU B 347 -5.78 -16.26 21.24
C LEU B 347 -5.35 -17.33 20.25
N SER B 348 -5.90 -18.52 20.40
CA SER B 348 -5.77 -19.55 19.38
C SER B 348 -6.54 -19.04 18.17
N ILE B 349 -6.33 -19.65 17.01
CA ILE B 349 -7.02 -19.20 15.82
C ILE B 349 -8.52 -19.49 15.93
N ALA B 350 -8.86 -20.59 16.61
CA ALA B 350 -10.26 -20.91 16.86
C ALA B 350 -10.92 -19.78 17.68
N GLU B 351 -10.25 -19.38 18.75
CA GLU B 351 -10.76 -18.31 19.60
C GLU B 351 -10.86 -17.00 18.82
N TYR B 352 -9.86 -16.76 17.96
CA TYR B 352 -9.85 -15.57 17.12
C TYR B 352 -11.02 -15.56 16.14
N GLU B 353 -11.25 -16.70 15.49
CA GLU B 353 -12.29 -16.79 14.48
C GLU B 353 -13.68 -16.63 15.09
N ALA B 354 -13.86 -17.14 16.31
CA ALA B 354 -15.12 -17.01 17.02
C ALA B 354 -15.36 -15.56 17.41
N MET B 355 -14.33 -14.91 17.93
CA MET B 355 -14.41 -13.51 18.35
C MET B 355 -14.66 -12.60 17.14
N PHE B 356 -13.95 -12.87 16.06
CA PHE B 356 -14.04 -12.06 14.84
C PHE B 356 -15.41 -12.16 14.20
N ALA B 357 -16.00 -13.35 14.26
CA ALA B 357 -17.24 -13.63 13.54
C ALA B 357 -18.46 -13.00 14.20
N GLU B 358 -18.40 -12.77 15.50
CA GLU B 358 -19.51 -12.16 16.20
C GLU B 358 -19.77 -10.76 15.67
N THR B 359 -21.04 -10.35 15.67
CA THR B 359 -21.41 -9.03 15.20
C THR B 359 -22.41 -8.39 16.16
N LEU B 360 -22.15 -7.15 16.53
CA LEU B 360 -23.04 -6.42 17.41
C LEU B 360 -24.27 -5.95 16.63
N ASP B 361 -25.45 -6.39 17.06
CA ASP B 361 -26.70 -5.94 16.48
C ASP B 361 -27.33 -4.91 17.41
N THR B 362 -27.20 -3.65 17.05
CA THR B 362 -27.63 -2.55 17.91
C THR B 362 -29.16 -2.41 17.98
N ASP B 363 -29.87 -3.14 17.12
CA ASP B 363 -31.32 -3.07 17.12
C ASP B 363 -31.94 -3.97 18.20
N ILE B 364 -31.10 -4.68 18.93
CA ILE B 364 -31.57 -5.54 20.01
C ILE B 364 -30.97 -5.07 21.33
N ASP B 365 -31.80 -4.86 22.34
CA ASP B 365 -31.31 -4.49 23.66
C ASP B 365 -30.53 -5.67 24.25
N GLN B 366 -29.42 -5.39 24.91
CA GLN B 366 -28.59 -6.46 25.44
C GLN B 366 -27.58 -5.96 26.46
N THR B 367 -27.09 -6.89 27.27
CA THR B 367 -26.05 -6.62 28.24
C THR B 367 -24.75 -7.26 27.78
N LEU B 368 -23.64 -6.56 27.91
CA LEU B 368 -22.34 -7.11 27.54
C LEU B 368 -21.36 -7.09 28.70
N GLU B 369 -20.61 -8.18 28.86
CA GLU B 369 -19.63 -8.30 29.92
C GLU B 369 -18.24 -8.20 29.32
N ASP B 370 -17.38 -7.39 29.94
CA ASP B 370 -16.03 -7.18 29.48
C ASP B 370 -15.28 -6.51 30.61
N GLU B 371 -14.06 -6.96 30.89
CA GLU B 371 -13.31 -6.44 32.02
C GLU B 371 -12.67 -5.09 31.70
N LEU B 372 -12.56 -4.77 30.41
CA LEU B 372 -11.85 -3.56 29.99
C LEU B 372 -12.65 -2.29 30.24
N LYS B 373 -11.98 -1.29 30.82
CA LYS B 373 -12.60 0.01 31.05
C LYS B 373 -13.05 0.60 29.71
N TYR B 374 -14.22 1.23 29.71
CA TYR B 374 -14.76 1.90 28.53
C TYR B 374 -15.19 0.92 27.43
N SER B 375 -15.29 -0.36 27.77
CA SER B 375 -15.92 -1.31 26.87
C SER B 375 -17.43 -1.11 26.95
N ILE B 376 -18.15 -1.65 25.98
CA ILE B 376 -19.61 -1.52 25.95
C ILE B 376 -20.24 -2.36 27.06
N SER B 377 -21.13 -1.75 27.83
CA SER B 377 -21.79 -2.44 28.94
C SER B 377 -23.21 -2.86 28.59
N ALA B 378 -23.85 -2.13 27.70
CA ALA B 378 -25.23 -2.42 27.32
C ALA B 378 -25.65 -1.66 26.07
N ILE B 379 -26.67 -2.19 25.41
CA ILE B 379 -27.34 -1.49 24.32
C ILE B 379 -28.79 -1.25 24.73
N ASN B 380 -29.22 0.00 24.68
CA ASN B 380 -30.61 0.35 24.96
C ASN B 380 -31.14 1.27 23.87
N ASN B 381 -32.11 0.77 23.09
CA ASN B 381 -32.69 1.55 22.01
C ASN B 381 -31.61 2.04 21.06
N THR B 382 -30.71 1.12 20.72
CA THR B 382 -29.58 1.37 19.82
C THR B 382 -28.46 2.20 20.44
N VAL B 383 -28.68 2.71 21.65
CA VAL B 383 -27.67 3.54 22.31
C VAL B 383 -26.69 2.69 23.11
N ARG B 384 -25.41 2.94 22.92
CA ARG B 384 -24.37 2.22 23.65
C ARG B 384 -24.02 2.91 24.96
N SER B 385 -23.96 2.13 26.03
CA SER B 385 -23.42 2.60 27.30
C SER B 385 -22.03 2.00 27.48
N TYR B 386 -21.17 2.73 28.18
CA TYR B 386 -19.80 2.28 28.39
C TYR B 386 -19.52 2.19 29.89
N ARG B 387 -18.83 1.13 30.30
CA ARG B 387 -18.59 0.90 31.72
C ARG B 387 -17.43 1.72 32.26
N ASN B 388 -17.49 2.00 33.55
CA ASN B 388 -16.47 2.76 34.27
C ASN B 388 -16.51 4.25 33.94
N MET C 6 -11.14 -29.66 -46.37
CA MET C 6 -10.86 -29.43 -44.92
C MET C 6 -10.20 -28.06 -44.75
N THR C 7 -10.94 -27.12 -44.16
CA THR C 7 -10.44 -25.76 -44.00
C THR C 7 -9.26 -25.69 -43.04
N ILE C 8 -8.42 -24.68 -43.24
CA ILE C 8 -7.24 -24.48 -42.42
C ILE C 8 -7.00 -22.99 -42.26
N GLY C 9 -6.63 -22.55 -41.05
CA GLY C 9 -6.29 -21.16 -40.86
C GLY C 9 -6.28 -20.69 -39.41
N ILE C 10 -6.67 -19.44 -39.21
CA ILE C 10 -6.59 -18.80 -37.90
C ILE C 10 -7.81 -19.14 -37.05
N ASP C 11 -7.56 -19.85 -35.95
CA ASP C 11 -8.62 -20.26 -35.04
C ASP C 11 -8.86 -19.22 -33.97
N LYS C 12 -7.76 -18.66 -33.46
CA LYS C 12 -7.83 -17.61 -32.44
C LYS C 12 -6.70 -16.63 -32.67
N ILE C 13 -6.94 -15.36 -32.33
CA ILE C 13 -5.94 -14.33 -32.55
C ILE C 13 -6.10 -13.20 -31.54
N SER C 14 -4.98 -12.76 -30.99
CA SER C 14 -4.97 -11.72 -29.96
CA SER C 14 -4.99 -11.69 -29.99
C SER C 14 -3.70 -10.89 -30.06
N PHE C 15 -3.70 -9.71 -29.44
CA PHE C 15 -2.51 -8.88 -29.40
C PHE C 15 -2.29 -8.34 -27.99
N PHE C 16 -1.05 -7.97 -27.70
CA PHE C 16 -0.70 -7.36 -26.43
C PHE C 16 0.26 -6.20 -26.66
N VAL C 17 0.00 -5.09 -25.97
CA VAL C 17 0.90 -3.95 -25.99
C VAL C 17 1.22 -3.55 -24.56
N PRO C 18 2.39 -2.94 -24.34
CA PRO C 18 2.80 -2.52 -22.99
C PRO C 18 1.79 -1.57 -22.35
N PRO C 19 1.81 -1.48 -21.02
CA PRO C 19 0.83 -0.67 -20.27
C PRO C 19 1.16 0.83 -20.23
N TYR C 20 1.92 1.32 -21.22
CA TYR C 20 2.22 2.75 -21.29
C TYR C 20 2.10 3.27 -22.71
N TYR C 21 1.80 4.57 -22.84
CA TYR C 21 1.76 5.21 -24.14
C TYR C 21 2.05 6.71 -24.01
N ILE C 22 2.44 7.33 -25.11
CA ILE C 22 2.54 8.78 -25.18
C ILE C 22 1.57 9.30 -26.23
N ASP C 23 1.01 10.47 -25.99
CA ASP C 23 0.09 11.08 -26.93
C ASP C 23 0.88 11.83 -28.00
N MET C 24 0.49 11.67 -29.25
CA MET C 24 1.26 12.22 -30.38
C MET C 24 1.18 13.75 -30.43
N THR C 25 0.09 14.32 -29.92
CA THR C 25 0.01 15.78 -29.79
C THR C 25 1.10 16.24 -28.84
N ALA C 26 1.21 15.55 -27.72
CA ALA C 26 2.22 15.86 -26.71
C ALA C 26 3.62 15.74 -27.29
N LEU C 27 3.83 14.73 -28.13
CA LEU C 27 5.13 14.52 -28.77
C LEU C 27 5.42 15.65 -29.74
N ALA C 28 4.41 16.04 -30.51
CA ALA C 28 4.56 17.12 -31.48
C ALA C 28 5.03 18.40 -30.79
N GLU C 29 4.36 18.77 -29.71
CA GLU C 29 4.67 19.99 -28.99
C GLU C 29 6.06 19.95 -28.35
N ALA C 30 6.51 18.75 -27.99
CA ALA C 30 7.83 18.59 -27.38
C ALA C 30 8.93 18.67 -28.44
N ARG C 31 8.61 18.22 -29.65
CA ARG C 31 9.56 18.26 -30.76
C ARG C 31 9.42 19.55 -31.55
N ASN C 32 8.55 20.44 -31.09
CA ASN C 32 8.33 21.72 -31.75
C ASN C 32 7.95 21.54 -33.22
N VAL C 33 7.07 20.57 -33.48
CA VAL C 33 6.51 20.37 -34.81
C VAL C 33 4.99 20.39 -34.69
N ASP C 34 4.30 20.63 -35.80
CA ASP C 34 2.85 20.76 -35.77
C ASP C 34 2.19 19.41 -35.49
N PRO C 35 1.25 19.37 -34.54
CA PRO C 35 0.51 18.14 -34.21
C PRO C 35 -0.04 17.45 -35.46
N GLY C 36 -0.44 18.24 -36.45
CA GLY C 36 -0.99 17.71 -37.68
C GLY C 36 -0.02 16.80 -38.42
N LYS C 37 1.27 17.06 -38.25
CA LYS C 37 2.30 16.26 -38.89
C LYS C 37 2.18 14.79 -38.53
N PHE C 38 1.73 14.52 -37.30
CA PHE C 38 1.61 13.15 -36.82
C PHE C 38 0.20 12.61 -36.98
N HIS C 39 -0.80 13.37 -36.56
CA HIS C 39 -2.19 12.92 -36.62
C HIS C 39 -2.67 12.74 -38.05
N ILE C 40 -2.15 13.56 -38.96
CA ILE C 40 -2.59 13.52 -40.36
C ILE C 40 -1.50 13.05 -41.31
N GLY C 41 -0.30 13.62 -41.17
CA GLY C 41 0.81 13.28 -42.04
C GLY C 41 1.16 11.81 -41.99
N ILE C 42 1.31 11.29 -40.78
CA ILE C 42 1.64 9.88 -40.58
C ILE C 42 0.38 9.07 -40.28
N GLY C 43 -0.56 9.68 -39.56
CA GLY C 43 -1.80 9.01 -39.23
C GLY C 43 -1.72 8.21 -37.94
N GLN C 44 -1.09 8.80 -36.93
CA GLN C 44 -0.91 8.14 -35.64
C GLN C 44 -1.36 9.05 -34.49
N ASP C 45 -1.92 8.45 -33.45
CA ASP C 45 -2.50 9.22 -32.35
C ASP C 45 -1.85 8.91 -31.00
N GLN C 46 -1.58 7.63 -30.75
CA GLN C 46 -0.95 7.20 -29.50
C GLN C 46 0.16 6.19 -29.80
N MET C 47 1.28 6.33 -29.10
CA MET C 47 2.44 5.47 -29.32
C MET C 47 2.69 4.55 -28.12
N ALA C 48 2.73 3.24 -28.38
CA ALA C 48 3.03 2.26 -27.34
C ALA C 48 4.49 2.37 -26.92
N VAL C 49 4.73 2.38 -25.62
CA VAL C 49 6.07 2.50 -25.08
C VAL C 49 6.27 1.50 -23.94
N ASN C 50 7.47 0.93 -23.85
CA ASN C 50 7.75 -0.07 -22.82
C ASN C 50 9.10 0.17 -22.15
N PRO C 51 9.20 -0.21 -20.86
CA PRO C 51 10.46 -0.13 -20.11
C PRO C 51 11.37 -1.31 -20.41
N ILE C 52 12.64 -1.22 -20.03
CA ILE C 52 13.61 -2.29 -20.31
C ILE C 52 13.24 -3.60 -19.62
N SER C 53 12.31 -3.54 -18.65
CA SER C 53 11.88 -4.74 -17.95
C SER C 53 10.93 -5.58 -18.80
N GLN C 54 10.68 -5.15 -20.04
CA GLN C 54 9.78 -5.87 -20.93
C GLN C 54 10.40 -6.08 -22.31
N ASP C 55 10.48 -7.34 -22.75
CA ASP C 55 11.01 -7.67 -24.07
C ASP C 55 9.99 -8.44 -24.89
N ILE C 56 10.41 -8.97 -26.03
CA ILE C 56 9.47 -9.66 -26.93
C ILE C 56 8.87 -10.92 -26.30
N VAL C 57 9.61 -11.57 -25.40
CA VAL C 57 9.07 -12.73 -24.70
C VAL C 57 7.89 -12.30 -23.83
N THR C 58 8.05 -11.17 -23.15
CA THR C 58 6.99 -10.62 -22.33
C THR C 58 5.72 -10.42 -23.15
N PHE C 59 5.86 -9.82 -24.32
CA PHE C 59 4.70 -9.51 -25.16
C PHE C 59 4.11 -10.77 -25.78
N ALA C 60 4.98 -11.66 -26.25
CA ALA C 60 4.54 -12.90 -26.88
C ALA C 60 3.79 -13.77 -25.87
N ALA C 61 4.33 -13.86 -24.67
CA ALA C 61 3.72 -14.69 -23.62
C ALA C 61 2.35 -14.16 -23.24
N ASN C 62 2.24 -12.85 -23.06
CA ASN C 62 0.98 -12.24 -22.67
C ASN C 62 -0.07 -12.37 -23.76
N ALA C 63 0.34 -12.24 -25.02
CA ALA C 63 -0.58 -12.35 -26.13
C ALA C 63 -1.09 -13.77 -26.30
N ALA C 64 -0.18 -14.73 -26.19
CA ALA C 64 -0.55 -16.14 -26.36
C ALA C 64 -1.40 -16.63 -25.19
N GLU C 65 -1.09 -16.16 -23.99
CA GLU C 65 -1.84 -16.55 -22.80
C GLU C 65 -3.32 -16.21 -22.94
N ALA C 66 -3.63 -15.20 -23.75
CA ALA C 66 -5.00 -14.73 -23.90
C ALA C 66 -5.87 -15.71 -24.71
N ILE C 67 -5.26 -16.61 -25.47
CA ILE C 67 -6.03 -17.47 -26.37
C ILE C 67 -5.83 -18.98 -26.17
N LEU C 68 -4.91 -19.38 -25.30
CA LEU C 68 -4.60 -20.81 -25.16
C LEU C 68 -5.37 -21.50 -24.05
N THR C 69 -6.04 -22.60 -24.41
CA THR C 69 -6.71 -23.47 -23.46
C THR C 69 -5.79 -24.64 -23.12
N LYS C 70 -6.20 -25.45 -22.15
CA LYS C 70 -5.42 -26.64 -21.79
C LYS C 70 -5.34 -27.61 -22.96
N GLU C 71 -6.41 -27.68 -23.74
CA GLU C 71 -6.45 -28.59 -24.88
C GLU C 71 -5.59 -28.08 -26.03
N ASP C 72 -5.55 -26.76 -26.22
CA ASP C 72 -4.66 -26.17 -27.21
C ASP C 72 -3.22 -26.55 -26.92
N LYS C 73 -2.85 -26.49 -25.64
CA LYS C 73 -1.47 -26.74 -25.23
C LYS C 73 -1.05 -28.18 -25.45
N GLU C 74 -2.01 -29.10 -25.49
CA GLU C 74 -1.72 -30.50 -25.77
C GLU C 74 -1.66 -30.75 -27.28
N ALA C 75 -2.44 -29.99 -28.04
CA ALA C 75 -2.55 -30.20 -29.48
C ALA C 75 -1.43 -29.49 -30.26
N ILE C 76 -0.79 -28.52 -29.63
CA ILE C 76 0.27 -27.76 -30.30
C ILE C 76 1.58 -28.55 -30.32
N ASP C 77 2.10 -28.80 -31.51
CA ASP C 77 3.38 -29.49 -31.64
C ASP C 77 4.39 -28.66 -32.44
N MET C 78 4.11 -27.38 -32.62
CA MET C 78 5.06 -26.45 -33.22
C MET C 78 4.80 -25.04 -32.71
N VAL C 79 5.88 -24.36 -32.31
CA VAL C 79 5.79 -22.99 -31.80
C VAL C 79 6.75 -22.10 -32.59
N ILE C 80 6.20 -21.05 -33.20
CA ILE C 80 7.00 -20.18 -34.05
C ILE C 80 6.89 -18.72 -33.61
N VAL C 81 8.04 -18.05 -33.50
CA VAL C 81 8.07 -16.63 -33.23
C VAL C 81 8.70 -15.88 -34.40
N GLY C 82 7.97 -14.93 -34.97
CA GLY C 82 8.50 -14.08 -36.01
C GLY C 82 8.88 -12.74 -35.42
N THR C 83 10.10 -12.30 -35.69
CA THR C 83 10.61 -11.08 -35.05
C THR C 83 11.86 -10.55 -35.73
N GLU C 84 12.12 -9.26 -35.51
CA GLU C 84 13.39 -8.64 -35.87
C GLU C 84 13.93 -7.88 -34.67
N SER C 85 13.48 -8.27 -33.48
CA SER C 85 13.88 -7.63 -32.23
C SER C 85 14.46 -8.66 -31.28
N SER C 86 15.19 -9.62 -31.83
CA SER C 86 15.71 -10.75 -31.05
C SER C 86 16.64 -10.30 -29.93
N ILE C 87 16.74 -11.13 -28.89
CA ILE C 87 17.62 -10.85 -27.76
C ILE C 87 18.74 -11.89 -27.69
N ASP C 88 18.75 -12.81 -28.65
CA ASP C 88 19.81 -13.81 -28.74
C ASP C 88 20.06 -14.14 -30.20
N GLU C 89 21.31 -14.41 -30.53
CA GLU C 89 21.70 -14.72 -31.91
C GLU C 89 21.56 -16.21 -32.21
N SER C 90 21.34 -17.00 -31.16
CA SER C 90 21.29 -18.45 -31.30
C SER C 90 19.96 -19.03 -30.81
N LYS C 91 19.61 -18.74 -29.56
CA LYS C 91 18.44 -19.35 -28.94
C LYS C 91 17.15 -18.67 -29.39
N ALA C 92 16.27 -19.46 -30.00
CA ALA C 92 14.98 -18.98 -30.49
C ALA C 92 14.11 -18.50 -29.33
N ALA C 93 13.48 -17.34 -29.49
CA ALA C 93 12.56 -16.82 -28.49
C ALA C 93 11.40 -17.78 -28.28
N ALA C 94 11.14 -18.61 -29.28
CA ALA C 94 10.03 -19.56 -29.23
C ALA C 94 10.22 -20.60 -28.13
N VAL C 95 11.47 -20.91 -27.80
CA VAL C 95 11.76 -21.92 -26.79
C VAL C 95 11.26 -21.49 -25.42
N VAL C 96 11.57 -20.26 -25.03
CA VAL C 96 11.11 -19.75 -23.75
C VAL C 96 9.59 -19.60 -23.75
N LEU C 97 9.05 -19.17 -24.89
CA LEU C 97 7.60 -19.05 -25.02
C LEU C 97 6.95 -20.41 -24.82
N HIS C 98 7.57 -21.44 -25.38
CA HIS C 98 7.07 -22.80 -25.24
C HIS C 98 6.98 -23.19 -23.76
N ARG C 99 7.99 -22.83 -22.98
CA ARG C 99 7.98 -23.13 -21.56
C ARG C 99 6.89 -22.35 -20.84
N LEU C 100 6.88 -21.04 -21.03
CA LEU C 100 5.96 -20.17 -20.30
C LEU C 100 4.50 -20.55 -20.55
N MET C 101 4.20 -21.01 -21.75
CA MET C 101 2.83 -21.35 -22.13
C MET C 101 2.45 -22.78 -21.73
N GLY C 102 3.39 -23.51 -21.15
CA GLY C 102 3.11 -24.86 -20.68
C GLY C 102 2.64 -25.77 -21.79
N ILE C 103 3.19 -25.60 -22.98
CA ILE C 103 2.86 -26.44 -24.12
C ILE C 103 3.54 -27.80 -23.97
N GLN C 104 2.90 -28.85 -24.48
CA GLN C 104 3.41 -30.20 -24.34
C GLN C 104 4.81 -30.31 -24.96
N PRO C 105 5.66 -31.16 -24.37
CA PRO C 105 7.10 -31.18 -24.67
C PRO C 105 7.47 -31.62 -26.08
N PHE C 106 6.70 -32.51 -26.68
CA PHE C 106 7.08 -33.06 -27.98
C PHE C 106 6.67 -32.14 -29.13
N ALA C 107 7.33 -31.00 -29.20
CA ALA C 107 7.05 -29.98 -30.22
C ALA C 107 8.35 -29.36 -30.67
N ARG C 108 8.39 -28.85 -31.90
CA ARG C 108 9.57 -28.13 -32.37
C ARG C 108 9.32 -26.63 -32.23
N SER C 109 10.36 -25.90 -31.87
CA SER C 109 10.26 -24.46 -31.62
C SER C 109 11.38 -23.74 -32.35
N PHE C 110 11.05 -22.65 -33.03
CA PHE C 110 12.08 -21.86 -33.69
C PHE C 110 11.62 -20.44 -34.00
N GLU C 111 12.57 -19.62 -34.41
CA GLU C 111 12.36 -18.21 -34.67
C GLU C 111 12.56 -17.95 -36.15
N ILE C 112 11.70 -17.12 -36.74
CA ILE C 112 11.85 -16.75 -38.16
C ILE C 112 12.24 -15.28 -38.27
N LYS C 113 13.20 -15.00 -39.13
CA LYS C 113 13.66 -13.64 -39.35
C LYS C 113 13.60 -13.24 -40.81
N GLU C 114 12.76 -12.24 -41.10
CA GLU C 114 12.76 -11.56 -42.38
C GLU C 114 11.97 -10.27 -42.20
N ALA C 115 12.59 -9.32 -41.50
CA ALA C 115 11.96 -8.04 -41.20
C ALA C 115 10.52 -8.23 -40.72
N SNC C 116 9.58 -7.48 -41.29
CA SNC C 116 8.19 -7.52 -40.86
CB SNC C 116 7.57 -6.19 -41.19
SG SNC C 116 8.33 -4.76 -40.51
ND SNC C 116 9.44 -4.19 -41.56
OE SNC C 116 9.56 -4.69 -42.66
C SNC C 116 7.41 -8.62 -41.49
O SNC C 116 6.16 -8.64 -41.37
N TYR C 117 8.08 -9.54 -42.16
CA TYR C 117 7.43 -10.64 -42.85
C TYR C 117 7.53 -11.95 -42.07
N GLY C 118 8.40 -11.97 -41.06
CA GLY C 118 8.70 -13.19 -40.32
C GLY C 118 7.48 -13.98 -39.87
N ALA C 119 6.50 -13.30 -39.29
CA ALA C 119 5.32 -13.97 -38.75
C ALA C 119 4.45 -14.54 -39.88
N THR C 120 4.42 -13.85 -41.02
CA THR C 120 3.66 -14.34 -42.16
C THR C 120 4.25 -15.66 -42.65
N ALA C 121 5.57 -15.71 -42.75
CA ALA C 121 6.24 -16.95 -43.09
C ALA C 121 5.78 -18.02 -42.12
N GLY C 122 5.76 -17.67 -40.84
CA GLY C 122 5.30 -18.58 -39.80
C GLY C 122 3.90 -19.09 -40.05
N LEU C 123 2.99 -18.18 -40.40
CA LEU C 123 1.59 -18.54 -40.61
C LEU C 123 1.41 -19.53 -41.75
N GLN C 124 2.13 -19.33 -42.85
CA GLN C 124 1.98 -20.18 -44.03
C GLN C 124 2.48 -21.60 -43.76
N LEU C 125 3.60 -21.71 -43.05
CA LEU C 125 4.16 -23.02 -42.72
C LEU C 125 3.24 -23.75 -41.76
N ALA C 126 2.69 -23.01 -40.82
CA ALA C 126 1.73 -23.56 -39.88
C ALA C 126 0.56 -24.14 -40.64
N LYS C 127 0.09 -23.41 -41.64
CA LYS C 127 -1.04 -23.84 -42.46
C LYS C 127 -0.75 -25.18 -43.12
N ASN C 128 0.41 -25.28 -43.76
CA ASN C 128 0.80 -26.54 -44.41
C ASN C 128 0.91 -27.67 -43.39
N HIS C 129 1.50 -27.37 -42.24
CA HIS C 129 1.71 -28.36 -41.21
C HIS C 129 0.40 -29.00 -40.75
N VAL C 130 -0.58 -28.17 -40.47
CA VAL C 130 -1.88 -28.64 -39.97
CA VAL C 130 -1.86 -28.66 -39.96
C VAL C 130 -2.69 -29.28 -41.08
N ALA C 131 -2.51 -28.79 -42.30
CA ALA C 131 -3.20 -29.36 -43.45
C ALA C 131 -2.80 -30.82 -43.58
N LEU C 132 -1.55 -31.11 -43.24
CA LEU C 132 -1.01 -32.46 -43.33
C LEU C 132 -1.21 -33.23 -42.03
N HIS C 133 -1.45 -32.50 -40.94
CA HIS C 133 -1.70 -33.11 -39.64
C HIS C 133 -2.89 -32.43 -38.97
N PRO C 134 -4.11 -32.81 -39.38
CA PRO C 134 -5.37 -32.17 -39.01
C PRO C 134 -5.63 -32.05 -37.51
N ASP C 135 -5.09 -32.96 -36.71
CA ASP C 135 -5.37 -32.97 -35.28
C ASP C 135 -4.41 -32.10 -34.48
N LYS C 136 -3.41 -31.54 -35.15
CA LYS C 136 -2.42 -30.71 -34.47
C LYS C 136 -2.70 -29.23 -34.68
N LYS C 137 -2.12 -28.40 -33.82
CA LYS C 137 -2.23 -26.96 -33.93
C LYS C 137 -0.84 -26.33 -33.89
N VAL C 138 -0.76 -25.07 -34.28
CA VAL C 138 0.50 -24.35 -34.26
C VAL C 138 0.31 -22.97 -33.63
N LEU C 139 1.25 -22.61 -32.76
CA LEU C 139 1.26 -21.27 -32.18
C LEU C 139 2.25 -20.39 -32.94
N VAL C 140 1.73 -19.37 -33.60
CA VAL C 140 2.57 -18.42 -34.32
C VAL C 140 2.42 -17.05 -33.67
N VAL C 141 3.53 -16.46 -33.24
CA VAL C 141 3.47 -15.16 -32.59
C VAL C 141 4.41 -14.14 -33.24
N ALA C 142 3.84 -13.01 -33.62
CA ALA C 142 4.63 -11.87 -34.04
C ALA C 142 4.96 -11.06 -32.79
N ALA C 143 6.22 -10.68 -32.64
CA ALA C 143 6.64 -9.89 -31.49
C ALA C 143 7.79 -8.96 -31.89
N ASP C 144 7.67 -7.69 -31.54
CA ASP C 144 8.69 -6.71 -31.92
C ASP C 144 8.65 -5.44 -31.10
N ILE C 145 9.80 -4.77 -31.05
CA ILE C 145 9.92 -3.49 -30.38
C ILE C 145 10.56 -2.49 -31.34
N ALA C 146 9.76 -1.57 -31.86
CA ALA C 146 10.21 -0.64 -32.88
C ALA C 146 10.62 0.69 -32.28
N LYS C 147 11.92 0.84 -32.03
CA LYS C 147 12.46 2.10 -31.51
C LYS C 147 13.45 2.68 -32.51
N TYR C 148 13.35 3.98 -32.74
CA TYR C 148 14.23 4.66 -33.70
C TYR C 148 15.15 5.66 -33.00
N GLY C 149 14.71 6.18 -31.86
CA GLY C 149 15.54 7.05 -31.06
C GLY C 149 14.89 8.40 -30.79
N LEU C 150 15.22 8.98 -29.65
CA LEU C 150 14.70 10.30 -29.29
C LEU C 150 15.17 11.35 -30.30
N ASN C 151 14.22 12.13 -30.80
CA ASN C 151 14.52 13.19 -31.77
C ASN C 151 15.03 12.66 -33.10
N SER C 152 14.73 11.41 -33.41
CA SER C 152 15.06 10.85 -34.71
C SER C 152 13.86 11.02 -35.64
N GLY C 153 14.10 10.91 -36.95
CA GLY C 153 13.05 11.06 -37.93
C GLY C 153 11.96 10.02 -37.76
N GLY C 154 12.34 8.82 -37.36
CA GLY C 154 11.39 7.70 -37.25
C GLY C 154 10.69 7.60 -35.92
N GLU C 155 11.04 8.47 -34.97
CA GLU C 155 10.49 8.40 -33.62
C GLU C 155 8.96 8.34 -33.61
N PRO C 156 8.31 9.08 -34.50
CA PRO C 156 6.84 9.13 -34.49
C PRO C 156 6.15 7.84 -34.92
N THR C 157 6.90 6.91 -35.52
CA THR C 157 6.32 5.66 -36.01
C THR C 157 6.55 4.50 -35.03
N GLN C 158 7.24 4.79 -33.94
CA GLN C 158 7.61 3.76 -32.97
C GLN C 158 6.41 3.00 -32.44
N GLY C 159 6.67 1.83 -31.87
CA GLY C 159 5.63 0.97 -31.32
C GLY C 159 6.22 -0.25 -30.65
N ALA C 160 5.35 -1.09 -30.08
CA ALA C 160 5.81 -2.29 -29.40
C ALA C 160 4.63 -3.18 -29.03
N GLY C 161 4.83 -4.49 -29.11
CA GLY C 161 3.81 -5.44 -28.74
C GLY C 161 3.97 -6.77 -29.46
N ALA C 162 2.91 -7.57 -29.45
CA ALA C 162 2.92 -8.86 -30.12
C ALA C 162 1.53 -9.25 -30.57
N VAL C 163 1.45 -10.13 -31.56
CA VAL C 163 0.18 -10.69 -31.99
C VAL C 163 0.30 -12.21 -32.06
N ALA C 164 -0.51 -12.90 -31.26
CA ALA C 164 -0.48 -14.35 -31.23
C ALA C 164 -1.61 -14.94 -32.06
N MET C 165 -1.29 -15.98 -32.82
CA MET C 165 -2.26 -16.66 -33.65
C MET C 165 -2.23 -18.15 -33.39
N LEU C 166 -3.40 -18.76 -33.22
CA LEU C 166 -3.49 -20.20 -33.10
C LEU C 166 -4.00 -20.77 -34.41
N VAL C 167 -3.19 -21.61 -35.04
CA VAL C 167 -3.51 -22.16 -36.34
C VAL C 167 -4.01 -23.59 -36.21
N SER C 168 -5.14 -23.90 -36.84
CA SER C 168 -5.71 -25.23 -36.75
C SER C 168 -6.56 -25.55 -37.97
N SER C 169 -7.01 -26.80 -38.05
CA SER C 169 -7.98 -27.20 -39.06
C SER C 169 -9.36 -26.79 -38.57
N GLU C 170 -10.28 -26.57 -39.51
CA GLU C 170 -11.60 -26.08 -39.17
C GLU C 170 -11.50 -24.90 -38.21
N PRO C 171 -10.74 -23.86 -38.62
CA PRO C 171 -10.55 -22.65 -37.83
C PRO C 171 -11.88 -21.92 -37.60
N ARG C 172 -12.01 -21.27 -36.44
CA ARG C 172 -13.25 -20.59 -36.09
C ARG C 172 -13.32 -19.15 -36.59
N ILE C 173 -12.20 -18.61 -37.07
CA ILE C 173 -12.16 -17.22 -37.50
C ILE C 173 -11.90 -17.06 -39.00
N LEU C 174 -10.68 -17.37 -39.44
CA LEU C 174 -10.31 -17.14 -40.84
C LEU C 174 -9.77 -18.40 -41.51
N ALA C 175 -10.46 -18.84 -42.56
CA ALA C 175 -10.01 -19.97 -43.36
C ALA C 175 -9.14 -19.46 -44.51
N LEU C 176 -7.90 -19.95 -44.58
CA LEU C 176 -6.94 -19.49 -45.56
C LEU C 176 -7.06 -20.24 -46.87
N LYS C 177 -6.99 -19.51 -47.98
CA LYS C 177 -7.05 -20.11 -49.31
C LYS C 177 -5.65 -20.46 -49.79
N GLU C 178 -5.56 -21.17 -50.91
CA GLU C 178 -4.29 -21.55 -51.49
C GLU C 178 -3.99 -20.70 -52.73
N ASP C 179 -4.05 -19.38 -52.57
CA ASP C 179 -3.84 -18.46 -53.68
C ASP C 179 -2.61 -17.59 -53.42
N ASN C 180 -1.69 -18.09 -52.61
CA ASN C 180 -0.51 -17.32 -52.22
C ASN C 180 0.31 -16.86 -53.41
N VAL C 181 0.71 -15.59 -53.38
CA VAL C 181 1.68 -15.06 -54.34
C VAL C 181 2.80 -14.37 -53.59
N MET C 182 4.00 -14.93 -53.69
CA MET C 182 5.15 -14.44 -52.92
C MET C 182 6.12 -13.73 -53.85
N LEU C 183 6.99 -12.90 -53.29
CA LEU C 183 7.96 -12.14 -54.08
C LEU C 183 9.18 -11.74 -53.26
N THR C 184 10.36 -12.01 -53.80
CA THR C 184 11.62 -11.58 -53.16
C THR C 184 12.41 -10.66 -54.07
N GLN C 185 12.93 -9.58 -53.49
CA GLN C 185 13.78 -8.64 -54.22
C GLN C 185 14.87 -8.11 -53.28
N ASP C 186 16.12 -8.23 -53.69
CA ASP C 186 17.24 -7.76 -52.87
C ASP C 186 17.32 -6.24 -52.93
N ILE C 187 16.74 -5.59 -51.94
CA ILE C 187 16.69 -4.13 -51.88
C ILE C 187 16.98 -3.64 -50.47
N TYR C 188 17.91 -2.70 -50.34
CA TYR C 188 18.28 -2.16 -49.03
C TYR C 188 17.54 -0.86 -48.72
N ASP C 189 16.26 -0.99 -48.40
CA ASP C 189 15.45 0.15 -47.97
C ASP C 189 15.47 0.27 -46.46
N PHE C 190 15.58 -0.87 -45.79
CA PHE C 190 15.52 -0.92 -44.34
C PHE C 190 16.21 -2.20 -43.88
N TRP C 191 17.20 -2.06 -43.01
CA TRP C 191 17.95 -3.19 -42.49
C TRP C 191 18.68 -2.80 -41.22
N ARG C 192 19.16 -3.78 -40.46
CA ARG C 192 19.83 -3.50 -39.20
C ARG C 192 21.04 -4.41 -39.00
N PRO C 193 22.20 -3.98 -39.52
CA PRO C 193 23.44 -4.75 -39.41
C PRO C 193 23.76 -5.11 -37.96
N THR C 194 24.53 -6.17 -37.76
CA THR C 194 24.91 -6.60 -36.43
C THR C 194 25.55 -5.45 -35.66
N GLY C 195 25.08 -5.23 -34.43
CA GLY C 195 25.66 -4.21 -33.57
C GLY C 195 24.92 -2.89 -33.61
N HIS C 196 23.97 -2.76 -34.54
CA HIS C 196 23.17 -1.55 -34.66
C HIS C 196 21.91 -1.65 -33.83
N PRO C 197 21.76 -0.78 -32.81
CA PRO C 197 20.53 -0.77 -32.03
C PRO C 197 19.34 -0.30 -32.86
N TYR C 198 19.57 0.69 -33.71
CA TYR C 198 18.53 1.22 -34.58
C TYR C 198 18.80 0.82 -36.02
N PRO C 199 17.73 0.65 -36.82
CA PRO C 199 17.84 0.20 -38.21
C PRO C 199 18.37 1.28 -39.16
N MET C 200 19.11 0.85 -40.17
CA MET C 200 19.50 1.73 -41.27
C MET C 200 18.32 1.82 -42.24
N VAL C 201 17.96 3.02 -42.65
CA VAL C 201 16.78 3.20 -43.48
C VAL C 201 17.01 4.15 -44.65
N ASP C 202 16.46 3.78 -45.81
CA ASP C 202 16.43 4.64 -46.98
C ASP C 202 14.98 5.06 -47.19
N GLY C 203 14.59 6.15 -46.55
CA GLY C 203 13.21 6.59 -46.51
C GLY C 203 12.46 6.44 -47.82
N PRO C 204 12.91 7.12 -48.88
CA PRO C 204 12.19 7.10 -50.15
C PRO C 204 12.12 5.70 -50.77
N LEU C 205 13.23 4.97 -50.72
CA LEU C 205 13.28 3.62 -51.30
C LEU C 205 12.33 2.66 -50.59
N SER C 206 12.21 2.81 -49.28
CA SER C 206 11.29 1.96 -48.50
C SER C 206 9.84 2.24 -48.89
N ASN C 207 9.47 3.51 -48.92
CA ASN C 207 8.14 3.90 -49.37
C ASN C 207 7.88 3.37 -50.76
N GLU C 208 8.85 3.58 -51.65
CA GLU C 208 8.75 3.18 -53.04
C GLU C 208 8.60 1.67 -53.20
N THR C 209 9.47 0.92 -52.54
CA THR C 209 9.48 -0.54 -52.67
C THR C 209 8.20 -1.16 -52.09
N TYR C 210 7.77 -0.63 -50.95
CA TYR C 210 6.53 -1.11 -50.33
C TYR C 210 5.37 -0.99 -51.30
N ILE C 211 5.23 0.18 -51.92
CA ILE C 211 4.12 0.45 -52.81
C ILE C 211 4.16 -0.43 -54.06
N GLN C 212 5.33 -0.51 -54.70
CA GLN C 212 5.47 -1.31 -55.92
C GLN C 212 5.34 -2.80 -55.63
N SER C 213 5.77 -3.22 -54.44
CA SER C 213 5.71 -4.63 -54.08
C SER C 213 4.27 -5.11 -54.06
N PHE C 214 3.38 -4.34 -53.44
CA PHE C 214 1.96 -4.68 -53.43
C PHE C 214 1.44 -4.75 -54.85
N ALA C 215 1.84 -3.77 -55.67
CA ALA C 215 1.43 -3.74 -57.07
C ALA C 215 1.81 -5.04 -57.76
N GLN C 216 3.05 -5.48 -57.54
CA GLN C 216 3.57 -6.67 -58.20
C GLN C 216 2.78 -7.93 -57.83
N VAL C 217 2.65 -8.20 -56.54
CA VAL C 217 1.99 -9.42 -56.09
C VAL C 217 0.49 -9.38 -56.33
N TRP C 218 -0.09 -8.19 -56.33
CA TRP C 218 -1.51 -8.04 -56.65
C TRP C 218 -1.73 -8.33 -58.13
N ASP C 219 -0.90 -7.72 -58.97
CA ASP C 219 -1.00 -7.91 -60.42
C ASP C 219 -0.83 -9.38 -60.80
N GLU C 220 0.17 -10.03 -60.22
CA GLU C 220 0.40 -11.45 -60.50
C GLU C 220 -0.74 -12.28 -59.95
N HIS C 221 -1.19 -11.97 -58.75
CA HIS C 221 -2.31 -12.68 -58.14
C HIS C 221 -3.56 -12.54 -59.00
N LYS C 222 -3.77 -11.34 -59.53
CA LYS C 222 -4.90 -11.06 -60.39
C LYS C 222 -4.78 -11.87 -61.68
N LYS C 223 -3.56 -11.96 -62.20
CA LYS C 223 -3.31 -12.73 -63.40
C LYS C 223 -3.55 -14.22 -63.16
N ARG C 224 -3.12 -14.71 -62.01
CA ARG C 224 -3.20 -16.13 -61.69
C ARG C 224 -4.62 -16.58 -61.35
N THR C 225 -5.37 -15.73 -60.67
CA THR C 225 -6.68 -16.12 -60.13
C THR C 225 -7.84 -15.48 -60.89
N GLY C 226 -7.60 -14.31 -61.48
CA GLY C 226 -8.64 -13.58 -62.16
C GLY C 226 -9.44 -12.71 -61.20
N LEU C 227 -9.09 -12.78 -59.92
CA LEU C 227 -9.78 -11.99 -58.89
C LEU C 227 -9.33 -10.54 -58.93
N ASP C 228 -10.26 -9.63 -58.70
CA ASP C 228 -9.96 -8.20 -58.67
C ASP C 228 -10.58 -7.59 -57.42
N PHE C 229 -10.46 -6.28 -57.27
CA PHE C 229 -10.94 -5.61 -56.06
C PHE C 229 -12.43 -5.83 -55.83
N ALA C 230 -13.19 -5.93 -56.91
CA ALA C 230 -14.63 -6.17 -56.81
C ALA C 230 -14.92 -7.51 -56.13
N ASP C 231 -13.91 -8.36 -56.03
CA ASP C 231 -14.07 -9.69 -55.44
C ASP C 231 -13.70 -9.72 -53.95
N TYR C 232 -13.23 -8.60 -53.43
CA TYR C 232 -12.82 -8.54 -52.02
C TYR C 232 -13.71 -7.64 -51.19
N ASP C 233 -14.07 -8.14 -50.00
CA ASP C 233 -14.89 -7.39 -49.06
C ASP C 233 -14.00 -6.46 -48.23
N ALA C 234 -12.75 -6.85 -48.04
CA ALA C 234 -11.81 -6.02 -47.30
C ALA C 234 -10.37 -6.38 -47.63
N LEU C 235 -9.46 -5.43 -47.41
CA LEU C 235 -8.04 -5.66 -47.57
C LEU C 235 -7.30 -5.19 -46.33
N ALA C 236 -6.45 -6.04 -45.78
CA ALA C 236 -5.62 -5.68 -44.64
C ALA C 236 -4.16 -5.61 -45.09
N PHE C 237 -3.45 -4.60 -44.60
CA PHE C 237 -2.08 -4.35 -45.03
C PHE C 237 -1.12 -4.33 -43.85
N HIS C 238 0.12 -4.74 -44.10
CA HIS C 238 1.20 -4.38 -43.20
C HIS C 238 1.42 -2.90 -43.39
N ILE C 239 1.82 -2.20 -42.33
CA ILE C 239 2.03 -0.76 -42.41
C ILE C 239 3.06 -0.27 -41.41
N PRO C 240 4.03 0.54 -41.87
CA PRO C 240 4.92 1.23 -40.94
C PRO C 240 4.15 2.32 -40.22
N TYR C 241 3.12 2.82 -40.89
CA TYR C 241 2.20 3.78 -40.32
C TYR C 241 0.96 3.82 -41.22
N THR C 242 -0.18 4.22 -40.65
CA THR C 242 -1.46 4.03 -41.32
C THR C 242 -1.54 4.73 -42.68
N LYS C 243 -0.81 5.82 -42.84
CA LYS C 243 -0.85 6.57 -44.10
C LYS C 243 -0.12 5.84 -45.22
N MET C 244 0.89 5.05 -44.88
CA MET C 244 1.65 4.32 -45.88
C MET C 244 0.78 3.31 -46.63
N GLY C 245 -0.05 2.58 -45.89
CA GLY C 245 -0.92 1.60 -46.51
C GLY C 245 -2.00 2.25 -47.37
N LYS C 246 -2.49 3.41 -46.93
CA LYS C 246 -3.49 4.14 -47.69
C LYS C 246 -2.90 4.57 -49.03
N LYS C 247 -1.63 4.98 -49.01
CA LYS C 247 -0.95 5.45 -50.20
C LYS C 247 -0.78 4.33 -51.21
N ALA C 248 -0.40 3.15 -50.73
CA ALA C 248 -0.18 1.99 -51.60
C ALA C 248 -1.49 1.46 -52.15
N LEU C 249 -2.53 1.51 -51.32
CA LEU C 249 -3.84 1.02 -51.69
C LEU C 249 -4.48 1.90 -52.77
N LEU C 250 -4.36 3.21 -52.58
CA LEU C 250 -4.94 4.18 -53.51
C LEU C 250 -4.30 4.07 -54.89
N ALA C 251 -3.00 3.79 -54.92
CA ALA C 251 -2.26 3.69 -56.17
C ALA C 251 -2.80 2.58 -57.05
N LYS C 252 -3.28 1.51 -56.44
CA LYS C 252 -3.67 0.31 -57.18
C LYS C 252 -5.16 0.28 -57.54
N ILE C 253 -6.00 0.93 -56.73
CA ILE C 253 -7.44 0.92 -56.96
C ILE C 253 -7.92 2.14 -57.74
N SER C 254 -6.99 2.96 -58.20
CA SER C 254 -7.32 4.20 -58.91
C SER C 254 -8.24 3.98 -60.10
N ASP C 255 -8.25 2.75 -60.64
CA ASP C 255 -9.01 2.46 -61.85
C ASP C 255 -10.33 1.76 -61.59
N GLN C 256 -10.70 1.64 -60.32
CA GLN C 256 -11.93 0.93 -59.95
C GLN C 256 -13.12 1.88 -59.83
N THR C 257 -14.31 1.32 -59.91
CA THR C 257 -15.53 2.10 -59.75
C THR C 257 -15.58 2.70 -58.35
N GLU C 258 -16.56 3.56 -58.11
CA GLU C 258 -16.69 4.21 -56.81
C GLU C 258 -17.19 3.22 -55.76
N ALA C 259 -17.78 2.12 -56.22
CA ALA C 259 -18.25 1.07 -55.31
C ALA C 259 -17.07 0.39 -54.63
N GLU C 260 -16.09 -0.04 -55.43
CA GLU C 260 -14.92 -0.73 -54.89
C GLU C 260 -14.10 0.24 -54.03
N GLN C 261 -13.89 1.44 -54.55
CA GLN C 261 -13.03 2.41 -53.89
C GLN C 261 -13.57 2.84 -52.52
N GLU C 262 -14.82 3.27 -52.47
CA GLU C 262 -15.38 3.78 -51.21
C GLU C 262 -15.50 2.67 -50.17
N ARG C 263 -15.73 1.45 -50.64
CA ARG C 263 -15.83 0.31 -49.74
C ARG C 263 -14.47 -0.04 -49.15
N ILE C 264 -13.53 -0.40 -50.02
CA ILE C 264 -12.21 -0.85 -49.58
C ILE C 264 -11.53 0.21 -48.71
N LEU C 265 -11.73 1.47 -49.05
CA LEU C 265 -11.14 2.57 -48.29
C LEU C 265 -11.77 2.70 -46.92
N ALA C 266 -13.07 2.46 -46.84
CA ALA C 266 -13.78 2.51 -45.56
C ALA C 266 -13.36 1.33 -44.69
N ARG C 267 -13.12 0.20 -45.32
CA ARG C 267 -12.65 -0.99 -44.61
C ARG C 267 -11.25 -0.75 -44.08
N TYR C 268 -10.44 -0.03 -44.85
CA TYR C 268 -9.07 0.24 -44.44
C TYR C 268 -9.04 1.14 -43.20
N GLU C 269 -9.97 2.07 -43.14
CA GLU C 269 -10.07 2.95 -41.98
C GLU C 269 -10.36 2.15 -40.72
N GLU C 270 -11.13 1.08 -40.88
CA GLU C 270 -11.47 0.21 -39.77
C GLU C 270 -10.29 -0.65 -39.35
N SER C 271 -9.46 -1.03 -40.32
CA SER C 271 -8.33 -1.90 -40.06
C SER C 271 -7.19 -1.19 -39.33
N ILE C 272 -7.23 0.14 -39.29
CA ILE C 272 -6.16 0.91 -38.67
C ILE C 272 -6.54 1.55 -37.35
N ILE C 273 -7.76 1.30 -36.88
CA ILE C 273 -8.23 1.87 -35.62
C ILE C 273 -7.28 1.59 -34.46
N TYR C 274 -6.90 0.32 -34.29
CA TYR C 274 -5.98 -0.05 -33.22
C TYR C 274 -4.57 0.48 -33.50
N SER C 275 -4.15 0.39 -34.75
CA SER C 275 -2.80 0.82 -35.13
C SER C 275 -2.55 2.29 -34.79
N ARG C 276 -3.58 3.11 -34.95
CA ARG C 276 -3.48 4.52 -34.63
C ARG C 276 -3.22 4.74 -33.14
N ARG C 277 -3.53 3.73 -32.33
CA ARG C 277 -3.37 3.83 -30.88
C ARG C 277 -2.17 3.05 -30.37
N VAL C 278 -1.42 2.44 -31.29
CA VAL C 278 -0.32 1.55 -30.91
C VAL C 278 1.00 1.95 -31.55
N GLY C 279 0.99 2.06 -32.88
CA GLY C 279 2.20 2.33 -33.62
C GLY C 279 2.68 1.10 -34.37
N ASN C 280 3.94 1.09 -34.74
CA ASN C 280 4.51 0.01 -35.55
C ASN C 280 4.80 -1.24 -34.71
N LEU C 281 4.22 -2.36 -35.10
CA LEU C 281 4.48 -3.64 -34.46
C LEU C 281 5.34 -4.55 -35.34
N TYR C 282 5.89 -3.98 -36.41
CA TYR C 282 6.72 -4.73 -37.36
C TYR C 282 6.02 -6.00 -37.84
N THR C 283 6.51 -7.17 -37.41
CA THR C 283 5.92 -8.43 -37.85
C THR C 283 4.44 -8.51 -37.52
N GLY C 284 4.01 -7.75 -36.51
CA GLY C 284 2.65 -7.85 -36.02
C GLY C 284 1.67 -6.85 -36.61
N SER C 285 2.17 -5.92 -37.43
CA SER C 285 1.33 -4.83 -37.94
C SER C 285 0.17 -5.33 -38.79
N LEU C 286 0.46 -6.15 -39.79
CA LEU C 286 -0.58 -6.70 -40.66
C LEU C 286 -1.66 -7.37 -39.83
N TYR C 287 -1.23 -8.14 -38.83
CA TYR C 287 -2.15 -8.96 -38.07
C TYR C 287 -2.89 -8.16 -37.00
N LEU C 288 -2.29 -7.08 -36.52
CA LEU C 288 -3.03 -6.14 -35.68
C LEU C 288 -4.13 -5.54 -36.54
N GLY C 289 -3.79 -5.24 -37.79
CA GLY C 289 -4.75 -4.71 -38.74
C GLY C 289 -5.90 -5.67 -38.95
N LEU C 290 -5.57 -6.96 -39.04
CA LEU C 290 -6.61 -7.99 -39.19
C LEU C 290 -7.54 -7.97 -37.98
N ILE C 291 -6.97 -7.91 -36.78
CA ILE C 291 -7.76 -7.89 -35.56
C ILE C 291 -8.64 -6.65 -35.53
N SER C 292 -8.04 -5.49 -35.81
CA SER C 292 -8.77 -4.23 -35.80
C SER C 292 -9.96 -4.28 -36.75
N LEU C 293 -9.72 -4.80 -37.96
CA LEU C 293 -10.78 -4.93 -38.96
C LEU C 293 -11.94 -5.76 -38.42
N LEU C 294 -11.65 -6.95 -37.92
CA LEU C 294 -12.68 -7.88 -37.49
C LEU C 294 -13.45 -7.39 -36.27
N GLU C 295 -12.81 -6.63 -35.40
CA GLU C 295 -13.42 -6.21 -34.14
C GLU C 295 -14.03 -4.81 -34.20
N ASN C 296 -13.71 -4.04 -35.24
CA ASN C 296 -14.29 -2.71 -35.39
C ASN C 296 -15.37 -2.64 -36.48
N ALA C 297 -15.23 -3.47 -37.50
CA ALA C 297 -16.25 -3.55 -38.53
C ALA C 297 -17.56 -4.08 -37.94
N THR C 298 -18.67 -3.58 -38.44
CA THR C 298 -19.98 -4.04 -37.99
C THR C 298 -20.79 -4.66 -39.14
N THR C 299 -20.25 -4.59 -40.35
CA THR C 299 -20.98 -5.05 -41.53
C THR C 299 -20.29 -6.21 -42.26
N LEU C 300 -19.14 -6.65 -41.76
CA LEU C 300 -18.52 -7.86 -42.30
C LEU C 300 -19.30 -9.07 -41.82
N THR C 301 -19.35 -10.10 -42.66
CA THR C 301 -20.12 -11.30 -42.35
C THR C 301 -19.41 -12.56 -42.81
N ALA C 302 -19.75 -13.69 -42.20
CA ALA C 302 -19.22 -14.98 -42.62
C ALA C 302 -19.38 -15.12 -44.13
N GLY C 303 -18.34 -15.65 -44.77
CA GLY C 303 -18.36 -15.86 -46.21
C GLY C 303 -17.59 -14.80 -46.98
N ASN C 304 -17.36 -13.65 -46.35
CA ASN C 304 -16.62 -12.57 -46.99
C ASN C 304 -15.15 -12.92 -47.20
N GLN C 305 -14.58 -12.37 -48.25
CA GLN C 305 -13.17 -12.62 -48.59
C GLN C 305 -12.31 -11.48 -48.11
N ILE C 306 -11.25 -11.81 -47.38
CA ILE C 306 -10.31 -10.83 -46.86
C ILE C 306 -8.96 -11.01 -47.53
N GLY C 307 -8.49 -9.95 -48.19
CA GLY C 307 -7.15 -9.97 -48.78
C GLY C 307 -6.14 -9.45 -47.80
N LEU C 308 -5.02 -10.17 -47.66
CA LEU C 308 -3.95 -9.75 -46.77
C LEU C 308 -2.66 -9.53 -47.56
N PHE C 309 -2.05 -8.37 -47.36
CA PHE C 309 -0.76 -8.07 -47.97
C PHE C 309 0.31 -7.94 -46.90
N SER C 310 1.28 -8.86 -46.92
CA SER C 310 2.37 -8.86 -45.97
C SER C 310 3.63 -8.35 -46.65
N TYR C 311 4.39 -7.52 -45.95
CA TYR C 311 5.63 -6.97 -46.48
C TYR C 311 6.74 -7.04 -45.44
N GLY C 312 7.95 -7.30 -45.91
CA GLY C 312 9.13 -7.26 -45.09
C GLY C 312 10.22 -6.54 -45.84
N SER C 313 10.84 -5.56 -45.20
CA SER C 313 11.93 -4.83 -45.81
C SER C 313 13.06 -5.79 -46.16
N GLY C 314 13.67 -5.61 -47.33
CA GLY C 314 14.82 -6.42 -47.69
C GLY C 314 14.97 -6.89 -49.13
N ALA C 315 13.90 -7.22 -49.85
CA ALA C 315 12.52 -7.10 -49.40
C ALA C 315 11.74 -8.34 -49.82
N VAL C 316 10.82 -8.77 -48.97
CA VAL C 316 9.96 -9.91 -49.28
C VAL C 316 8.50 -9.51 -49.06
N ALA C 317 7.64 -9.98 -49.94
CA ALA C 317 6.22 -9.64 -49.86
C ALA C 317 5.37 -10.84 -50.24
N GLU C 318 4.10 -10.82 -49.81
CA GLU C 318 3.18 -11.90 -50.10
C GLU C 318 1.74 -11.42 -50.00
N PHE C 319 0.94 -11.79 -50.98
CA PHE C 319 -0.50 -11.54 -50.93
C PHE C 319 -1.25 -12.86 -50.86
N PHE C 320 -2.20 -12.94 -49.93
CA PHE C 320 -2.98 -14.16 -49.76
C PHE C 320 -4.36 -13.82 -49.19
N THR C 321 -5.30 -14.73 -49.37
CA THR C 321 -6.69 -14.48 -49.00
C THR C 321 -7.16 -15.38 -47.88
N GLY C 322 -8.13 -14.90 -47.11
CA GLY C 322 -8.79 -15.70 -46.09
C GLY C 322 -10.27 -15.41 -46.10
N GLU C 323 -11.08 -16.42 -45.82
CA GLU C 323 -12.53 -16.25 -45.76
C GLU C 323 -13.02 -16.28 -44.33
N LEU C 324 -13.90 -15.35 -43.98
CA LEU C 324 -14.45 -15.29 -42.64
C LEU C 324 -15.36 -16.49 -42.38
N VAL C 325 -15.10 -17.18 -41.27
CA VAL C 325 -15.79 -18.43 -40.97
C VAL C 325 -17.11 -18.17 -40.24
N ALA C 326 -18.08 -19.05 -40.46
CA ALA C 326 -19.36 -18.97 -39.78
C ALA C 326 -19.16 -18.91 -38.27
N GLY C 327 -19.69 -17.86 -37.64
CA GLY C 327 -19.64 -17.74 -36.20
C GLY C 327 -18.38 -17.08 -35.66
N TYR C 328 -17.55 -16.55 -36.56
CA TYR C 328 -16.28 -15.94 -36.16
C TYR C 328 -16.48 -14.81 -35.16
N GLN C 329 -17.63 -14.14 -35.24
CA GLN C 329 -17.90 -12.98 -34.39
C GLN C 329 -18.04 -13.36 -32.92
N ASN C 330 -18.13 -14.65 -32.63
CA ASN C 330 -18.20 -15.12 -31.26
C ASN C 330 -16.84 -15.46 -30.68
N HIS C 331 -15.80 -15.31 -31.48
CA HIS C 331 -14.46 -15.76 -31.09
C HIS C 331 -13.41 -14.67 -31.19
N LEU C 332 -13.86 -13.42 -31.01
CA LEU C 332 -12.95 -12.28 -31.02
C LEU C 332 -12.71 -11.82 -29.58
N GLN C 333 -11.93 -10.76 -29.43
CA GLN C 333 -11.51 -10.30 -28.10
C GLN C 333 -11.66 -8.80 -27.97
N LYS C 334 -12.73 -8.25 -28.53
CA LYS C 334 -12.94 -6.80 -28.55
C LYS C 334 -12.88 -6.20 -27.15
N GLU C 335 -13.63 -6.77 -26.22
CA GLU C 335 -13.68 -6.26 -24.85
C GLU C 335 -12.29 -6.27 -24.22
N THR C 336 -11.60 -7.39 -24.36
CA THR C 336 -10.26 -7.55 -23.79
C THR C 336 -9.29 -6.53 -24.38
N HIS C 337 -9.37 -6.33 -25.69
CA HIS C 337 -8.43 -5.47 -26.40
C HIS C 337 -8.64 -4.00 -26.09
N LEU C 338 -9.90 -3.56 -26.03
CA LEU C 338 -10.20 -2.18 -25.70
C LEU C 338 -9.78 -1.88 -24.27
N ALA C 339 -9.97 -2.85 -23.38
CA ALA C 339 -9.54 -2.71 -21.99
C ALA C 339 -8.02 -2.54 -21.94
N LEU C 340 -7.33 -3.32 -22.78
CA LEU C 340 -5.87 -3.29 -22.80
C LEU C 340 -5.37 -1.90 -23.19
N LEU C 341 -6.00 -1.31 -24.20
CA LEU C 341 -5.61 0.01 -24.69
C LEU C 341 -6.04 1.12 -23.73
N ASP C 342 -7.28 1.02 -23.25
CA ASP C 342 -7.84 2.04 -22.36
C ASP C 342 -7.15 2.08 -21.00
N ASN C 343 -6.70 0.92 -20.53
CA ASN C 343 -6.12 0.82 -19.18
C ASN C 343 -4.66 1.23 -19.11
N ARG C 344 -4.09 1.68 -20.23
CA ARG C 344 -2.70 2.11 -20.25
C ARG C 344 -2.51 3.43 -19.50
N THR C 345 -1.31 3.64 -18.98
CA THR C 345 -0.97 4.88 -18.31
C THR C 345 -0.27 5.82 -19.29
N GLU C 346 -0.79 7.04 -19.41
CA GLU C 346 -0.18 8.02 -20.31
C GLU C 346 1.06 8.63 -19.67
N LEU C 347 2.14 8.66 -20.43
CA LEU C 347 3.40 9.22 -19.95
C LEU C 347 3.62 10.61 -20.49
N SER C 348 4.10 11.52 -19.64
CA SER C 348 4.56 12.81 -20.10
C SER C 348 5.85 12.58 -20.87
N ILE C 349 6.27 13.57 -21.65
CA ILE C 349 7.49 13.43 -22.45
C ILE C 349 8.70 13.22 -21.55
N ALA C 350 8.72 13.89 -20.40
CA ALA C 350 9.81 13.73 -19.44
C ALA C 350 9.90 12.27 -19.01
N GLU C 351 8.75 11.69 -18.69
CA GLU C 351 8.67 10.30 -18.24
C GLU C 351 9.01 9.35 -19.38
N TYR C 352 8.46 9.63 -20.55
CA TYR C 352 8.70 8.81 -21.74
C TYR C 352 10.18 8.74 -22.09
N GLU C 353 10.83 9.91 -22.14
CA GLU C 353 12.25 9.97 -22.48
C GLU C 353 13.11 9.21 -21.47
N ALA C 354 12.72 9.24 -20.21
CA ALA C 354 13.43 8.48 -19.18
C ALA C 354 13.24 6.98 -19.38
N MET C 355 12.03 6.59 -19.76
CA MET C 355 11.72 5.18 -20.00
C MET C 355 12.39 4.68 -21.28
N PHE C 356 12.44 5.55 -22.28
CA PHE C 356 13.04 5.21 -23.57
C PHE C 356 14.55 5.06 -23.48
N ALA C 357 15.19 5.97 -22.73
CA ALA C 357 16.64 6.07 -22.72
C ALA C 357 17.33 4.98 -21.92
N GLU C 358 16.71 4.54 -20.82
CA GLU C 358 17.32 3.55 -19.94
C GLU C 358 17.75 2.31 -20.72
N THR C 359 18.93 1.79 -20.40
CA THR C 359 19.48 0.64 -21.12
C THR C 359 19.73 -0.54 -20.19
N LEU C 360 19.37 -1.73 -20.64
CA LEU C 360 19.60 -2.95 -19.88
C LEU C 360 20.91 -3.61 -20.31
N ASP C 361 21.84 -3.74 -19.37
CA ASP C 361 23.13 -4.36 -19.64
C ASP C 361 23.14 -5.79 -19.10
N THR C 362 22.85 -6.75 -19.99
CA THR C 362 22.75 -8.15 -19.59
C THR C 362 24.06 -8.71 -19.03
N ASP C 363 25.16 -8.01 -19.27
CA ASP C 363 26.46 -8.45 -18.76
C ASP C 363 26.57 -8.27 -17.25
N ILE C 364 25.58 -7.62 -16.65
CA ILE C 364 25.57 -7.38 -15.21
C ILE C 364 24.40 -8.09 -14.55
N ASP C 365 24.69 -8.90 -13.55
CA ASP C 365 23.64 -9.57 -12.77
C ASP C 365 22.81 -8.52 -12.03
N GLN C 366 21.50 -8.69 -12.06
CA GLN C 366 20.60 -7.70 -11.48
C GLN C 366 19.17 -8.22 -11.39
N THR C 367 18.37 -7.58 -10.56
CA THR C 367 16.94 -7.89 -10.47
C THR C 367 16.15 -6.68 -10.97
N LEU C 368 15.00 -6.95 -11.59
CA LEU C 368 14.16 -5.89 -12.12
C LEU C 368 12.79 -5.92 -11.47
N GLU C 369 12.24 -4.75 -11.18
CA GLU C 369 10.93 -4.64 -10.56
C GLU C 369 9.89 -4.18 -11.58
N ASP C 370 8.90 -5.03 -11.81
CA ASP C 370 7.83 -4.73 -12.76
C ASP C 370 6.61 -5.56 -12.39
N GLU C 371 5.45 -4.92 -12.33
CA GLU C 371 4.23 -5.61 -11.91
C GLU C 371 3.65 -6.47 -13.01
N LEU C 372 4.06 -6.23 -14.25
CA LEU C 372 3.52 -6.97 -15.39
C LEU C 372 3.96 -8.42 -15.39
N LYS C 373 3.02 -9.31 -15.66
CA LYS C 373 3.32 -10.73 -15.77
C LYS C 373 4.21 -10.97 -16.98
N TYR C 374 5.17 -11.90 -16.82
CA TYR C 374 6.09 -12.25 -17.89
C TYR C 374 7.08 -11.13 -18.22
N SER C 375 7.13 -10.11 -17.37
CA SER C 375 8.19 -9.12 -17.46
C SER C 375 9.48 -9.72 -16.93
N ILE C 376 10.62 -9.15 -17.30
CA ILE C 376 11.90 -9.65 -16.84
C ILE C 376 12.05 -9.38 -15.36
N SER C 377 12.37 -10.43 -14.61
CA SER C 377 12.50 -10.32 -13.15
C SER C 377 13.96 -10.28 -12.71
N ALA C 378 14.85 -10.89 -13.48
CA ALA C 378 16.25 -10.97 -13.07
C ALA C 378 17.18 -11.32 -14.24
N ILE C 379 18.45 -10.97 -14.09
CA ILE C 379 19.49 -11.34 -15.04
C ILE C 379 20.59 -12.10 -14.31
N ASN C 380 20.90 -13.30 -14.77
CA ASN C 380 21.98 -14.09 -14.20
C ASN C 380 22.85 -14.70 -15.28
N ASN C 381 24.10 -14.26 -15.36
CA ASN C 381 25.03 -14.76 -16.37
C ASN C 381 24.44 -14.52 -17.76
N THR C 382 23.84 -13.35 -17.94
CA THR C 382 23.21 -12.94 -19.21
C THR C 382 21.86 -13.61 -19.46
N VAL C 383 21.48 -14.56 -18.59
CA VAL C 383 20.22 -15.27 -18.76
C VAL C 383 19.06 -14.51 -18.11
N ARG C 384 17.98 -14.34 -18.86
CA ARG C 384 16.81 -13.62 -18.39
C ARG C 384 15.81 -14.54 -17.70
N SER C 385 15.33 -14.12 -16.55
CA SER C 385 14.22 -14.79 -15.87
C SER C 385 12.97 -13.93 -16.00
N TYR C 386 11.81 -14.59 -16.07
CA TYR C 386 10.55 -13.88 -16.20
C TYR C 386 9.61 -14.26 -15.06
N ARG C 387 8.94 -13.27 -14.49
CA ARG C 387 8.02 -13.51 -13.38
C ARG C 387 6.69 -14.02 -13.90
N ASN C 388 6.09 -14.94 -13.15
CA ASN C 388 4.79 -15.50 -13.51
C ASN C 388 4.21 -16.32 -12.37
N MET D 6 20.71 -49.14 8.17
CA MET D 6 20.38 -48.27 9.33
C MET D 6 20.71 -46.81 9.03
N THR D 7 20.08 -45.91 9.78
CA THR D 7 20.37 -44.49 9.65
C THR D 7 21.40 -44.07 10.68
N ILE D 8 22.20 -43.07 10.32
CA ILE D 8 23.27 -42.58 11.18
C ILE D 8 23.20 -41.06 11.19
N GLY D 9 23.42 -40.44 12.35
CA GLY D 9 23.39 -38.99 12.43
C GLY D 9 23.31 -38.42 13.83
N ILE D 10 22.66 -37.26 13.94
CA ILE D 10 22.61 -36.51 15.20
C ILE D 10 21.43 -36.97 16.05
N ASP D 11 21.75 -37.52 17.22
CA ASP D 11 20.73 -38.05 18.13
C ASP D 11 20.25 -36.97 19.09
N LYS D 12 21.19 -36.19 19.60
CA LYS D 12 20.88 -35.05 20.47
C LYS D 12 21.87 -33.92 20.19
N ILE D 13 21.39 -32.69 20.33
CA ILE D 13 22.23 -31.53 20.08
C ILE D 13 21.81 -30.37 20.98
N SER D 14 22.79 -29.67 21.54
CA SER D 14 22.53 -28.59 22.48
C SER D 14 23.64 -27.56 22.40
N PHE D 15 23.33 -26.32 22.78
CA PHE D 15 24.36 -25.28 22.84
C PHE D 15 24.44 -24.66 24.23
N PHE D 16 25.58 -24.06 24.53
CA PHE D 16 25.77 -23.32 25.76
C PHE D 16 26.52 -22.04 25.49
N VAL D 17 26.06 -20.95 26.10
CA VAL D 17 26.75 -19.68 26.02
C VAL D 17 26.98 -19.14 27.42
N PRO D 18 27.99 -18.27 27.59
CA PRO D 18 28.26 -17.67 28.89
C PRO D 18 27.08 -16.85 29.40
N PRO D 19 26.98 -16.66 30.71
CA PRO D 19 25.86 -15.96 31.35
C PRO D 19 25.95 -14.43 31.27
N TYR D 20 26.49 -13.91 30.17
CA TYR D 20 26.58 -12.46 30.00
C TYR D 20 26.42 -12.08 28.53
N TYR D 21 25.86 -10.90 28.29
CA TYR D 21 25.79 -10.35 26.94
C TYR D 21 25.80 -8.83 27.00
N ILE D 22 26.13 -8.20 25.88
CA ILE D 22 25.91 -6.77 25.71
C ILE D 22 24.90 -6.52 24.60
N ASP D 23 24.13 -5.47 24.74
CA ASP D 23 23.18 -5.08 23.71
C ASP D 23 23.91 -4.30 22.62
N MET D 24 23.68 -4.68 21.37
CA MET D 24 24.40 -4.07 20.25
C MET D 24 24.03 -2.59 20.07
N THR D 25 22.83 -2.20 20.50
CA THR D 25 22.45 -0.80 20.47
C THR D 25 23.35 -0.01 21.42
N ALA D 26 23.60 -0.59 22.59
CA ALA D 26 24.46 0.04 23.59
C ALA D 26 25.89 0.14 23.09
N LEU D 27 26.35 -0.91 22.42
CA LEU D 27 27.70 -0.92 21.85
C LEU D 27 27.84 0.17 20.80
N ALA D 28 26.85 0.28 19.93
CA ALA D 28 26.87 1.27 18.87
C ALA D 28 26.99 2.67 19.44
N GLU D 29 26.26 2.90 20.52
CA GLU D 29 26.23 4.21 21.15
C GLU D 29 27.53 4.50 21.91
N ALA D 30 28.17 3.45 22.42
CA ALA D 30 29.47 3.57 23.04
C ALA D 30 30.54 3.85 21.98
N ARG D 31 30.39 3.20 20.82
CA ARG D 31 31.37 3.32 19.75
C ARG D 31 31.04 4.46 18.79
N ASN D 32 29.97 5.18 19.08
CA ASN D 32 29.56 6.32 18.26
C ASN D 32 29.33 5.94 16.79
N VAL D 33 28.69 4.79 16.58
CA VAL D 33 28.26 4.39 15.26
C VAL D 33 26.75 4.22 15.25
N ASP D 34 26.13 4.27 14.08
CA ASP D 34 24.69 4.12 13.99
C ASP D 34 24.30 2.68 14.33
N PRO D 35 23.26 2.50 15.16
CA PRO D 35 22.84 1.15 15.54
C PRO D 35 22.47 0.30 14.34
N GLY D 36 22.16 0.94 13.21
CA GLY D 36 21.82 0.23 12.00
C GLY D 36 23.01 -0.56 11.46
N LYS D 37 24.22 -0.04 11.69
CA LYS D 37 25.44 -0.71 11.26
C LYS D 37 25.51 -2.12 11.85
N PHE D 38 24.95 -2.29 13.04
CA PHE D 38 24.98 -3.59 13.71
C PHE D 38 23.70 -4.38 13.45
N HIS D 39 22.56 -3.71 13.56
CA HIS D 39 21.27 -4.38 13.40
C HIS D 39 21.05 -4.87 11.97
N ILE D 40 21.54 -4.12 11.00
CA ILE D 40 21.34 -4.46 9.59
C ILE D 40 22.65 -4.84 8.89
N GLY D 41 23.68 -4.01 9.06
CA GLY D 41 24.94 -4.23 8.40
C GLY D 41 25.58 -5.56 8.77
N ILE D 42 25.55 -5.88 10.05
CA ILE D 42 26.07 -7.15 10.55
C ILE D 42 24.93 -8.13 10.80
N GLY D 43 23.80 -7.60 11.27
CA GLY D 43 22.64 -8.43 11.54
C GLY D 43 22.73 -9.09 12.90
N GLN D 44 23.09 -8.31 13.91
CA GLN D 44 23.29 -8.83 15.26
C GLN D 44 22.58 -7.95 16.28
N ASP D 45 22.02 -8.56 17.32
CA ASP D 45 21.23 -7.85 18.31
C ASP D 45 21.86 -7.91 19.70
N GLN D 46 22.31 -9.09 20.11
CA GLN D 46 22.99 -9.26 21.38
C GLN D 46 24.26 -10.07 21.18
N MET D 47 25.29 -9.77 21.98
CA MET D 47 26.58 -10.44 21.86
C MET D 47 26.92 -11.17 23.15
N ALA D 48 27.30 -12.44 23.02
CA ALA D 48 27.74 -13.22 24.17
C ALA D 48 29.12 -12.76 24.63
N VAL D 49 29.29 -12.63 25.95
CA VAL D 49 30.56 -12.22 26.52
C VAL D 49 30.92 -13.15 27.66
N ASN D 50 32.21 -13.44 27.82
CA ASN D 50 32.65 -14.30 28.91
C ASN D 50 33.88 -13.77 29.63
N PRO D 51 33.98 -14.04 30.95
CA PRO D 51 35.11 -13.70 31.80
C PRO D 51 36.26 -14.68 31.63
N ILE D 52 37.46 -14.30 32.07
CA ILE D 52 38.64 -15.15 31.92
C ILE D 52 38.47 -16.51 32.60
N SER D 53 37.59 -16.57 33.59
CA SER D 53 37.36 -17.80 34.33
C SER D 53 36.58 -18.82 33.50
N GLN D 54 36.31 -18.50 32.25
CA GLN D 54 35.57 -19.41 31.38
C GLN D 54 36.27 -19.62 30.03
N ASP D 55 36.68 -20.86 29.77
CA ASP D 55 37.35 -21.20 28.51
C ASP D 55 36.52 -22.22 27.73
N ILE D 56 37.08 -22.75 26.65
CA ILE D 56 36.34 -23.66 25.77
C ILE D 56 35.90 -24.94 26.47
N VAL D 57 36.65 -25.36 27.49
CA VAL D 57 36.27 -26.56 28.24
C VAL D 57 35.00 -26.27 29.03
N THR D 58 34.95 -25.10 29.67
CA THR D 58 33.77 -24.68 30.41
C THR D 58 32.52 -24.80 29.55
N PHE D 59 32.60 -24.28 28.32
CA PHE D 59 31.44 -24.26 27.44
C PHE D 59 31.11 -25.64 26.90
N ALA D 60 32.14 -26.41 26.53
CA ALA D 60 31.93 -27.74 25.97
C ALA D 60 31.34 -28.69 27.01
N ALA D 61 31.83 -28.59 28.24
CA ALA D 61 31.36 -29.46 29.32
C ALA D 61 29.91 -29.14 29.67
N ASN D 62 29.58 -27.86 29.72
CA ASN D 62 28.22 -27.45 30.04
C ASN D 62 27.23 -27.81 28.94
N ALA D 63 27.67 -27.74 27.69
CA ALA D 63 26.82 -28.07 26.56
C ALA D 63 26.58 -29.58 26.47
N ALA D 64 27.65 -30.35 26.64
CA ALA D 64 27.55 -31.81 26.57
C ALA D 64 26.75 -32.35 27.74
N GLU D 65 26.96 -31.76 28.91
CA GLU D 65 26.26 -32.19 30.12
C GLU D 65 24.74 -32.18 29.95
N ALA D 66 24.26 -31.35 29.03
CA ALA D 66 22.82 -31.18 28.84
C ALA D 66 22.19 -32.28 27.99
N ILE D 67 23.01 -33.08 27.31
CA ILE D 67 22.47 -34.11 26.41
C ILE D 67 22.94 -35.53 26.72
N LEU D 68 23.78 -35.70 27.74
CA LEU D 68 24.36 -37.01 28.02
C LEU D 68 23.69 -37.74 29.17
N THR D 69 23.24 -38.95 28.89
CA THR D 69 22.71 -39.85 29.92
C THR D 69 23.82 -40.79 30.37
N LYS D 70 23.52 -41.64 31.35
CA LYS D 70 24.50 -42.61 31.81
C LYS D 70 24.68 -43.74 30.79
N GLU D 71 23.63 -44.05 30.05
CA GLU D 71 23.72 -45.02 28.97
C GLU D 71 24.60 -44.47 27.85
N ASP D 72 24.57 -43.16 27.66
CA ASP D 72 25.38 -42.51 26.64
C ASP D 72 26.85 -42.52 27.01
N LYS D 73 27.15 -42.20 28.28
CA LYS D 73 28.53 -42.10 28.74
C LYS D 73 29.26 -43.44 28.65
N GLU D 74 28.52 -44.53 28.64
CA GLU D 74 29.11 -45.86 28.54
C GLU D 74 29.18 -46.35 27.08
N ALA D 75 28.41 -45.70 26.20
CA ALA D 75 28.35 -46.11 24.80
C ALA D 75 29.31 -45.28 23.93
N ILE D 76 29.76 -44.14 24.46
CA ILE D 76 30.68 -43.28 23.75
C ILE D 76 32.11 -43.80 23.84
N ASP D 77 32.74 -44.03 22.69
CA ASP D 77 34.13 -44.46 22.67
C ASP D 77 35.00 -43.56 21.79
N MET D 78 34.51 -42.35 21.53
CA MET D 78 35.33 -41.34 20.87
C MET D 78 34.81 -39.95 21.23
N VAL D 79 35.71 -39.08 21.70
CA VAL D 79 35.35 -37.71 22.05
C VAL D 79 36.16 -36.74 21.19
N ILE D 80 35.47 -35.82 20.54
CA ILE D 80 36.11 -34.91 19.60
C ILE D 80 35.71 -33.46 19.86
N VAL D 81 36.71 -32.60 20.01
CA VAL D 81 36.45 -31.16 20.13
C VAL D 81 36.98 -30.43 18.91
N GLY D 82 36.11 -29.70 18.23
CA GLY D 82 36.52 -28.85 17.14
C GLY D 82 36.65 -27.43 17.64
N THR D 83 37.79 -26.79 17.39
CA THR D 83 38.05 -25.46 17.91
C THR D 83 39.22 -24.78 17.22
N GLU D 84 39.24 -23.46 17.29
CA GLU D 84 40.40 -22.66 16.89
C GLU D 84 40.78 -21.73 18.04
N SER D 85 40.33 -22.08 19.25
CA SER D 85 40.63 -21.29 20.44
C SER D 85 41.28 -22.18 21.50
N SER D 86 42.19 -23.05 21.07
CA SER D 86 42.84 -23.99 21.97
C SER D 86 43.62 -23.28 23.07
N ILE D 87 43.83 -23.99 24.18
CA ILE D 87 44.56 -23.45 25.31
C ILE D 87 45.86 -24.22 25.54
N ASP D 88 46.10 -25.23 24.70
CA ASP D 88 47.33 -25.99 24.73
C ASP D 88 47.69 -26.36 23.30
N GLU D 89 49.00 -26.45 23.03
CA GLU D 89 49.49 -26.74 21.69
C GLU D 89 49.63 -28.24 21.48
N SER D 90 49.59 -29.00 22.58
CA SER D 90 49.78 -30.44 22.52
C SER D 90 48.56 -31.21 23.02
N LYS D 91 48.14 -30.92 24.25
CA LYS D 91 47.06 -31.68 24.88
C LYS D 91 45.69 -31.26 24.34
N ALA D 92 44.97 -32.22 23.77
CA ALA D 92 43.64 -31.97 23.22
C ALA D 92 42.66 -31.59 24.31
N ALA D 93 41.81 -30.61 24.03
CA ALA D 93 40.80 -30.20 24.99
C ALA D 93 39.83 -31.34 25.26
N ALA D 94 39.72 -32.25 24.30
CA ALA D 94 38.80 -33.37 24.41
C ALA D 94 39.14 -34.33 25.56
N VAL D 95 40.40 -34.30 26.01
CA VAL D 95 40.83 -35.18 27.10
C VAL D 95 40.16 -34.76 28.41
N VAL D 96 40.17 -33.47 28.70
CA VAL D 96 39.55 -32.96 29.91
C VAL D 96 38.04 -33.13 29.84
N LEU D 97 37.46 -32.83 28.69
CA LEU D 97 36.04 -33.03 28.47
C LEU D 97 35.68 -34.48 28.73
N HIS D 98 36.58 -35.39 28.36
CA HIS D 98 36.38 -36.81 28.61
C HIS D 98 36.35 -37.07 30.11
N ARG D 99 37.18 -36.39 30.89
CA ARG D 99 37.17 -36.62 32.32
C ARG D 99 35.91 -36.03 32.95
N LEU D 100 35.60 -34.80 32.58
CA LEU D 100 34.49 -34.07 33.18
C LEU D 100 33.14 -34.72 32.91
N MET D 101 33.00 -35.34 31.74
CA MET D 101 31.74 -35.98 31.36
C MET D 101 31.65 -37.42 31.87
N GLY D 102 32.72 -37.91 32.48
CA GLY D 102 32.72 -39.25 33.04
C GLY D 102 32.37 -40.31 32.01
N ILE D 103 32.83 -40.16 30.79
CA ILE D 103 32.66 -41.18 29.76
C ILE D 103 33.61 -42.34 30.04
N GLN D 104 33.19 -43.54 29.67
CA GLN D 104 33.96 -44.75 29.96
C GLN D 104 35.37 -44.66 29.37
N PRO D 105 36.36 -45.24 30.06
CA PRO D 105 37.78 -45.01 29.80
C PRO D 105 38.28 -45.44 28.42
N PHE D 106 37.72 -46.50 27.85
CA PHE D 106 38.26 -47.05 26.61
C PHE D 106 37.74 -46.30 25.39
N ALA D 107 38.22 -45.06 25.24
CA ALA D 107 37.80 -44.18 24.17
C ALA D 107 38.98 -43.33 23.71
N ARG D 108 39.00 -42.95 22.45
CA ARG D 108 40.03 -42.06 21.93
C ARG D 108 39.52 -40.61 21.95
N SER D 109 40.37 -39.69 22.39
CA SER D 109 40.00 -38.28 22.46
C SER D 109 40.99 -37.44 21.67
N PHE D 110 40.49 -36.49 20.89
CA PHE D 110 41.38 -35.58 20.20
C PHE D 110 40.69 -34.30 19.75
N GLU D 111 41.50 -33.37 19.29
CA GLU D 111 41.05 -32.05 18.89
C GLU D 111 41.26 -31.90 17.39
N ILE D 112 40.28 -31.31 16.71
CA ILE D 112 40.42 -31.03 15.29
C ILE D 112 40.53 -29.53 15.06
N LYS D 113 41.45 -29.14 14.18
CA LYS D 113 41.67 -27.73 13.88
C LYS D 113 41.61 -27.45 12.38
N GLU D 114 40.65 -26.63 11.99
CA GLU D 114 40.60 -26.04 10.66
C GLU D 114 39.58 -24.92 10.73
N ALA D 115 39.98 -23.83 11.38
CA ALA D 115 39.12 -22.66 11.53
C ALA D 115 37.73 -23.08 12.02
N SNC D 116 36.69 -22.58 11.37
CA SNC D 116 35.32 -22.86 11.79
CB SNC D 116 34.45 -21.72 11.36
SG SNC D 116 34.92 -20.12 11.89
ND SNC D 116 35.65 -19.37 10.65
OE SNC D 116 36.44 -19.98 9.98
C SNC D 116 34.77 -24.13 11.21
O SNC D 116 33.55 -24.39 11.32
N TYR D 117 35.63 -24.95 10.62
CA TYR D 117 35.20 -26.19 9.98
C TYR D 117 35.47 -27.40 10.87
N GLY D 118 36.23 -27.20 11.93
CA GLY D 118 36.70 -28.30 12.77
C GLY D 118 35.65 -29.26 13.28
N ALA D 119 34.52 -28.75 13.74
CA ALA D 119 33.49 -29.59 14.31
C ALA D 119 32.78 -30.42 13.23
N THR D 120 32.75 -29.89 12.01
CA THR D 120 32.15 -30.60 10.90
C THR D 120 33.00 -31.79 10.49
N ALA D 121 34.32 -31.61 10.47
CA ALA D 121 35.21 -32.73 10.24
C ALA D 121 34.91 -33.82 11.25
N GLY D 122 34.72 -33.42 12.51
CA GLY D 122 34.41 -34.36 13.57
C GLY D 122 33.08 -35.06 13.35
N LEU D 123 32.07 -34.29 12.93
CA LEU D 123 30.75 -34.86 12.69
C LEU D 123 30.79 -35.92 11.60
N GLN D 124 31.51 -35.65 10.52
CA GLN D 124 31.56 -36.54 9.37
C GLN D 124 32.28 -37.85 9.70
N LEU D 125 33.39 -37.74 10.42
CA LEU D 125 34.16 -38.92 10.77
C LEU D 125 33.44 -39.71 11.85
N ALA D 126 32.67 -39.00 12.69
CA ALA D 126 31.87 -39.64 13.72
C ALA D 126 30.80 -40.51 13.07
N LYS D 127 30.20 -39.98 12.01
CA LYS D 127 29.19 -40.71 11.24
C LYS D 127 29.79 -42.01 10.71
N ASN D 128 30.97 -41.91 10.11
CA ASN D 128 31.65 -43.08 9.59
C ASN D 128 31.92 -44.10 10.70
N HIS D 129 32.42 -43.62 11.84
CA HIS D 129 32.74 -44.50 12.95
C HIS D 129 31.51 -45.29 13.40
N VAL D 130 30.39 -44.58 13.57
CA VAL D 130 29.17 -45.21 14.07
C VAL D 130 28.55 -46.10 13.00
N ALA D 131 28.76 -45.77 11.74
CA ALA D 131 28.27 -46.59 10.64
C ALA D 131 28.91 -47.97 10.68
N LEU D 132 30.17 -48.01 11.10
CA LEU D 132 30.93 -49.25 11.17
C LEU D 132 30.84 -49.91 12.54
N HIS D 133 30.39 -49.12 13.52
CA HIS D 133 30.20 -49.63 14.88
C HIS D 133 28.90 -49.07 15.44
N PRO D 134 27.76 -49.54 14.90
CA PRO D 134 26.42 -49.03 15.19
C PRO D 134 26.07 -49.06 16.68
N ASP D 135 26.78 -49.90 17.44
CA ASP D 135 26.52 -50.02 18.88
C ASP D 135 27.17 -48.91 19.68
N LYS D 136 28.08 -48.18 19.04
CA LYS D 136 28.83 -47.12 19.71
C LYS D 136 28.25 -45.74 19.39
N LYS D 137 28.63 -44.76 20.22
CA LYS D 137 28.25 -43.37 19.98
C LYS D 137 29.49 -42.50 19.99
N VAL D 138 29.38 -41.28 19.48
CA VAL D 138 30.49 -40.35 19.49
C VAL D 138 30.01 -38.98 19.96
N LEU D 139 30.79 -38.35 20.84
CA LEU D 139 30.52 -36.99 21.28
C LEU D 139 31.38 -36.01 20.48
N VAL D 140 30.71 -35.13 19.73
CA VAL D 140 31.42 -34.11 18.95
C VAL D 140 30.98 -32.74 19.45
N VAL D 141 31.93 -31.94 19.91
CA VAL D 141 31.61 -30.62 20.45
C VAL D 141 32.36 -29.52 19.74
N ALA D 142 31.62 -28.54 19.26
CA ALA D 142 32.18 -27.30 18.75
C ALA D 142 32.32 -26.34 19.93
N ALA D 143 33.49 -25.73 20.08
CA ALA D 143 33.71 -24.79 21.18
C ALA D 143 34.73 -23.73 20.76
N ASP D 144 34.37 -22.47 20.94
CA ASP D 144 35.24 -21.37 20.53
C ASP D 144 34.92 -20.08 21.28
N ILE D 145 35.91 -19.19 21.31
CA ILE D 145 35.73 -17.85 21.83
C ILE D 145 36.23 -16.86 20.78
N ALA D 146 35.29 -16.16 20.15
CA ALA D 146 35.64 -15.21 19.11
C ALA D 146 35.79 -13.81 19.68
N LYS D 147 37.04 -13.38 19.85
CA LYS D 147 37.35 -12.04 20.32
C LYS D 147 38.24 -11.34 19.30
N TYR D 148 37.98 -10.05 19.07
CA TYR D 148 38.72 -9.28 18.08
C TYR D 148 39.42 -8.07 18.67
N GLY D 149 38.93 -7.57 19.80
CA GLY D 149 39.55 -6.45 20.47
C GLY D 149 38.62 -5.26 20.59
N LEU D 150 38.80 -4.48 21.66
CA LEU D 150 37.98 -3.30 21.88
C LEU D 150 38.24 -2.25 20.81
N ASN D 151 37.16 -1.67 20.29
CA ASN D 151 37.24 -0.65 19.26
C ASN D 151 37.85 -1.16 17.96
N SER D 152 37.86 -2.48 17.79
CA SER D 152 38.35 -3.07 16.55
C SER D 152 37.19 -3.21 15.56
N GLY D 153 37.51 -3.51 14.30
CA GLY D 153 36.50 -3.64 13.28
C GLY D 153 35.64 -4.88 13.44
N GLY D 154 36.26 -5.96 13.91
CA GLY D 154 35.55 -7.22 14.08
C GLY D 154 34.81 -7.34 15.39
N GLU D 155 34.90 -6.30 16.23
CA GLU D 155 34.35 -6.34 17.57
C GLU D 155 32.87 -6.76 17.60
N PRO D 156 32.05 -6.15 16.73
CA PRO D 156 30.62 -6.44 16.80
C PRO D 156 30.23 -7.85 16.34
N THR D 157 31.20 -8.62 15.84
CA THR D 157 30.92 -9.99 15.39
C THR D 157 31.39 -11.03 16.39
N GLN D 158 31.77 -10.58 17.58
CA GLN D 158 32.31 -11.47 18.60
C GLN D 158 31.24 -12.41 19.17
N GLY D 159 31.69 -13.45 19.85
CA GLY D 159 30.80 -14.41 20.45
C GLY D 159 31.60 -15.42 21.27
N ALA D 160 30.90 -16.33 21.93
CA ALA D 160 31.55 -17.35 22.74
C ALA D 160 30.53 -18.41 23.14
N GLY D 161 30.98 -19.65 23.21
CA GLY D 161 30.11 -20.75 23.58
C GLY D 161 30.50 -22.05 22.93
N ALA D 162 29.57 -23.00 22.91
CA ALA D 162 29.85 -24.33 22.36
C ALA D 162 28.56 -25.00 21.92
N VAL D 163 28.67 -25.92 20.98
CA VAL D 163 27.55 -26.76 20.56
C VAL D 163 27.95 -28.22 20.62
N ALA D 164 27.24 -29.00 21.44
CA ALA D 164 27.54 -30.41 21.59
C ALA D 164 26.58 -31.25 20.78
N MET D 165 27.12 -32.32 20.17
CA MET D 165 26.32 -33.24 19.38
C MET D 165 26.61 -34.67 19.78
N LEU D 166 25.56 -35.48 19.93
CA LEU D 166 25.72 -36.90 20.18
C LEU D 166 25.38 -37.65 18.89
N VAL D 167 26.38 -38.30 18.31
CA VAL D 167 26.20 -39.02 17.06
C VAL D 167 25.95 -40.48 17.35
N SER D 168 24.92 -41.05 16.71
CA SER D 168 24.58 -42.44 16.94
C SER D 168 23.86 -43.06 15.75
N SER D 169 23.63 -44.37 15.84
CA SER D 169 22.78 -45.07 14.89
C SER D 169 21.32 -44.84 15.26
N GLU D 170 20.43 -45.00 14.28
CA GLU D 170 19.03 -44.66 14.47
C GLU D 170 18.88 -43.38 15.29
N PRO D 171 19.48 -42.30 14.80
CA PRO D 171 19.43 -41.00 15.48
C PRO D 171 17.98 -40.50 15.60
N ARG D 172 17.69 -39.78 16.68
CA ARG D 172 16.33 -39.32 16.94
C ARG D 172 16.02 -37.94 16.37
N ILE D 173 17.02 -37.26 15.82
CA ILE D 173 16.81 -35.93 15.26
C ILE D 173 17.10 -35.84 13.75
N LEU D 174 18.36 -36.06 13.37
CA LEU D 174 18.76 -35.84 11.98
C LEU D 174 19.54 -37.00 11.40
N ALA D 175 18.99 -37.64 10.38
CA ALA D 175 19.69 -38.71 9.66
C ALA D 175 20.57 -38.10 8.57
N LEU D 176 21.87 -38.36 8.66
CA LEU D 176 22.83 -37.79 7.71
C LEU D 176 22.93 -38.62 6.43
N LYS D 177 22.96 -37.93 5.29
CA LYS D 177 22.99 -38.60 3.99
C LYS D 177 24.42 -38.71 3.45
N GLU D 178 24.56 -39.44 2.35
CA GLU D 178 25.87 -39.70 1.76
C GLU D 178 26.12 -38.88 0.50
N ASP D 179 25.78 -37.60 0.56
CA ASP D 179 25.91 -36.72 -0.61
C ASP D 179 26.92 -35.61 -0.38
N ASN D 180 27.85 -35.83 0.54
CA ASN D 180 28.84 -34.83 0.90
C ASN D 180 29.61 -34.30 -0.31
N VAL D 181 29.75 -32.98 -0.39
CA VAL D 181 30.66 -32.34 -1.34
C VAL D 181 31.66 -31.50 -0.57
N MET D 182 32.94 -31.84 -0.72
CA MET D 182 34.01 -31.20 0.02
C MET D 182 34.85 -30.31 -0.90
N LEU D 183 35.50 -29.30 -0.34
CA LEU D 183 36.35 -28.41 -1.13
C LEU D 183 37.48 -27.81 -0.28
N THR D 184 38.69 -27.85 -0.82
CA THR D 184 39.84 -27.22 -0.16
C THR D 184 40.53 -26.23 -1.10
N GLN D 185 40.74 -25.02 -0.62
CA GLN D 185 41.51 -24.01 -1.34
C GLN D 185 42.52 -23.41 -0.37
N ASP D 186 43.70 -23.05 -0.87
CA ASP D 186 44.70 -22.41 -0.03
C ASP D 186 44.59 -20.89 -0.19
N ILE D 187 43.84 -20.28 0.72
CA ILE D 187 43.54 -18.86 0.65
C ILE D 187 43.68 -18.23 2.03
N TYR D 188 44.46 -17.16 2.11
CA TYR D 188 44.67 -16.47 3.38
C TYR D 188 43.69 -15.32 3.56
N ASP D 189 42.44 -15.69 3.89
CA ASP D 189 41.39 -14.73 4.13
C ASP D 189 41.28 -14.44 5.62
N PHE D 190 41.52 -15.47 6.42
CA PHE D 190 41.42 -15.36 7.88
C PHE D 190 42.30 -16.45 8.50
N TRP D 191 43.20 -16.05 9.38
CA TRP D 191 44.10 -16.99 10.04
C TRP D 191 44.65 -16.36 11.32
N ARG D 192 45.38 -17.14 12.11
CA ARG D 192 45.92 -16.65 13.36
C ARG D 192 47.24 -17.30 13.71
N PRO D 193 48.36 -16.66 13.30
CA PRO D 193 49.71 -17.17 13.57
C PRO D 193 49.96 -17.39 15.06
N THR D 194 50.79 -18.38 15.38
CA THR D 194 51.14 -18.66 16.77
C THR D 194 51.62 -17.39 17.44
N GLY D 195 51.08 -17.08 18.62
CA GLY D 195 51.47 -15.89 19.35
C GLY D 195 50.55 -14.70 19.13
N HIS D 196 49.58 -14.84 18.23
CA HIS D 196 48.62 -13.78 17.98
C HIS D 196 47.33 -14.03 18.75
N PRO D 197 46.96 -13.09 19.64
CA PRO D 197 45.72 -13.25 20.41
C PRO D 197 44.48 -13.12 19.54
N TYR D 198 44.52 -12.23 18.55
CA TYR D 198 43.40 -12.04 17.65
C TYR D 198 43.77 -12.49 16.23
N PRO D 199 42.76 -12.81 15.42
CA PRO D 199 43.02 -13.32 14.06
C PRO D 199 43.59 -12.27 13.12
N MET D 200 44.38 -12.71 12.15
CA MET D 200 44.73 -11.87 11.00
C MET D 200 43.60 -12.00 10.00
N VAL D 201 43.12 -10.86 9.48
CA VAL D 201 41.98 -10.87 8.59
C VAL D 201 42.16 -9.99 7.38
N ASP D 202 41.88 -10.57 6.21
CA ASP D 202 41.70 -9.80 4.99
C ASP D 202 40.20 -9.72 4.76
N GLY D 203 39.57 -8.67 5.29
CA GLY D 203 38.13 -8.55 5.32
C GLY D 203 37.46 -8.85 3.99
N PRO D 204 37.73 -8.02 2.98
CA PRO D 204 37.11 -8.19 1.65
C PRO D 204 37.35 -9.58 1.08
N LEU D 205 38.53 -10.15 1.33
CA LEU D 205 38.86 -11.48 0.82
C LEU D 205 38.07 -12.55 1.56
N SER D 206 37.87 -12.35 2.86
CA SER D 206 37.06 -13.26 3.68
C SER D 206 35.66 -13.37 3.13
N ASN D 207 35.03 -12.22 2.89
CA ASN D 207 33.66 -12.18 2.37
C ASN D 207 33.56 -12.90 1.03
N GLU D 208 34.44 -12.52 0.10
CA GLU D 208 34.42 -13.07 -1.25
C GLU D 208 34.68 -14.58 -1.25
N THR D 209 35.66 -15.02 -0.48
CA THR D 209 36.00 -16.44 -0.42
C THR D 209 34.83 -17.25 0.12
N TYR D 210 34.22 -16.75 1.20
CA TYR D 210 33.07 -17.40 1.82
C TYR D 210 31.91 -17.50 0.82
N ILE D 211 31.57 -16.39 0.19
CA ILE D 211 30.46 -16.34 -0.75
C ILE D 211 30.68 -17.31 -1.92
N GLN D 212 31.88 -17.30 -2.48
CA GLN D 212 32.18 -18.12 -3.64
C GLN D 212 32.36 -19.59 -3.27
N SER D 213 32.76 -19.83 -2.03
CA SER D 213 32.90 -21.21 -1.55
C SER D 213 31.54 -21.91 -1.52
N PHE D 214 30.53 -21.22 -1.03
CA PHE D 214 29.18 -21.78 -1.06
C PHE D 214 28.77 -22.09 -2.49
N ALA D 215 28.98 -21.12 -3.38
CA ALA D 215 28.61 -21.27 -4.78
C ALA D 215 29.26 -22.52 -5.37
N GLN D 216 30.54 -22.72 -5.06
CA GLN D 216 31.29 -23.83 -5.62
C GLN D 216 30.78 -25.20 -5.15
N VAL D 217 30.60 -25.36 -3.84
CA VAL D 217 30.14 -26.65 -3.32
C VAL D 217 28.67 -26.89 -3.67
N TRP D 218 27.88 -25.82 -3.76
CA TRP D 218 26.49 -25.96 -4.17
C TRP D 218 26.40 -26.40 -5.63
N ASP D 219 27.13 -25.69 -6.49
CA ASP D 219 27.12 -25.99 -7.91
C ASP D 219 27.56 -27.42 -8.18
N GLU D 220 28.60 -27.86 -7.49
CA GLU D 220 29.10 -29.23 -7.66
C GLU D 220 28.09 -30.23 -7.11
N HIS D 221 27.47 -29.89 -5.98
CA HIS D 221 26.45 -30.75 -5.39
C HIS D 221 25.30 -30.91 -6.36
N LYS D 222 24.86 -29.80 -6.94
CA LYS D 222 23.78 -29.81 -7.92
C LYS D 222 24.15 -30.67 -9.13
N LYS D 223 25.42 -30.60 -9.54
CA LYS D 223 25.90 -31.39 -10.66
C LYS D 223 25.82 -32.89 -10.35
N ARG D 224 26.27 -33.26 -9.16
CA ARG D 224 26.34 -34.66 -8.77
C ARG D 224 24.96 -35.26 -8.48
N THR D 225 24.11 -34.50 -7.81
CA THR D 225 22.86 -35.03 -7.30
C THR D 225 21.64 -34.61 -8.11
N GLY D 226 21.74 -33.48 -8.80
CA GLY D 226 20.62 -32.94 -9.55
C GLY D 226 19.62 -32.25 -8.64
N LEU D 227 19.96 -32.16 -7.36
CA LEU D 227 19.09 -31.50 -6.37
C LEU D 227 19.27 -29.99 -6.42
N ASP D 228 18.17 -29.27 -6.28
CA ASP D 228 18.19 -27.81 -6.34
C ASP D 228 17.50 -27.24 -5.09
N PHE D 229 17.37 -25.93 -5.02
CA PHE D 229 16.80 -25.27 -3.85
C PHE D 229 15.38 -25.75 -3.56
N ALA D 230 14.62 -26.03 -4.61
CA ALA D 230 13.25 -26.50 -4.47
C ALA D 230 13.19 -27.79 -3.66
N ASP D 231 14.29 -28.54 -3.67
CA ASP D 231 14.33 -29.84 -3.02
C ASP D 231 14.75 -29.76 -1.54
N TYR D 232 15.05 -28.55 -1.08
CA TYR D 232 15.49 -28.37 0.30
C TYR D 232 14.47 -27.56 1.10
N ASP D 233 14.02 -28.13 2.21
CA ASP D 233 13.02 -27.49 3.05
C ASP D 233 13.64 -26.41 3.92
N ALA D 234 14.95 -26.53 4.16
CA ALA D 234 15.67 -25.48 4.88
C ALA D 234 17.17 -25.63 4.68
N LEU D 235 17.90 -24.56 4.99
CA LEU D 235 19.34 -24.53 4.86
C LEU D 235 19.97 -23.94 6.11
N ALA D 236 20.94 -24.63 6.68
CA ALA D 236 21.72 -24.10 7.78
C ALA D 236 23.09 -23.71 7.26
N PHE D 237 23.54 -22.51 7.62
CA PHE D 237 24.81 -21.99 7.13
C PHE D 237 25.76 -21.71 8.29
N HIS D 238 27.05 -21.96 8.08
CA HIS D 238 28.04 -21.31 8.90
C HIS D 238 27.98 -19.84 8.52
N ILE D 239 28.08 -18.96 9.50
CA ILE D 239 28.07 -17.53 9.22
C ILE D 239 29.05 -16.79 10.13
N PRO D 240 29.81 -15.85 9.57
CA PRO D 240 30.61 -14.94 10.39
C PRO D 240 29.69 -13.98 11.11
N TYR D 241 28.67 -13.52 10.38
CA TYR D 241 27.56 -12.77 10.94
C TYR D 241 26.38 -12.98 10.02
N THR D 242 25.17 -12.77 10.51
CA THR D 242 23.97 -13.20 9.79
C THR D 242 23.81 -12.53 8.41
N LYS D 243 24.21 -11.26 8.31
CA LYS D 243 24.05 -10.53 7.05
C LYS D 243 24.91 -11.11 5.92
N MET D 244 26.08 -11.64 6.27
CA MET D 244 26.98 -12.19 5.27
C MET D 244 26.45 -13.52 4.73
N GLY D 245 25.84 -14.31 5.60
CA GLY D 245 25.23 -15.55 5.16
C GLY D 245 24.04 -15.25 4.27
N LYS D 246 23.31 -14.20 4.58
CA LYS D 246 22.19 -13.78 3.74
C LYS D 246 22.69 -13.39 2.36
N LYS D 247 23.81 -12.67 2.32
CA LYS D 247 24.38 -12.22 1.05
C LYS D 247 24.80 -13.40 0.18
N ALA D 248 25.41 -14.41 0.78
CA ALA D 248 25.86 -15.58 0.05
C ALA D 248 24.67 -16.38 -0.51
N LEU D 249 23.62 -16.47 0.28
CA LEU D 249 22.43 -17.21 -0.11
C LEU D 249 21.67 -16.48 -1.22
N LEU D 250 21.45 -15.18 -1.04
CA LEU D 250 20.72 -14.38 -2.03
C LEU D 250 21.42 -14.38 -3.38
N ALA D 251 22.75 -14.48 -3.36
CA ALA D 251 23.53 -14.46 -4.59
C ALA D 251 23.21 -15.66 -5.50
N LYS D 252 22.75 -16.75 -4.90
CA LYS D 252 22.53 -17.98 -5.66
C LYS D 252 21.07 -18.28 -5.97
N ILE D 253 20.14 -17.62 -5.28
CA ILE D 253 18.72 -17.87 -5.52
C ILE D 253 18.09 -16.76 -6.36
N SER D 254 18.94 -16.02 -7.07
CA SER D 254 18.49 -14.91 -7.90
C SER D 254 17.51 -15.35 -8.98
N ASP D 255 17.71 -16.55 -9.52
CA ASP D 255 16.89 -17.02 -10.64
C ASP D 255 15.71 -17.87 -10.20
N GLN D 256 15.53 -18.04 -8.90
CA GLN D 256 14.38 -18.76 -8.38
C GLN D 256 13.15 -17.85 -8.43
N THR D 257 11.96 -18.45 -8.40
CA THR D 257 10.73 -17.67 -8.42
C THR D 257 10.66 -16.79 -7.18
N GLU D 258 9.83 -15.75 -7.23
CA GLU D 258 9.69 -14.84 -6.11
C GLU D 258 9.23 -15.61 -4.88
N ALA D 259 8.27 -16.50 -5.08
CA ALA D 259 7.72 -17.30 -3.99
C ALA D 259 8.78 -18.19 -3.35
N GLU D 260 9.60 -18.83 -4.18
CA GLU D 260 10.67 -19.69 -3.70
C GLU D 260 11.71 -18.87 -2.93
N GLN D 261 12.04 -17.69 -3.44
CA GLN D 261 13.00 -16.83 -2.77
C GLN D 261 12.50 -16.41 -1.39
N GLU D 262 11.19 -16.18 -1.29
CA GLU D 262 10.58 -15.81 -0.02
C GLU D 262 10.66 -16.96 0.97
N ARG D 263 10.34 -18.16 0.50
CA ARG D 263 10.39 -19.36 1.34
C ARG D 263 11.80 -19.58 1.85
N ILE D 264 12.77 -19.48 0.95
CA ILE D 264 14.17 -19.72 1.29
C ILE D 264 14.67 -18.71 2.32
N LEU D 265 14.34 -17.44 2.11
CA LEU D 265 14.77 -16.38 3.02
C LEU D 265 14.09 -16.51 4.38
N ALA D 266 12.85 -16.99 4.38
CA ALA D 266 12.11 -17.18 5.63
C ALA D 266 12.78 -18.25 6.48
N ARG D 267 13.22 -19.33 5.83
CA ARG D 267 13.95 -20.37 6.53
C ARG D 267 15.23 -19.81 7.12
N TYR D 268 15.92 -19.00 6.33
CA TYR D 268 17.19 -18.45 6.78
C TYR D 268 17.00 -17.60 8.03
N GLU D 269 16.02 -16.70 7.99
CA GLU D 269 15.73 -15.84 9.13
C GLU D 269 15.41 -16.69 10.36
N GLU D 270 14.70 -17.78 10.17
CA GLU D 270 14.36 -18.68 11.26
C GLU D 270 15.60 -19.42 11.78
N SER D 271 16.58 -19.59 10.91
CA SER D 271 17.80 -20.30 11.29
C SER D 271 18.79 -19.42 12.05
N ILE D 272 18.55 -18.11 12.04
CA ILE D 272 19.49 -17.18 12.69
C ILE D 272 18.90 -16.52 13.93
N ILE D 273 17.73 -16.98 14.36
CA ILE D 273 17.09 -16.42 15.55
C ILE D 273 18.03 -16.45 16.76
N TYR D 274 18.62 -17.60 17.03
CA TYR D 274 19.56 -17.73 18.15
C TYR D 274 20.85 -16.96 17.86
N SER D 275 21.33 -17.06 16.64
CA SER D 275 22.57 -16.40 16.24
C SER D 275 22.53 -14.89 16.51
N ARG D 276 21.41 -14.26 16.22
CA ARG D 276 21.28 -12.82 16.40
C ARG D 276 21.43 -12.42 17.88
N ARG D 277 21.25 -13.38 18.78
CA ARG D 277 21.33 -13.12 20.21
C ARG D 277 22.63 -13.61 20.84
N VAL D 278 23.47 -14.26 20.04
CA VAL D 278 24.68 -14.90 20.55
C VAL D 278 25.95 -14.30 19.96
N GLY D 279 26.02 -14.26 18.62
CA GLY D 279 27.22 -13.80 17.95
C GLY D 279 27.94 -14.97 17.29
N ASN D 280 29.22 -14.78 17.00
CA ASN D 280 30.00 -15.80 16.29
C ASN D 280 30.52 -16.89 17.22
N LEU D 281 30.14 -18.13 16.93
CA LEU D 281 30.62 -19.30 17.66
C LEU D 281 31.72 -20.05 16.89
N TYR D 282 32.20 -19.46 15.81
CA TYR D 282 33.20 -20.11 14.95
C TYR D 282 32.78 -21.52 14.57
N THR D 283 33.43 -22.54 15.13
CA THR D 283 33.12 -23.92 14.77
C THR D 283 31.65 -24.26 15.01
N GLY D 284 31.02 -23.57 15.96
CA GLY D 284 29.66 -23.89 16.36
C GLY D 284 28.57 -23.09 15.67
N SER D 285 28.96 -22.16 14.79
CA SER D 285 28.00 -21.28 14.14
CA SER D 285 28.01 -21.28 14.13
C SER D 285 26.98 -22.07 13.31
N LEU D 286 27.48 -22.93 12.43
CA LEU D 286 26.60 -23.75 11.59
C LEU D 286 25.60 -24.53 12.44
N TYR D 287 26.08 -25.05 13.57
CA TYR D 287 25.28 -25.96 14.35
C TYR D 287 24.35 -25.24 15.32
N LEU D 288 24.65 -24.00 15.64
CA LEU D 288 23.69 -23.15 16.34
C LEU D 288 22.54 -22.86 15.38
N GLY D 289 22.89 -22.66 14.11
CA GLY D 289 21.89 -22.45 13.07
C GLY D 289 20.97 -23.64 12.92
N LEU D 290 21.56 -24.83 12.95
CA LEU D 290 20.77 -26.06 12.86
C LEU D 290 19.81 -26.16 14.03
N ILE D 291 20.30 -25.86 15.23
CA ILE D 291 19.47 -25.89 16.43
C ILE D 291 18.32 -24.91 16.29
N SER D 292 18.60 -23.73 15.75
CA SER D 292 17.59 -22.71 15.59
C SER D 292 16.49 -23.14 14.63
N LEU D 293 16.88 -23.76 13.52
CA LEU D 293 15.91 -24.34 12.58
C LEU D 293 15.03 -25.35 13.29
N LEU D 294 15.65 -26.26 14.03
CA LEU D 294 14.93 -27.33 14.70
C LEU D 294 13.88 -26.77 15.65
N GLU D 295 14.27 -25.75 16.42
CA GLU D 295 13.43 -25.26 17.51
C GLU D 295 12.61 -24.01 17.17
N ASN D 296 12.89 -23.39 16.03
CA ASN D 296 12.17 -22.17 15.64
C ASN D 296 11.45 -22.25 14.29
N ALA D 297 11.88 -23.14 13.40
CA ALA D 297 11.21 -23.34 12.13
C ALA D 297 10.11 -24.38 12.31
N THR D 298 8.94 -23.91 12.74
CA THR D 298 7.87 -24.78 13.19
C THR D 298 7.10 -25.47 12.05
N THR D 299 7.36 -25.04 10.82
CA THR D 299 6.69 -25.64 9.67
C THR D 299 7.49 -26.81 9.09
N LEU D 300 8.69 -27.04 9.63
CA LEU D 300 9.45 -28.23 9.27
C LEU D 300 8.77 -29.45 9.87
N THR D 301 8.98 -30.60 9.24
CA THR D 301 8.36 -31.84 9.70
C THR D 301 9.21 -33.04 9.32
N ALA D 302 8.93 -34.18 9.96
CA ALA D 302 9.66 -35.41 9.67
C ALA D 302 9.69 -35.69 8.17
N GLY D 303 10.85 -36.04 7.66
CA GLY D 303 11.00 -36.36 6.25
C GLY D 303 11.60 -35.23 5.45
N ASN D 304 11.49 -34.00 5.97
CA ASN D 304 12.05 -32.84 5.27
C ASN D 304 13.57 -32.95 5.15
N GLN D 305 14.10 -32.34 4.10
CA GLN D 305 15.53 -32.36 3.84
C GLN D 305 16.17 -31.05 4.26
N ILE D 306 17.24 -31.14 5.03
CA ILE D 306 17.97 -29.96 5.48
C ILE D 306 19.36 -29.94 4.87
N GLY D 307 19.71 -28.83 4.23
CA GLY D 307 21.04 -28.66 3.67
C GLY D 307 21.93 -27.94 4.64
N LEU D 308 23.17 -28.41 4.79
CA LEU D 308 24.11 -27.76 5.69
C LEU D 308 25.35 -27.31 4.94
N PHE D 309 25.69 -26.03 5.08
CA PHE D 309 26.91 -25.50 4.49
C PHE D 309 27.91 -25.17 5.60
N SER D 310 28.98 -25.96 5.66
CA SER D 310 30.04 -25.72 6.62
C SER D 310 31.18 -24.98 5.92
N TYR D 311 31.79 -24.04 6.63
CA TYR D 311 32.91 -23.28 6.10
C TYR D 311 33.95 -23.06 7.17
N GLY D 312 35.21 -23.11 6.76
CA GLY D 312 36.32 -22.75 7.62
C GLY D 312 37.29 -21.92 6.82
N SER D 313 37.69 -20.78 7.37
CA SER D 313 38.66 -19.93 6.71
C SER D 313 39.94 -20.72 6.45
N GLY D 314 40.58 -20.45 5.32
CA GLY D 314 41.85 -21.10 5.03
C GLY D 314 42.14 -21.62 3.64
N ALA D 315 41.17 -22.20 2.93
CA ALA D 315 39.79 -22.34 3.38
C ALA D 315 39.26 -23.72 3.02
N VAL D 316 38.38 -24.25 3.85
CA VAL D 316 37.76 -25.53 3.59
C VAL D 316 36.25 -25.40 3.71
N ALA D 317 35.53 -26.07 2.82
CA ALA D 317 34.08 -25.99 2.82
C ALA D 317 33.45 -27.34 2.53
N GLU D 318 32.20 -27.51 2.94
CA GLU D 318 31.48 -28.75 2.69
C GLU D 318 29.98 -28.53 2.70
N PHE D 319 29.29 -29.16 1.76
CA PHE D 319 27.83 -29.16 1.75
C PHE D 319 27.34 -30.59 1.89
N PHE D 320 26.43 -30.81 2.83
CA PHE D 320 25.88 -32.13 3.06
C PHE D 320 24.44 -32.04 3.54
N THR D 321 23.71 -33.16 3.48
CA THR D 321 22.29 -33.15 3.74
C THR D 321 21.91 -34.04 4.92
N GLY D 322 20.87 -33.63 5.64
CA GLY D 322 20.29 -34.44 6.71
C GLY D 322 18.78 -34.48 6.58
N GLU D 323 18.19 -35.58 7.02
CA GLU D 323 16.73 -35.72 6.98
C GLU D 323 16.15 -35.75 8.39
N LEU D 324 15.09 -35.00 8.61
CA LEU D 324 14.44 -34.93 9.91
C LEU D 324 13.79 -36.27 10.25
N VAL D 325 14.10 -36.81 11.43
CA VAL D 325 13.60 -38.10 11.85
C VAL D 325 12.22 -37.97 12.51
N ALA D 326 11.38 -38.97 12.31
CA ALA D 326 10.06 -39.00 12.94
C ALA D 326 10.20 -38.83 14.45
N GLY D 327 9.52 -37.82 14.99
CA GLY D 327 9.50 -37.60 16.42
C GLY D 327 10.62 -36.71 16.93
N TYR D 328 11.35 -36.07 16.02
CA TYR D 328 12.49 -35.24 16.40
C TYR D 328 12.07 -34.11 17.34
N GLN D 329 10.81 -33.71 17.26
CA GLN D 329 10.28 -32.61 18.06
C GLN D 329 10.33 -32.91 19.56
N ASN D 330 10.35 -34.19 19.91
CA ASN D 330 10.33 -34.60 21.31
C ASN D 330 11.71 -34.68 21.94
N HIS D 331 12.74 -34.35 21.16
CA HIS D 331 14.11 -34.54 21.62
C HIS D 331 14.96 -33.30 21.42
N LEU D 332 14.33 -32.14 21.59
CA LEU D 332 15.02 -30.86 21.48
C LEU D 332 15.16 -30.23 22.87
N GLN D 333 15.69 -29.02 22.92
CA GLN D 333 15.96 -28.35 24.20
C GLN D 333 15.53 -26.88 24.17
N LYS D 334 14.39 -26.60 23.56
CA LYS D 334 13.95 -25.23 23.36
C LYS D 334 13.85 -24.44 24.67
N GLU D 335 13.23 -25.03 25.69
CA GLU D 335 13.05 -24.33 26.96
C GLU D 335 14.40 -24.05 27.62
N THR D 336 15.28 -25.05 27.61
CA THR D 336 16.60 -24.90 28.19
C THR D 336 17.38 -23.78 27.51
N HIS D 337 17.34 -23.77 26.19
CA HIS D 337 18.07 -22.77 25.40
C HIS D 337 17.50 -21.38 25.60
N LEU D 338 16.17 -21.28 25.65
CA LEU D 338 15.52 -20.00 25.88
C LEU D 338 15.82 -19.47 27.27
N ALA D 339 15.82 -20.35 28.26
CA ALA D 339 16.16 -19.98 29.62
C ALA D 339 17.61 -19.50 29.66
N LEU D 340 18.47 -20.19 28.93
CA LEU D 340 19.89 -19.87 28.91
C LEU D 340 20.12 -18.46 28.41
N LEU D 341 19.46 -18.10 27.31
CA LEU D 341 19.60 -16.77 26.72
C LEU D 341 18.92 -15.71 27.58
N ASP D 342 17.71 -16.01 28.05
CA ASP D 342 16.91 -15.05 28.80
C ASP D 342 17.49 -14.75 30.18
N ASN D 343 18.20 -15.72 30.75
CA ASN D 343 18.71 -15.57 32.11
C ASN D 343 20.08 -14.90 32.19
N ARG D 344 20.65 -14.55 31.05
CA ARG D 344 21.94 -13.88 31.01
C ARG D 344 21.85 -12.49 31.62
N THR D 345 22.93 -12.05 32.26
CA THR D 345 23.01 -10.69 32.79
C THR D 345 23.51 -9.75 31.72
N GLU D 346 22.81 -8.65 31.51
CA GLU D 346 23.21 -7.64 30.54
C GLU D 346 24.32 -6.77 31.14
N LEU D 347 25.44 -6.68 30.44
CA LEU D 347 26.54 -5.84 30.88
C LEU D 347 26.45 -4.45 30.26
N SER D 348 26.76 -3.43 31.05
CA SER D 348 26.98 -2.10 30.49
C SER D 348 28.28 -2.18 29.70
N ILE D 349 28.51 -1.23 28.81
CA ILE D 349 29.71 -1.24 28.01
C ILE D 349 30.94 -1.07 28.90
N ALA D 350 30.76 -0.38 30.02
CA ALA D 350 31.84 -0.21 30.99
C ALA D 350 32.23 -1.56 31.58
N GLU D 351 31.23 -2.33 31.99
CA GLU D 351 31.45 -3.63 32.61
C GLU D 351 31.96 -4.64 31.61
N TYR D 352 31.43 -4.56 30.39
CA TYR D 352 31.88 -5.41 29.29
C TYR D 352 33.36 -5.17 28.98
N GLU D 353 33.76 -3.91 28.96
CA GLU D 353 35.14 -3.56 28.68
C GLU D 353 36.07 -4.01 29.80
N ALA D 354 35.58 -3.97 31.04
CA ALA D 354 36.35 -4.42 32.19
C ALA D 354 36.56 -5.93 32.13
N MET D 355 35.51 -6.65 31.73
CA MET D 355 35.55 -8.09 31.65
C MET D 355 36.37 -8.58 30.46
N PHE D 356 36.26 -7.86 29.34
CA PHE D 356 36.98 -8.21 28.13
C PHE D 356 38.48 -8.06 28.31
N ALA D 357 38.87 -7.06 29.11
CA ALA D 357 40.28 -6.71 29.24
C ALA D 357 41.03 -7.65 30.18
N GLU D 358 40.42 -7.97 31.32
CA GLU D 358 41.07 -8.82 32.32
C GLU D 358 41.71 -10.02 31.63
N THR D 359 42.99 -10.24 31.89
CA THR D 359 43.73 -11.31 31.23
C THR D 359 44.21 -12.33 32.25
N LEU D 360 44.25 -13.59 31.83
CA LEU D 360 44.68 -14.68 32.68
C LEU D 360 46.14 -15.02 32.43
N ASP D 361 46.92 -15.15 33.49
CA ASP D 361 48.31 -15.58 33.37
C ASP D 361 48.43 -17.02 33.86
N THR D 362 48.51 -17.95 32.92
CA THR D 362 48.57 -19.37 33.25
C THR D 362 49.83 -19.72 34.05
N ASP D 363 50.88 -18.92 33.88
CA ASP D 363 52.12 -19.14 34.62
C ASP D 363 51.88 -18.95 36.12
N ILE D 364 51.29 -17.82 36.48
CA ILE D 364 51.06 -17.48 37.88
C ILE D 364 50.04 -18.41 38.53
N ASP D 365 50.46 -19.10 39.58
CA ASP D 365 49.55 -19.92 40.36
C ASP D 365 48.53 -19.03 41.05
N GLN D 366 47.26 -19.41 40.98
CA GLN D 366 46.20 -18.54 41.50
C GLN D 366 44.88 -19.29 41.63
N THR D 367 43.95 -18.68 42.36
CA THR D 367 42.58 -19.19 42.45
C THR D 367 41.64 -18.19 41.79
N LEU D 368 40.62 -18.71 41.11
CA LEU D 368 39.62 -17.87 40.47
C LEU D 368 38.26 -18.10 41.10
N GLU D 369 37.42 -17.06 41.07
CA GLU D 369 36.10 -17.14 41.67
C GLU D 369 35.05 -17.05 40.58
N ASP D 370 34.22 -18.09 40.50
CA ASP D 370 33.15 -18.13 39.50
C ASP D 370 32.15 -19.19 39.91
N GLU D 371 30.89 -18.81 40.04
CA GLU D 371 29.84 -19.73 40.47
C GLU D 371 29.57 -20.79 39.42
N LEU D 372 29.79 -20.43 38.16
CA LEU D 372 29.43 -21.30 37.05
C LEU D 372 30.12 -22.66 37.12
N LYS D 373 29.35 -23.71 36.86
CA LYS D 373 29.90 -25.07 36.83
C LYS D 373 30.89 -25.20 35.68
N TYR D 374 32.01 -25.86 35.95
CA TYR D 374 33.04 -26.12 34.94
C TYR D 374 33.84 -24.88 34.56
N SER D 375 33.66 -23.79 35.31
CA SER D 375 34.51 -22.62 35.16
C SER D 375 35.88 -22.91 35.78
N ILE D 376 36.88 -22.14 35.38
CA ILE D 376 38.24 -22.33 35.89
C ILE D 376 38.30 -21.93 37.36
N SER D 377 38.76 -22.86 38.21
CA SER D 377 38.80 -22.63 39.64
C SER D 377 40.19 -22.26 40.15
N ALA D 378 41.23 -22.76 39.49
CA ALA D 378 42.59 -22.43 39.88
C ALA D 378 43.62 -22.79 38.82
N ILE D 379 44.78 -22.15 38.90
CA ILE D 379 45.92 -22.46 38.04
C ILE D 379 47.11 -22.84 38.92
N ASN D 380 47.72 -23.97 38.61
CA ASN D 380 48.88 -24.44 39.35
C ASN D 380 49.86 -25.13 38.41
N ASN D 381 51.02 -24.51 38.22
CA ASN D 381 52.02 -25.00 37.28
C ASN D 381 51.43 -25.00 35.87
N THR D 382 50.64 -23.98 35.58
CA THR D 382 50.02 -23.79 34.26
C THR D 382 48.84 -24.72 34.01
N VAL D 383 48.55 -25.62 34.96
CA VAL D 383 47.45 -26.55 34.80
C VAL D 383 46.16 -25.97 35.34
N ARG D 384 45.10 -26.05 34.53
CA ARG D 384 43.81 -25.50 34.94
C ARG D 384 42.96 -26.54 35.66
N SER D 385 42.42 -26.15 36.80
CA SER D 385 41.43 -26.97 37.48
C SER D 385 40.07 -26.32 37.28
N TYR D 386 39.04 -27.15 37.18
CA TYR D 386 37.68 -26.65 36.99
C TYR D 386 36.83 -27.06 38.18
N ARG D 387 35.76 -26.31 38.44
CA ARG D 387 34.85 -26.69 39.52
C ARG D 387 33.66 -27.44 38.93
N ASN D 388 33.00 -28.28 39.72
CA ASN D 388 33.26 -28.40 41.15
C ASN D 388 33.75 -29.80 41.54
C1 BTB E . -4.08 9.75 33.76
O1 BTB E . -3.82 11.10 33.66
C2 BTB E . -3.35 8.97 34.80
C3 BTB E . -3.52 9.60 36.15
O3 BTB E . -2.44 9.61 37.02
C4 BTB E . -1.91 9.08 34.42
O4 BTB E . -1.64 9.56 33.15
N BTB E . -3.80 7.57 34.81
C5 BTB E . -5.23 7.42 34.67
C6 BTB E . -6.16 8.12 35.61
O6 BTB E . -7.52 7.93 35.43
C7 BTB E . -3.20 6.76 33.77
C8 BTB E . -2.35 5.62 34.26
O8 BTB E . -3.01 4.65 34.99
#